data_1GZ2
# 
_entry.id   1GZ2 
# 
_audit_conform.dict_name       mmcif_pdbx.dic 
_audit_conform.dict_version    5.398 
_audit_conform.dict_location   http://mmcif.pdb.org/dictionaries/ascii/mmcif_pdbx.dic 
# 
loop_
_database_2.database_id 
_database_2.database_code 
_database_2.pdbx_database_accession 
_database_2.pdbx_DOI 
PDB   1GZ2         pdb_00001gz2 10.2210/pdb1gz2/pdb 
PDBE  EBI-9743     ?            ?                   
WWPDB D_1290009743 ?            ?                   
# 
loop_
_pdbx_audit_revision_history.ordinal 
_pdbx_audit_revision_history.data_content_type 
_pdbx_audit_revision_history.major_revision 
_pdbx_audit_revision_history.minor_revision 
_pdbx_audit_revision_history.revision_date 
1 'Structure model' 1 0 2003-05-22 
2 'Structure model' 1 1 2015-03-04 
3 'Structure model' 1 2 2023-12-13 
4 'Structure model' 1 3 2024-11-06 
# 
_pdbx_audit_revision_details.ordinal             1 
_pdbx_audit_revision_details.revision_ordinal    1 
_pdbx_audit_revision_details.data_content_type   'Structure model' 
_pdbx_audit_revision_details.provider            repository 
_pdbx_audit_revision_details.type                'Initial release' 
_pdbx_audit_revision_details.description         ? 
_pdbx_audit_revision_details.details             ? 
# 
loop_
_pdbx_audit_revision_group.ordinal 
_pdbx_audit_revision_group.revision_ordinal 
_pdbx_audit_revision_group.data_content_type 
_pdbx_audit_revision_group.group 
1  2 'Structure model' 'Database references'       
2  2 'Structure model' 'Derived calculations'      
3  2 'Structure model' 'Non-polymer description'   
4  2 'Structure model' Other                       
5  2 'Structure model' 'Refinement description'    
6  2 'Structure model' 'Version format compliance' 
7  3 'Structure model' 'Data collection'           
8  3 'Structure model' 'Database references'       
9  3 'Structure model' 'Derived calculations'      
10 3 'Structure model' Other                       
11 3 'Structure model' 'Refinement description'    
12 4 'Structure model' 'Structure summary'         
# 
loop_
_pdbx_audit_revision_category.ordinal 
_pdbx_audit_revision_category.revision_ordinal 
_pdbx_audit_revision_category.data_content_type 
_pdbx_audit_revision_category.category 
1 3 'Structure model' chem_comp_atom                
2 3 'Structure model' chem_comp_bond                
3 3 'Structure model' database_2                    
4 3 'Structure model' pdbx_database_status          
5 3 'Structure model' pdbx_initial_refinement_model 
6 3 'Structure model' struct_conn                   
7 4 'Structure model' pdbx_entry_details            
8 4 'Structure model' pdbx_modification_feature     
# 
loop_
_pdbx_audit_revision_item.ordinal 
_pdbx_audit_revision_item.revision_ordinal 
_pdbx_audit_revision_item.data_content_type 
_pdbx_audit_revision_item.item 
1 3 'Structure model' '_database_2.pdbx_DOI'                 
2 3 'Structure model' '_database_2.pdbx_database_accession'  
3 3 'Structure model' '_pdbx_database_status.status_code_sf' 
4 3 'Structure model' '_struct_conn.pdbx_leaving_atom_flag'  
# 
_pdbx_database_status.status_code                     REL 
_pdbx_database_status.entry_id                        1GZ2 
_pdbx_database_status.deposit_site                    PDBE 
_pdbx_database_status.process_site                    PDBE 
_pdbx_database_status.SG_entry                        . 
_pdbx_database_status.recvd_initial_deposition_date   2002-05-13 
_pdbx_database_status.pdb_format_compatible           Y 
_pdbx_database_status.status_code_sf                  REL 
_pdbx_database_status.status_code_mr                  ? 
_pdbx_database_status.status_code_cs                  ? 
_pdbx_database_status.methods_development_category    ? 
_pdbx_database_status.status_code_nmr_data            ? 
# 
loop_
_audit_author.name 
_audit_author.pdbx_ordinal 
'Reyes-Grajeda, J.P.' 1 
'Moreno, A.'          2 
'Romero, A.'          3 
# 
loop_
_citation.id 
_citation.title 
_citation.journal_abbrev 
_citation.journal_volume 
_citation.page_first 
_citation.page_last 
_citation.year 
_citation.journal_id_ASTM 
_citation.country 
_citation.journal_id_ISSN 
_citation.journal_id_CSD 
_citation.book_publisher 
_citation.pdbx_database_id_PubMed 
_citation.pdbx_database_id_DOI 
primary 
'Crystallization and Preliminary X-Ray Analysis of Ovocleidin-17 a Major Protein of the Gallus Gallus Eggshell Calcified Layer' 
'Protein Pept.Lett.'  9  253  ? 2002 PPELEN NE 0929-8665 2077 ? 12144522 10.2174/0929866023408805 
1       'The Amino Acid Sequence of Ovocleidin 17, a Major Protein of the Avian Eggshell Calcified Layer' Biochem.Mol.Biol.Int. 47 
997  ? 1999 BMBIES AT 1039-9712 2062 ? 10410246 ?                        
2       'Crystal Structure of Human Lithostathine, the Pancreatic Inhibitor of Stone Formation' 'Embo J.'             15 2678 ? 
1996 EMJODG UK 0261-4189 0897 ? 8654365  ?                        
# 
loop_
_citation_author.citation_id 
_citation_author.name 
_citation_author.ordinal 
_citation_author.identifier_ORCID 
primary 'Reyes-Grajeda, J.P.'    1  ? 
primary 'Jauregui-Zuniga, D.'    2  ? 
primary 'Rodriguez-Romero, A.'   3  ? 
primary 'Hernandez-Santoyo, A.'  4  ? 
primary 'Bolanos-Garcia, V.'     5  ? 
primary 'Moreno, A.'             6  ? 
1       'Mann, K.'               7  ? 
1       'Siedler, F.'            8  ? 
2       'Bertrand, J.A.'         9  ? 
2       'Pignol, D.'             10 ? 
2       'Bernard, J.P.'          11 ? 
2       'Verdier, J.M.'          12 ? 
2       'Dagorn, J.C.'           13 ? 
2       'Fontecilla-Camps, J.C.' 14 ? 
# 
loop_
_entity.id 
_entity.type 
_entity.src_method 
_entity.pdbx_description 
_entity.formula_weight 
_entity.pdbx_number_of_molecules 
_entity.pdbx_ec 
_entity.pdbx_mutation 
_entity.pdbx_fragment 
_entity.details 
1 polymer nat OVOCLEIDIN-17 15404.099 1   ? ? ? ? 
2 water   nat water         18.015    153 ? ? ? ? 
# 
_entity_name_com.entity_id   1 
_entity_name_com.name        'OC-17 OVOCLEIDIN' 
# 
_entity_poly.entity_id                      1 
_entity_poly.type                           'polypeptide(L)' 
_entity_poly.nstd_linkage                   no 
_entity_poly.nstd_monomer                   yes 
_entity_poly.pdbx_seq_one_letter_code       
;DPDGCGPGWVPTPGGCLGFFSRELSWSRAESFCRRWGPGSHLAAVRSAAELRLLAELLNA(SEP)RGGDGSGEGADGRVW
IGLHRPAGSRSWRWSDGTAPRFASWHRTAKARRGGRCAALRDEEAFTSWAARPCTERNAFVCKAAA
;
_entity_poly.pdbx_seq_one_letter_code_can   
;DPDGCGPGWVPTPGGCLGFFSRELSWSRAESFCRRWGPGSHLAAVRSAAELRLLAELLNASRGGDGSGEGADGRVWIGLH
RPAGSRSWRWSDGTAPRFASWHRTAKARRGGRCAALRDEEAFTSWAARPCTERNAFVCKAAA
;
_entity_poly.pdbx_strand_id                 A 
_entity_poly.pdbx_target_identifier         ? 
# 
_pdbx_entity_nonpoly.entity_id   2 
_pdbx_entity_nonpoly.name        water 
_pdbx_entity_nonpoly.comp_id     HOH 
# 
loop_
_entity_poly_seq.entity_id 
_entity_poly_seq.num 
_entity_poly_seq.mon_id 
_entity_poly_seq.hetero 
1 1   ASP n 
1 2   PRO n 
1 3   ASP n 
1 4   GLY n 
1 5   CYS n 
1 6   GLY n 
1 7   PRO n 
1 8   GLY n 
1 9   TRP n 
1 10  VAL n 
1 11  PRO n 
1 12  THR n 
1 13  PRO n 
1 14  GLY n 
1 15  GLY n 
1 16  CYS n 
1 17  LEU n 
1 18  GLY n 
1 19  PHE n 
1 20  PHE n 
1 21  SER n 
1 22  ARG n 
1 23  GLU n 
1 24  LEU n 
1 25  SER n 
1 26  TRP n 
1 27  SER n 
1 28  ARG n 
1 29  ALA n 
1 30  GLU n 
1 31  SER n 
1 32  PHE n 
1 33  CYS n 
1 34  ARG n 
1 35  ARG n 
1 36  TRP n 
1 37  GLY n 
1 38  PRO n 
1 39  GLY n 
1 40  SER n 
1 41  HIS n 
1 42  LEU n 
1 43  ALA n 
1 44  ALA n 
1 45  VAL n 
1 46  ARG n 
1 47  SER n 
1 48  ALA n 
1 49  ALA n 
1 50  GLU n 
1 51  LEU n 
1 52  ARG n 
1 53  LEU n 
1 54  LEU n 
1 55  ALA n 
1 56  GLU n 
1 57  LEU n 
1 58  LEU n 
1 59  ASN n 
1 60  ALA n 
1 61  SEP n 
1 62  ARG n 
1 63  GLY n 
1 64  GLY n 
1 65  ASP n 
1 66  GLY n 
1 67  SER n 
1 68  GLY n 
1 69  GLU n 
1 70  GLY n 
1 71  ALA n 
1 72  ASP n 
1 73  GLY n 
1 74  ARG n 
1 75  VAL n 
1 76  TRP n 
1 77  ILE n 
1 78  GLY n 
1 79  LEU n 
1 80  HIS n 
1 81  ARG n 
1 82  PRO n 
1 83  ALA n 
1 84  GLY n 
1 85  SER n 
1 86  ARG n 
1 87  SER n 
1 88  TRP n 
1 89  ARG n 
1 90  TRP n 
1 91  SER n 
1 92  ASP n 
1 93  GLY n 
1 94  THR n 
1 95  ALA n 
1 96  PRO n 
1 97  ARG n 
1 98  PHE n 
1 99  ALA n 
1 100 SER n 
1 101 TRP n 
1 102 HIS n 
1 103 ARG n 
1 104 THR n 
1 105 ALA n 
1 106 LYS n 
1 107 ALA n 
1 108 ARG n 
1 109 ARG n 
1 110 GLY n 
1 111 GLY n 
1 112 ARG n 
1 113 CYS n 
1 114 ALA n 
1 115 ALA n 
1 116 LEU n 
1 117 ARG n 
1 118 ASP n 
1 119 GLU n 
1 120 GLU n 
1 121 ALA n 
1 122 PHE n 
1 123 THR n 
1 124 SER n 
1 125 TRP n 
1 126 ALA n 
1 127 ALA n 
1 128 ARG n 
1 129 PRO n 
1 130 CYS n 
1 131 THR n 
1 132 GLU n 
1 133 ARG n 
1 134 ASN n 
1 135 ALA n 
1 136 PHE n 
1 137 VAL n 
1 138 CYS n 
1 139 LYS n 
1 140 ALA n 
1 141 ALA n 
1 142 ALA n 
# 
_entity_src_nat.entity_id                  1 
_entity_src_nat.pdbx_src_id                1 
_entity_src_nat.pdbx_alt_source_flag       sample 
_entity_src_nat.pdbx_beg_seq_num           ? 
_entity_src_nat.pdbx_end_seq_num           ? 
_entity_src_nat.common_name                CHICKEN 
_entity_src_nat.pdbx_organism_scientific   'GALLUS GALLUS' 
_entity_src_nat.pdbx_ncbi_taxonomy_id      9031 
_entity_src_nat.genus                      ? 
_entity_src_nat.species                    ? 
_entity_src_nat.strain                     ? 
_entity_src_nat.tissue                     'EGGSHELL MATRIX' 
_entity_src_nat.tissue_fraction            ? 
_entity_src_nat.pdbx_secretion             ? 
_entity_src_nat.pdbx_fragment              ? 
_entity_src_nat.pdbx_variant               ? 
_entity_src_nat.pdbx_cell_line             ? 
_entity_src_nat.pdbx_atcc                  ? 
_entity_src_nat.pdbx_cellular_location     ? 
_entity_src_nat.pdbx_organ                 ? 
_entity_src_nat.pdbx_organelle             ? 
_entity_src_nat.pdbx_cell                  ? 
_entity_src_nat.pdbx_plasmid_name          ? 
_entity_src_nat.pdbx_plasmid_details       ? 
_entity_src_nat.details                    ? 
# 
loop_
_chem_comp.id 
_chem_comp.type 
_chem_comp.mon_nstd_flag 
_chem_comp.name 
_chem_comp.pdbx_synonyms 
_chem_comp.formula 
_chem_comp.formula_weight 
ALA 'L-peptide linking' y ALANINE         ?               'C3 H7 N O2'     89.093  
ARG 'L-peptide linking' y ARGININE        ?               'C6 H15 N4 O2 1' 175.209 
ASN 'L-peptide linking' y ASPARAGINE      ?               'C4 H8 N2 O3'    132.118 
ASP 'L-peptide linking' y 'ASPARTIC ACID' ?               'C4 H7 N O4'     133.103 
CYS 'L-peptide linking' y CYSTEINE        ?               'C3 H7 N O2 S'   121.158 
GLU 'L-peptide linking' y 'GLUTAMIC ACID' ?               'C5 H9 N O4'     147.129 
GLY 'peptide linking'   y GLYCINE         ?               'C2 H5 N O2'     75.067  
HIS 'L-peptide linking' y HISTIDINE       ?               'C6 H10 N3 O2 1' 156.162 
HOH non-polymer         . WATER           ?               'H2 O'           18.015  
ILE 'L-peptide linking' y ISOLEUCINE      ?               'C6 H13 N O2'    131.173 
LEU 'L-peptide linking' y LEUCINE         ?               'C6 H13 N O2'    131.173 
LYS 'L-peptide linking' y LYSINE          ?               'C6 H15 N2 O2 1' 147.195 
PHE 'L-peptide linking' y PHENYLALANINE   ?               'C9 H11 N O2'    165.189 
PRO 'L-peptide linking' y PROLINE         ?               'C5 H9 N O2'     115.130 
SEP 'L-peptide linking' n PHOSPHOSERINE   PHOSPHONOSERINE 'C3 H8 N O6 P'   185.072 
SER 'L-peptide linking' y SERINE          ?               'C3 H7 N O3'     105.093 
THR 'L-peptide linking' y THREONINE       ?               'C4 H9 N O3'     119.119 
TRP 'L-peptide linking' y TRYPTOPHAN      ?               'C11 H12 N2 O2'  204.225 
VAL 'L-peptide linking' y VALINE          ?               'C5 H11 N O2'    117.146 
# 
loop_
_pdbx_poly_seq_scheme.asym_id 
_pdbx_poly_seq_scheme.entity_id 
_pdbx_poly_seq_scheme.seq_id 
_pdbx_poly_seq_scheme.mon_id 
_pdbx_poly_seq_scheme.ndb_seq_num 
_pdbx_poly_seq_scheme.pdb_seq_num 
_pdbx_poly_seq_scheme.auth_seq_num 
_pdbx_poly_seq_scheme.pdb_mon_id 
_pdbx_poly_seq_scheme.auth_mon_id 
_pdbx_poly_seq_scheme.pdb_strand_id 
_pdbx_poly_seq_scheme.pdb_ins_code 
_pdbx_poly_seq_scheme.hetero 
A 1 1   ASP 1   1   ?   ?   ?   A . n 
A 1 2   PRO 2   2   ?   ?   ?   A . n 
A 1 3   ASP 3   3   ?   ?   ?   A . n 
A 1 4   GLY 4   4   4   GLY GLY A . n 
A 1 5   CYS 5   5   5   CYS CYS A . n 
A 1 6   GLY 6   6   6   GLY GLY A . n 
A 1 7   PRO 7   7   7   PRO PRO A . n 
A 1 8   GLY 8   8   8   GLY GLY A . n 
A 1 9   TRP 9   9   9   TRP TRP A . n 
A 1 10  VAL 10  10  10  VAL VAL A . n 
A 1 11  PRO 11  11  11  PRO PRO A . n 
A 1 12  THR 12  12  12  THR THR A . n 
A 1 13  PRO 13  13  13  PRO PRO A . n 
A 1 14  GLY 14  14  14  GLY GLY A . n 
A 1 15  GLY 15  15  15  GLY GLY A . n 
A 1 16  CYS 16  16  16  CYS CYS A . n 
A 1 17  LEU 17  17  17  LEU LEU A . n 
A 1 18  GLY 18  18  18  GLY GLY A . n 
A 1 19  PHE 19  19  19  PHE PHE A . n 
A 1 20  PHE 20  20  20  PHE PHE A . n 
A 1 21  SER 21  21  21  SER SER A . n 
A 1 22  ARG 22  22  22  ARG ARG A . n 
A 1 23  GLU 23  23  23  GLU GLU A . n 
A 1 24  LEU 24  24  24  LEU LEU A . n 
A 1 25  SER 25  25  25  SER SER A . n 
A 1 26  TRP 26  26  26  TRP TRP A . n 
A 1 27  SER 27  27  27  SER SER A . n 
A 1 28  ARG 28  28  28  ARG ARG A . n 
A 1 29  ALA 29  29  29  ALA ALA A . n 
A 1 30  GLU 30  30  30  GLU GLU A . n 
A 1 31  SER 31  31  31  SER SER A . n 
A 1 32  PHE 32  32  32  PHE PHE A . n 
A 1 33  CYS 33  33  33  CYS CYS A . n 
A 1 34  ARG 34  34  34  ARG ARG A . n 
A 1 35  ARG 35  35  35  ARG ARG A . n 
A 1 36  TRP 36  36  36  TRP TRP A . n 
A 1 37  GLY 37  37  37  GLY GLY A . n 
A 1 38  PRO 38  38  38  PRO PRO A . n 
A 1 39  GLY 39  39  39  GLY GLY A . n 
A 1 40  SER 40  40  40  SER SER A . n 
A 1 41  HIS 41  41  41  HIS HIS A . n 
A 1 42  LEU 42  42  42  LEU LEU A . n 
A 1 43  ALA 43  43  43  ALA ALA A . n 
A 1 44  ALA 44  44  44  ALA ALA A . n 
A 1 45  VAL 45  45  45  VAL VAL A . n 
A 1 46  ARG 46  46  46  ARG ARG A . n 
A 1 47  SER 47  47  47  SER SER A . n 
A 1 48  ALA 48  48  48  ALA ALA A . n 
A 1 49  ALA 49  49  49  ALA ALA A . n 
A 1 50  GLU 50  50  50  GLU GLU A . n 
A 1 51  LEU 51  51  51  LEU LEU A . n 
A 1 52  ARG 52  52  52  ARG ARG A . n 
A 1 53  LEU 53  53  53  LEU LEU A . n 
A 1 54  LEU 54  54  54  LEU LEU A . n 
A 1 55  ALA 55  55  55  ALA ALA A . n 
A 1 56  GLU 56  56  56  GLU GLU A . n 
A 1 57  LEU 57  57  57  LEU LEU A . n 
A 1 58  LEU 58  58  58  LEU LEU A . n 
A 1 59  ASN 59  59  59  ASN ASN A . n 
A 1 60  ALA 60  60  60  ALA ALA A . n 
A 1 61  SEP 61  61  61  SEP SEP A . n 
A 1 62  ARG 62  62  62  ARG ARG A . n 
A 1 63  GLY 63  63  63  GLY GLY A . n 
A 1 64  GLY 64  64  64  GLY GLY A . n 
A 1 65  ASP 65  65  65  ASP ASP A . n 
A 1 66  GLY 66  66  66  GLY GLY A . n 
A 1 67  SER 67  67  67  SER SER A . n 
A 1 68  GLY 68  68  68  GLY GLY A . n 
A 1 69  GLU 69  69  69  GLU GLU A . n 
A 1 70  GLY 70  70  70  GLY GLY A . n 
A 1 71  ALA 71  71  71  ALA ALA A . n 
A 1 72  ASP 72  72  72  ASP ASP A . n 
A 1 73  GLY 73  73  73  GLY GLY A . n 
A 1 74  ARG 74  74  74  ARG ARG A . n 
A 1 75  VAL 75  75  75  VAL VAL A . n 
A 1 76  TRP 76  76  76  TRP TRP A . n 
A 1 77  ILE 77  77  77  ILE ILE A . n 
A 1 78  GLY 78  78  78  GLY GLY A . n 
A 1 79  LEU 79  79  79  LEU LEU A . n 
A 1 80  HIS 80  80  80  HIS HIS A . n 
A 1 81  ARG 81  81  81  ARG ARG A . n 
A 1 82  PRO 82  82  82  PRO PRO A . n 
A 1 83  ALA 83  83  83  ALA ALA A . n 
A 1 84  GLY 84  84  84  GLY GLY A . n 
A 1 85  SER 85  85  85  SER SER A . n 
A 1 86  ARG 86  86  86  ARG ARG A . n 
A 1 87  SER 87  87  87  SER SER A . n 
A 1 88  TRP 88  88  88  TRP TRP A . n 
A 1 89  ARG 89  89  89  ARG ARG A . n 
A 1 90  TRP 90  90  90  TRP TRP A . n 
A 1 91  SER 91  91  91  SER SER A . n 
A 1 92  ASP 92  92  92  ASP ASP A . n 
A 1 93  GLY 93  93  93  GLY GLY A . n 
A 1 94  THR 94  94  94  THR THR A . n 
A 1 95  ALA 95  95  95  ALA ALA A . n 
A 1 96  PRO 96  96  96  PRO PRO A . n 
A 1 97  ARG 97  97  97  ARG ARG A . n 
A 1 98  PHE 98  98  98  PHE PHE A . n 
A 1 99  ALA 99  99  99  ALA ALA A . n 
A 1 100 SER 100 100 100 SER SER A . n 
A 1 101 TRP 101 101 101 TRP TRP A . n 
A 1 102 HIS 102 102 102 HIS HIS A . n 
A 1 103 ARG 103 103 103 ARG ARG A . n 
A 1 104 THR 104 104 104 THR THR A . n 
A 1 105 ALA 105 105 105 ALA ALA A . n 
A 1 106 LYS 106 106 106 LYS LYS A . n 
A 1 107 ALA 107 107 107 ALA ALA A . n 
A 1 108 ARG 108 108 108 ARG ARG A . n 
A 1 109 ARG 109 109 109 ARG ARG A . n 
A 1 110 GLY 110 110 110 GLY GLY A . n 
A 1 111 GLY 111 111 111 GLY GLY A . n 
A 1 112 ARG 112 112 112 ARG ARG A . n 
A 1 113 CYS 113 113 113 CYS CYS A . n 
A 1 114 ALA 114 114 114 ALA ALA A . n 
A 1 115 ALA 115 115 115 ALA ALA A . n 
A 1 116 LEU 116 116 116 LEU LEU A . n 
A 1 117 ARG 117 117 117 ARG ARG A . n 
A 1 118 ASP 118 118 118 ASP ASP A . n 
A 1 119 GLU 119 119 119 GLU GLU A . n 
A 1 120 GLU 120 120 120 GLU GLU A . n 
A 1 121 ALA 121 121 121 ALA ALA A . n 
A 1 122 PHE 122 122 122 PHE PHE A . n 
A 1 123 THR 123 123 123 THR THR A . n 
A 1 124 SER 124 124 124 SER SER A . n 
A 1 125 TRP 125 125 125 TRP TRP A . n 
A 1 126 ALA 126 126 126 ALA ALA A . n 
A 1 127 ALA 127 127 127 ALA ALA A . n 
A 1 128 ARG 128 128 128 ARG ARG A . n 
A 1 129 PRO 129 129 129 PRO PRO A . n 
A 1 130 CYS 130 130 130 CYS CYS A . n 
A 1 131 THR 131 131 131 THR THR A . n 
A 1 132 GLU 132 132 132 GLU GLU A . n 
A 1 133 ARG 133 133 133 ARG ARG A . n 
A 1 134 ASN 134 134 134 ASN ASN A . n 
A 1 135 ALA 135 135 135 ALA ALA A . n 
A 1 136 PHE 136 136 136 PHE PHE A . n 
A 1 137 VAL 137 137 137 VAL VAL A . n 
A 1 138 CYS 138 138 138 CYS CYS A . n 
A 1 139 LYS 139 139 139 LYS LYS A . n 
A 1 140 ALA 140 140 140 ALA ALA A . n 
A 1 141 ALA 141 141 141 ALA ALA A . n 
A 1 142 ALA 142 142 142 ALA ALA A . n 
# 
loop_
_pdbx_nonpoly_scheme.asym_id 
_pdbx_nonpoly_scheme.entity_id 
_pdbx_nonpoly_scheme.mon_id 
_pdbx_nonpoly_scheme.ndb_seq_num 
_pdbx_nonpoly_scheme.pdb_seq_num 
_pdbx_nonpoly_scheme.auth_seq_num 
_pdbx_nonpoly_scheme.pdb_mon_id 
_pdbx_nonpoly_scheme.auth_mon_id 
_pdbx_nonpoly_scheme.pdb_strand_id 
_pdbx_nonpoly_scheme.pdb_ins_code 
B 2 HOH 1   2001 2001 HOH HOH A . 
B 2 HOH 2   2002 2002 HOH HOH A . 
B 2 HOH 3   2003 2003 HOH HOH A . 
B 2 HOH 4   2004 2004 HOH HOH A . 
B 2 HOH 5   2005 2005 HOH HOH A . 
B 2 HOH 6   2006 2006 HOH HOH A . 
B 2 HOH 7   2007 2007 HOH HOH A . 
B 2 HOH 8   2008 2008 HOH HOH A . 
B 2 HOH 9   2009 2009 HOH HOH A . 
B 2 HOH 10  2010 2010 HOH HOH A . 
B 2 HOH 11  2011 2011 HOH HOH A . 
B 2 HOH 12  2012 2012 HOH HOH A . 
B 2 HOH 13  2013 2013 HOH HOH A . 
B 2 HOH 14  2014 2014 HOH HOH A . 
B 2 HOH 15  2015 2015 HOH HOH A . 
B 2 HOH 16  2016 2016 HOH HOH A . 
B 2 HOH 17  2017 2017 HOH HOH A . 
B 2 HOH 18  2018 2018 HOH HOH A . 
B 2 HOH 19  2019 2019 HOH HOH A . 
B 2 HOH 20  2020 2020 HOH HOH A . 
B 2 HOH 21  2021 2021 HOH HOH A . 
B 2 HOH 22  2022 2022 HOH HOH A . 
B 2 HOH 23  2023 2023 HOH HOH A . 
B 2 HOH 24  2024 2024 HOH HOH A . 
B 2 HOH 25  2025 2025 HOH HOH A . 
B 2 HOH 26  2026 2026 HOH HOH A . 
B 2 HOH 27  2027 2027 HOH HOH A . 
B 2 HOH 28  2028 2028 HOH HOH A . 
B 2 HOH 29  2029 2029 HOH HOH A . 
B 2 HOH 30  2030 2030 HOH HOH A . 
B 2 HOH 31  2031 2031 HOH HOH A . 
B 2 HOH 32  2032 2032 HOH HOH A . 
B 2 HOH 33  2033 2033 HOH HOH A . 
B 2 HOH 34  2034 2034 HOH HOH A . 
B 2 HOH 35  2035 2035 HOH HOH A . 
B 2 HOH 36  2036 2036 HOH HOH A . 
B 2 HOH 37  2037 2037 HOH HOH A . 
B 2 HOH 38  2038 2038 HOH HOH A . 
B 2 HOH 39  2039 2039 HOH HOH A . 
B 2 HOH 40  2040 2040 HOH HOH A . 
B 2 HOH 41  2041 2041 HOH HOH A . 
B 2 HOH 42  2042 2042 HOH HOH A . 
B 2 HOH 43  2043 2043 HOH HOH A . 
B 2 HOH 44  2044 2044 HOH HOH A . 
B 2 HOH 45  2045 2045 HOH HOH A . 
B 2 HOH 46  2046 2046 HOH HOH A . 
B 2 HOH 47  2047 2047 HOH HOH A . 
B 2 HOH 48  2048 2048 HOH HOH A . 
B 2 HOH 49  2049 2049 HOH HOH A . 
B 2 HOH 50  2050 2050 HOH HOH A . 
B 2 HOH 51  2051 2051 HOH HOH A . 
B 2 HOH 52  2052 2052 HOH HOH A . 
B 2 HOH 53  2053 2053 HOH HOH A . 
B 2 HOH 54  2054 2054 HOH HOH A . 
B 2 HOH 55  2055 2055 HOH HOH A . 
B 2 HOH 56  2056 2056 HOH HOH A . 
B 2 HOH 57  2057 2057 HOH HOH A . 
B 2 HOH 58  2058 2058 HOH HOH A . 
B 2 HOH 59  2059 2059 HOH HOH A . 
B 2 HOH 60  2060 2060 HOH HOH A . 
B 2 HOH 61  2061 2061 HOH HOH A . 
B 2 HOH 62  2062 2062 HOH HOH A . 
B 2 HOH 63  2063 2063 HOH HOH A . 
B 2 HOH 64  2064 2064 HOH HOH A . 
B 2 HOH 65  2065 2065 HOH HOH A . 
B 2 HOH 66  2066 2066 HOH HOH A . 
B 2 HOH 67  2067 2067 HOH HOH A . 
B 2 HOH 68  2068 2068 HOH HOH A . 
B 2 HOH 69  2069 2069 HOH HOH A . 
B 2 HOH 70  2070 2070 HOH HOH A . 
B 2 HOH 71  2071 2071 HOH HOH A . 
B 2 HOH 72  2072 2072 HOH HOH A . 
B 2 HOH 73  2073 2073 HOH HOH A . 
B 2 HOH 74  2074 2074 HOH HOH A . 
B 2 HOH 75  2075 2075 HOH HOH A . 
B 2 HOH 76  2076 2076 HOH HOH A . 
B 2 HOH 77  2077 2077 HOH HOH A . 
B 2 HOH 78  2078 2078 HOH HOH A . 
B 2 HOH 79  2079 2079 HOH HOH A . 
B 2 HOH 80  2080 2080 HOH HOH A . 
B 2 HOH 81  2081 2081 HOH HOH A . 
B 2 HOH 82  2082 2082 HOH HOH A . 
B 2 HOH 83  2083 2083 HOH HOH A . 
B 2 HOH 84  2084 2084 HOH HOH A . 
B 2 HOH 85  2085 2085 HOH HOH A . 
B 2 HOH 86  2086 2086 HOH HOH A . 
B 2 HOH 87  2087 2087 HOH HOH A . 
B 2 HOH 88  2088 2088 HOH HOH A . 
B 2 HOH 89  2089 2089 HOH HOH A . 
B 2 HOH 90  2090 2090 HOH HOH A . 
B 2 HOH 91  2091 2091 HOH HOH A . 
B 2 HOH 92  2092 2092 HOH HOH A . 
B 2 HOH 93  2093 2093 HOH HOH A . 
B 2 HOH 94  2094 2094 HOH HOH A . 
B 2 HOH 95  2095 2095 HOH HOH A . 
B 2 HOH 96  2096 2096 HOH HOH A . 
B 2 HOH 97  2097 2097 HOH HOH A . 
B 2 HOH 98  2098 2098 HOH HOH A . 
B 2 HOH 99  2099 2099 HOH HOH A . 
B 2 HOH 100 2100 2100 HOH HOH A . 
B 2 HOH 101 2101 2101 HOH HOH A . 
B 2 HOH 102 2102 2102 HOH HOH A . 
B 2 HOH 103 2103 2103 HOH HOH A . 
B 2 HOH 104 2104 2104 HOH HOH A . 
B 2 HOH 105 2105 2105 HOH HOH A . 
B 2 HOH 106 2106 2106 HOH HOH A . 
B 2 HOH 107 2107 2107 HOH HOH A . 
B 2 HOH 108 2108 2108 HOH HOH A . 
B 2 HOH 109 2109 2109 HOH HOH A . 
B 2 HOH 110 2110 2110 HOH HOH A . 
B 2 HOH 111 2111 2111 HOH HOH A . 
B 2 HOH 112 2112 2112 HOH HOH A . 
B 2 HOH 113 2113 2113 HOH HOH A . 
B 2 HOH 114 2114 2114 HOH HOH A . 
B 2 HOH 115 2115 2115 HOH HOH A . 
B 2 HOH 116 2116 2116 HOH HOH A . 
B 2 HOH 117 2117 2117 HOH HOH A . 
B 2 HOH 118 2118 2118 HOH HOH A . 
B 2 HOH 119 2119 2119 HOH HOH A . 
B 2 HOH 120 2120 2120 HOH HOH A . 
B 2 HOH 121 2121 2121 HOH HOH A . 
B 2 HOH 122 2122 2122 HOH HOH A . 
B 2 HOH 123 2123 2123 HOH HOH A . 
B 2 HOH 124 2124 2124 HOH HOH A . 
B 2 HOH 125 2125 2125 HOH HOH A . 
B 2 HOH 126 2126 2126 HOH HOH A . 
B 2 HOH 127 2127 2127 HOH HOH A . 
B 2 HOH 128 2128 2128 HOH HOH A . 
B 2 HOH 129 2129 2129 HOH HOH A . 
B 2 HOH 130 2130 2130 HOH HOH A . 
B 2 HOH 131 2131 2131 HOH HOH A . 
B 2 HOH 132 2132 2132 HOH HOH A . 
B 2 HOH 133 2133 2133 HOH HOH A . 
B 2 HOH 134 2134 2134 HOH HOH A . 
B 2 HOH 135 2135 2135 HOH HOH A . 
B 2 HOH 136 2136 2136 HOH HOH A . 
B 2 HOH 137 2137 2137 HOH HOH A . 
B 2 HOH 138 2138 2138 HOH HOH A . 
B 2 HOH 139 2139 2139 HOH HOH A . 
B 2 HOH 140 2140 2140 HOH HOH A . 
B 2 HOH 141 2141 2141 HOH HOH A . 
B 2 HOH 142 2142 2142 HOH HOH A . 
B 2 HOH 143 2143 2143 HOH HOH A . 
B 2 HOH 144 2144 2144 HOH HOH A . 
B 2 HOH 145 2145 2145 HOH HOH A . 
B 2 HOH 146 2146 2146 HOH HOH A . 
B 2 HOH 147 2147 2147 HOH HOH A . 
B 2 HOH 148 2148 2148 HOH HOH A . 
B 2 HOH 149 2149 2149 HOH HOH A . 
B 2 HOH 150 2150 2150 HOH HOH A . 
B 2 HOH 151 2151 2151 HOH HOH A . 
B 2 HOH 152 2152 2152 HOH HOH A . 
B 2 HOH 153 2153 2153 HOH HOH A . 
# 
loop_
_pdbx_unobs_or_zero_occ_atoms.id 
_pdbx_unobs_or_zero_occ_atoms.PDB_model_num 
_pdbx_unobs_or_zero_occ_atoms.polymer_flag 
_pdbx_unobs_or_zero_occ_atoms.occupancy_flag 
_pdbx_unobs_or_zero_occ_atoms.auth_asym_id 
_pdbx_unobs_or_zero_occ_atoms.auth_comp_id 
_pdbx_unobs_or_zero_occ_atoms.auth_seq_id 
_pdbx_unobs_or_zero_occ_atoms.PDB_ins_code 
_pdbx_unobs_or_zero_occ_atoms.auth_atom_id 
_pdbx_unobs_or_zero_occ_atoms.label_alt_id 
_pdbx_unobs_or_zero_occ_atoms.label_asym_id 
_pdbx_unobs_or_zero_occ_atoms.label_comp_id 
_pdbx_unobs_or_zero_occ_atoms.label_seq_id 
_pdbx_unobs_or_zero_occ_atoms.label_atom_id 
1 1 Y 1 A ASP 65 ? CG  ? A ASP 65 CG  
2 1 Y 1 A ASP 65 ? OD1 ? A ASP 65 OD1 
3 1 Y 1 A ASP 65 ? OD2 ? A ASP 65 OD2 
4 1 Y 1 A SER 67 ? OG  ? A SER 67 OG  
# 
loop_
_software.name 
_software.classification 
_software.version 
_software.citation_id 
_software.pdbx_ordinal 
CNS    refinement       1.1 ? 1 
MOSFLM 'data reduction' .   ? 2 
CCP4   'data scaling'   .   ? 3 
AMoRE  phasing          .   ? 4 
# 
_cell.entry_id           1GZ2 
_cell.length_a           58.260 
_cell.length_b           58.260 
_cell.length_c           82.460 
_cell.angle_alpha        90.00 
_cell.angle_beta         90.00 
_cell.angle_gamma        120.00 
_cell.Z_PDB              6 
_cell.pdbx_unique_axis   ? 
# 
_symmetry.entry_id                         1GZ2 
_symmetry.space_group_name_H-M             'P 32 2 1' 
_symmetry.pdbx_full_space_group_name_H-M   ? 
_symmetry.cell_setting                     ? 
_symmetry.Int_Tables_number                154 
# 
_exptl.entry_id          1GZ2 
_exptl.method            'X-RAY DIFFRACTION' 
_exptl.crystals_number   1 
# 
_exptl_crystal.id                    1 
_exptl_crystal.density_meas          ? 
_exptl_crystal.density_Matthews      2.38 
_exptl_crystal.density_percent_sol   48.3 
_exptl_crystal.description           ? 
# 
_exptl_crystal_grow.crystal_id      1 
_exptl_crystal_grow.method          ? 
_exptl_crystal_grow.temp            ? 
_exptl_crystal_grow.temp_details    ? 
_exptl_crystal_grow.pH              4.60 
_exptl_crystal_grow.pdbx_pH_range   ? 
_exptl_crystal_grow.pdbx_details    'pH 4.60' 
# 
_diffrn.id                     1 
_diffrn.ambient_temp           100.0 
_diffrn.ambient_temp_details   ? 
_diffrn.crystal_id             1 
# 
_diffrn_detector.diffrn_id              1 
_diffrn_detector.detector               CCD 
_diffrn_detector.type                   MARRESEARCH 
_diffrn_detector.pdbx_collection_date   2002-03-15 
_diffrn_detector.details                ? 
# 
_diffrn_radiation.diffrn_id                        1 
_diffrn_radiation.wavelength_id                    1 
_diffrn_radiation.pdbx_monochromatic_or_laue_m_l   M 
_diffrn_radiation.monochromator                    ? 
_diffrn_radiation.pdbx_diffrn_protocol             'SINGLE WAVELENGTH' 
_diffrn_radiation.pdbx_scattering_type             x-ray 
# 
_diffrn_radiation_wavelength.id           1 
_diffrn_radiation_wavelength.wavelength   0.97 
_diffrn_radiation_wavelength.wt           1.0 
# 
_diffrn_source.diffrn_id                   1 
_diffrn_source.source                      SYNCHROTRON 
_diffrn_source.type                        'ESRF BEAMLINE BM14' 
_diffrn_source.pdbx_synchrotron_site       ESRF 
_diffrn_source.pdbx_synchrotron_beamline   BM14 
_diffrn_source.pdbx_wavelength             0.97 
_diffrn_source.pdbx_wavelength_list        ? 
# 
_reflns.pdbx_diffrn_id               1 
_reflns.pdbx_ordinal                 1 
_reflns.entry_id                     1GZ2 
_reflns.observed_criterion_sigma_I   ? 
_reflns.observed_criterion_sigma_F   ? 
_reflns.d_resolution_low             35.000 
_reflns.d_resolution_high            1.500 
_reflns.number_obs                   26325 
_reflns.number_all                   ? 
_reflns.percent_possible_obs         99.5 
_reflns.pdbx_Rmerge_I_obs            0.06300 
_reflns.pdbx_Rsym_value              ? 
_reflns.pdbx_netI_over_sigmaI        7.3000 
_reflns.B_iso_Wilson_estimate        16.8 
_reflns.pdbx_redundancy              7.100 
# 
_reflns_shell.pdbx_diffrn_id         1 
_reflns_shell.pdbx_ordinal           1 
_reflns_shell.d_res_high             1.50 
_reflns_shell.d_res_low              1.58 
_reflns_shell.percent_possible_all   98.5 
_reflns_shell.Rmerge_I_obs           0.28300 
_reflns_shell.pdbx_Rsym_value        ? 
_reflns_shell.meanI_over_sigI_obs    2.700 
_reflns_shell.pdbx_redundancy        7.10 
# 
_refine.pdbx_refine_id                           'X-RAY DIFFRACTION' 
_refine.entry_id                                 1GZ2 
_refine.pdbx_diffrn_id                           1 
_refine.pdbx_TLS_residual_ADP_flag               ? 
_refine.ls_number_reflns_obs                     26123 
_refine.ls_number_reflns_all                     ? 
_refine.pdbx_ls_sigma_I                          ? 
_refine.pdbx_ls_sigma_F                          0.0 
_refine.pdbx_data_cutoff_high_absF               1416513.56 
_refine.pdbx_data_cutoff_low_absF                0.000000 
_refine.pdbx_data_cutoff_high_rms_absF           ? 
_refine.ls_d_res_low                             7.98 
_refine.ls_d_res_high                            1.50 
_refine.ls_percent_reflns_obs                    99.1 
_refine.ls_R_factor_obs                          0.200 
_refine.ls_R_factor_all                          ? 
_refine.ls_R_factor_R_work                       0.200 
_refine.ls_R_factor_R_free                       0.218 
_refine.ls_R_factor_R_free_error                 0.004 
_refine.ls_R_factor_R_free_error_details         ? 
_refine.ls_percent_reflns_R_free                 9.9 
_refine.ls_number_reflns_R_free                  2582 
_refine.ls_number_parameters                     ? 
_refine.ls_number_restraints                     ? 
_refine.occupancy_min                            ? 
_refine.occupancy_max                            ? 
_refine.correlation_coeff_Fo_to_Fc               ? 
_refine.correlation_coeff_Fo_to_Fc_free          ? 
_refine.B_iso_mean                               19.4 
_refine.aniso_B[1][1]                            2.27 
_refine.aniso_B[2][2]                            2.27 
_refine.aniso_B[3][3]                            -4.54 
_refine.aniso_B[1][2]                            0.83 
_refine.aniso_B[1][3]                            0.00 
_refine.aniso_B[2][3]                            0.00 
_refine.solvent_model_details                    'FLAT MODEL' 
_refine.solvent_model_param_ksol                 0.484345 
_refine.solvent_model_param_bsol                 59.9893 
_refine.pdbx_solvent_vdw_probe_radii             ? 
_refine.pdbx_solvent_ion_probe_radii             ? 
_refine.pdbx_solvent_shrinkage_radii             ? 
_refine.pdbx_ls_cross_valid_method               THROUGHOUT 
_refine.details                                  ? 
_refine.pdbx_starting_model                      'PDB ENTRY 1LIT' 
_refine.pdbx_method_to_determine_struct          'MOLECULAR REPLACEMENT' 
_refine.pdbx_isotropic_thermal_model             RESTRAINED 
_refine.pdbx_stereochemistry_target_values       ? 
_refine.pdbx_stereochem_target_val_spec_case     ? 
_refine.pdbx_R_Free_selection_details            RANDOM 
_refine.pdbx_overall_ESU_R                       ? 
_refine.pdbx_overall_ESU_R_Free                  ? 
_refine.overall_SU_ML                            ? 
_refine.pdbx_overall_phase_error                 ? 
_refine.overall_SU_B                             ? 
_refine.overall_SU_R_Cruickshank_DPI             ? 
_refine.pdbx_overall_SU_R_free_Cruickshank_DPI   ? 
_refine.pdbx_overall_SU_R_Blow_DPI               ? 
_refine.pdbx_overall_SU_R_free_Blow_DPI          ? 
# 
_refine_analyze.pdbx_refine_id                  'X-RAY DIFFRACTION' 
_refine_analyze.entry_id                        1GZ2 
_refine_analyze.Luzzati_coordinate_error_obs    0.16 
_refine_analyze.Luzzati_sigma_a_obs             0.07 
_refine_analyze.Luzzati_d_res_low_obs           5.00 
_refine_analyze.Luzzati_coordinate_error_free   0.18 
_refine_analyze.Luzzati_sigma_a_free            0.08 
_refine_analyze.Luzzati_d_res_low_free          ? 
_refine_analyze.number_disordered_residues      ? 
_refine_analyze.occupancy_sum_hydrogen          ? 
_refine_analyze.occupancy_sum_non_hydrogen      ? 
# 
_refine_hist.pdbx_refine_id                   'X-RAY DIFFRACTION' 
_refine_hist.cycle_id                         LAST 
_refine_hist.pdbx_number_atoms_protein        1056 
_refine_hist.pdbx_number_atoms_nucleic_acid   0 
_refine_hist.pdbx_number_atoms_ligand         0 
_refine_hist.number_atoms_solvent             153 
_refine_hist.number_atoms_total               1209 
_refine_hist.d_res_high                       1.50 
_refine_hist.d_res_low                        7.98 
# 
loop_
_refine_ls_restr.type 
_refine_ls_restr.dev_ideal 
_refine_ls_restr.dev_ideal_target 
_refine_ls_restr.weight 
_refine_ls_restr.number 
_refine_ls_restr.pdbx_refine_id 
_refine_ls_restr.pdbx_restraint_function 
c_bond_d                0.005 ?    ? ? 'X-RAY DIFFRACTION' ? 
c_bond_d_na             ?     ?    ? ? 'X-RAY DIFFRACTION' ? 
c_bond_d_prot           ?     ?    ? ? 'X-RAY DIFFRACTION' ? 
c_angle_d               ?     ?    ? ? 'X-RAY DIFFRACTION' ? 
c_angle_d_na            ?     ?    ? ? 'X-RAY DIFFRACTION' ? 
c_angle_d_prot          ?     ?    ? ? 'X-RAY DIFFRACTION' ? 
c_angle_deg             1.3   ?    ? ? 'X-RAY DIFFRACTION' ? 
c_angle_deg_na          ?     ?    ? ? 'X-RAY DIFFRACTION' ? 
c_angle_deg_prot        ?     ?    ? ? 'X-RAY DIFFRACTION' ? 
c_dihedral_angle_d      22.7  ?    ? ? 'X-RAY DIFFRACTION' ? 
c_dihedral_angle_d_na   ?     ?    ? ? 'X-RAY DIFFRACTION' ? 
c_dihedral_angle_d_prot ?     ?    ? ? 'X-RAY DIFFRACTION' ? 
c_improper_angle_d      3.94  ?    ? ? 'X-RAY DIFFRACTION' ? 
c_improper_angle_d_na   ?     ?    ? ? 'X-RAY DIFFRACTION' ? 
c_improper_angle_d_prot ?     ?    ? ? 'X-RAY DIFFRACTION' ? 
c_mcbond_it             1.11  1.50 ? ? 'X-RAY DIFFRACTION' ? 
c_mcangle_it            1.79  2.00 ? ? 'X-RAY DIFFRACTION' ? 
c_scbond_it             1.96  2.00 ? ? 'X-RAY DIFFRACTION' ? 
c_scangle_it            2.83  2.50 ? ? 'X-RAY DIFFRACTION' ? 
# 
_refine_ls_shell.pdbx_refine_id                   'X-RAY DIFFRACTION' 
_refine_ls_shell.pdbx_total_number_of_bins_used   6 
_refine_ls_shell.d_res_high                       1.50 
_refine_ls_shell.d_res_low                        1.59 
_refine_ls_shell.number_reflns_R_work             3782 
_refine_ls_shell.R_factor_R_work                  0.214 
_refine_ls_shell.percent_reflns_obs               98.2 
_refine_ls_shell.R_factor_R_free                  0.228 
_refine_ls_shell.R_factor_R_free_error            0.011 
_refine_ls_shell.percent_reflns_R_free            10.4 
_refine_ls_shell.number_reflns_R_free             439 
_refine_ls_shell.number_reflns_all                ? 
_refine_ls_shell.R_factor_all                     ? 
# 
loop_
_pdbx_xplor_file.pdbx_refine_id 
_pdbx_xplor_file.serial_no 
_pdbx_xplor_file.param_file 
_pdbx_xplor_file.topol_file 
'X-RAY DIFFRACTION' 1 PROTEIN_REP.PARAM PROTEIN.TOP 
'X-RAY DIFFRACTION' 2 WATER_REP.PARAM   SEP.TOP     
'X-RAY DIFFRACTION' 3 SEP.PARAM         ?           
# 
_struct.entry_id                  1GZ2 
_struct.title                     
'Crystal structure of the Ovocleidin-17 a major protein of the Gallus gallus eggshell calcified layer.' 
_struct.pdbx_model_details        ? 
_struct.pdbx_CASP_flag            ? 
_struct.pdbx_model_type_details   ? 
# 
_struct_keywords.entry_id        1GZ2 
_struct_keywords.pdbx_keywords   'SUGAR BINDING PROTEIN' 
_struct_keywords.text            
;STRUCTURAL PROTEIN, CTLD, EGGSHELL STRUCTURAL PROTEIN, PHOSPHOPROTEIN, SUGAR-BINDING PROTEIN, GLYCOPROTEIN, LECTIN, SUGAR BINDING PROTEIN
;
# 
loop_
_struct_asym.id 
_struct_asym.pdbx_blank_PDB_chainid_flag 
_struct_asym.pdbx_modified 
_struct_asym.entity_id 
_struct_asym.details 
A N N 1 ? 
B N N 2 ? 
# 
_struct_ref.id                         1 
_struct_ref.db_name                    UNP 
_struct_ref.db_code                    OC17_CHICK 
_struct_ref.entity_id                  1 
_struct_ref.pdbx_seq_one_letter_code   ? 
_struct_ref.pdbx_align_begin           ? 
_struct_ref.pdbx_db_accession          Q9PRS8 
_struct_ref.pdbx_db_isoform            ? 
# 
_struct_ref_seq.align_id                      1 
_struct_ref_seq.ref_id                        1 
_struct_ref_seq.pdbx_PDB_id_code              1GZ2 
_struct_ref_seq.pdbx_strand_id                A 
_struct_ref_seq.seq_align_beg                 1 
_struct_ref_seq.pdbx_seq_align_beg_ins_code   ? 
_struct_ref_seq.seq_align_end                 142 
_struct_ref_seq.pdbx_seq_align_end_ins_code   ? 
_struct_ref_seq.pdbx_db_accession             Q9PRS8 
_struct_ref_seq.db_align_beg                  1 
_struct_ref_seq.pdbx_db_align_beg_ins_code    ? 
_struct_ref_seq.db_align_end                  142 
_struct_ref_seq.pdbx_db_align_end_ins_code    ? 
_struct_ref_seq.pdbx_auth_seq_align_beg       1 
_struct_ref_seq.pdbx_auth_seq_align_end       142 
# 
_pdbx_struct_assembly.id                   1 
_pdbx_struct_assembly.details              author_and_software_defined_assembly 
_pdbx_struct_assembly.method_details       PQS 
_pdbx_struct_assembly.oligomeric_details   monomeric 
_pdbx_struct_assembly.oligomeric_count     1 
# 
_pdbx_struct_assembly_gen.assembly_id       1 
_pdbx_struct_assembly_gen.oper_expression   1 
_pdbx_struct_assembly_gen.asym_id_list      A,B 
# 
_pdbx_struct_oper_list.id                   1 
_pdbx_struct_oper_list.type                 'identity operation' 
_pdbx_struct_oper_list.name                 1_555 
_pdbx_struct_oper_list.symmetry_operation   x,y,z 
_pdbx_struct_oper_list.matrix[1][1]         1.0000000000 
_pdbx_struct_oper_list.matrix[1][2]         0.0000000000 
_pdbx_struct_oper_list.matrix[1][3]         0.0000000000 
_pdbx_struct_oper_list.vector[1]            0.0000000000 
_pdbx_struct_oper_list.matrix[2][1]         0.0000000000 
_pdbx_struct_oper_list.matrix[2][2]         1.0000000000 
_pdbx_struct_oper_list.matrix[2][3]         0.0000000000 
_pdbx_struct_oper_list.vector[2]            0.0000000000 
_pdbx_struct_oper_list.matrix[3][1]         0.0000000000 
_pdbx_struct_oper_list.matrix[3][2]         0.0000000000 
_pdbx_struct_oper_list.matrix[3][3]         1.0000000000 
_pdbx_struct_oper_list.vector[3]            0.0000000000 
# 
_struct_biol.id   1 
# 
loop_
_struct_conf.conf_type_id 
_struct_conf.id 
_struct_conf.pdbx_PDB_helix_id 
_struct_conf.beg_label_comp_id 
_struct_conf.beg_label_asym_id 
_struct_conf.beg_label_seq_id 
_struct_conf.pdbx_beg_PDB_ins_code 
_struct_conf.end_label_comp_id 
_struct_conf.end_label_asym_id 
_struct_conf.end_label_seq_id 
_struct_conf.pdbx_end_PDB_ins_code 
_struct_conf.beg_auth_comp_id 
_struct_conf.beg_auth_asym_id 
_struct_conf.beg_auth_seq_id 
_struct_conf.end_auth_comp_id 
_struct_conf.end_auth_asym_id 
_struct_conf.end_auth_seq_id 
_struct_conf.pdbx_PDB_helix_class 
_struct_conf.details 
_struct_conf.pdbx_PDB_helix_length 
HELX_P HELX_P1 1 TRP A 26  ? ARG A 34  ? TRP A 26  ARG A 34  1 ? 9  
HELX_P HELX_P2 2 SER A 47  ? ASN A 59  ? SER A 47  ASN A 59  1 ? 13 
HELX_P HELX_P3 3 ALA A 105 ? ARG A 109 ? ALA A 105 ARG A 109 5 ? 5  
# 
_struct_conf_type.id          HELX_P 
_struct_conf_type.criteria    ? 
_struct_conf_type.reference   ? 
# 
loop_
_struct_conn.id 
_struct_conn.conn_type_id 
_struct_conn.pdbx_leaving_atom_flag 
_struct_conn.pdbx_PDB_id 
_struct_conn.ptnr1_label_asym_id 
_struct_conn.ptnr1_label_comp_id 
_struct_conn.ptnr1_label_seq_id 
_struct_conn.ptnr1_label_atom_id 
_struct_conn.pdbx_ptnr1_label_alt_id 
_struct_conn.pdbx_ptnr1_PDB_ins_code 
_struct_conn.pdbx_ptnr1_standard_comp_id 
_struct_conn.ptnr1_symmetry 
_struct_conn.ptnr2_label_asym_id 
_struct_conn.ptnr2_label_comp_id 
_struct_conn.ptnr2_label_seq_id 
_struct_conn.ptnr2_label_atom_id 
_struct_conn.pdbx_ptnr2_label_alt_id 
_struct_conn.pdbx_ptnr2_PDB_ins_code 
_struct_conn.ptnr1_auth_asym_id 
_struct_conn.ptnr1_auth_comp_id 
_struct_conn.ptnr1_auth_seq_id 
_struct_conn.ptnr2_auth_asym_id 
_struct_conn.ptnr2_auth_comp_id 
_struct_conn.ptnr2_auth_seq_id 
_struct_conn.ptnr2_symmetry 
_struct_conn.pdbx_ptnr3_label_atom_id 
_struct_conn.pdbx_ptnr3_label_seq_id 
_struct_conn.pdbx_ptnr3_label_comp_id 
_struct_conn.pdbx_ptnr3_label_asym_id 
_struct_conn.pdbx_ptnr3_label_alt_id 
_struct_conn.pdbx_ptnr3_PDB_ins_code 
_struct_conn.details 
_struct_conn.pdbx_dist_value 
_struct_conn.pdbx_value_order 
_struct_conn.pdbx_role 
disulf1 disulf ?    ? A CYS 5   SG ? ? ? 1_555 A CYS 16  SG ? ? A CYS 5   A CYS 16  1_555 ? ? ? ? ? ? ? 2.031 ? ? 
disulf2 disulf ?    ? A CYS 33  SG ? ? ? 1_555 A CYS 138 SG ? ? A CYS 33  A CYS 138 1_555 ? ? ? ? ? ? ? 2.035 ? ? 
disulf3 disulf ?    ? A CYS 113 SG ? ? ? 1_555 A CYS 130 SG ? ? A CYS 113 A CYS 130 1_555 ? ? ? ? ? ? ? 2.031 ? ? 
covale1 covale both ? A ALA 60  C  ? ? ? 1_555 A SEP 61  N  ? ? A ALA 60  A SEP 61  1_555 ? ? ? ? ? ? ? 1.326 ? ? 
covale2 covale both ? A SEP 61  C  ? ? ? 1_555 A ARG 62  N  ? ? A SEP 61  A ARG 62  1_555 ? ? ? ? ? ? ? 1.330 ? ? 
# 
loop_
_struct_conn_type.id 
_struct_conn_type.criteria 
_struct_conn_type.reference 
disulf ? ? 
covale ? ? 
# 
loop_
_pdbx_modification_feature.ordinal 
_pdbx_modification_feature.label_comp_id 
_pdbx_modification_feature.label_asym_id 
_pdbx_modification_feature.label_seq_id 
_pdbx_modification_feature.label_alt_id 
_pdbx_modification_feature.modified_residue_label_comp_id 
_pdbx_modification_feature.modified_residue_label_asym_id 
_pdbx_modification_feature.modified_residue_label_seq_id 
_pdbx_modification_feature.modified_residue_label_alt_id 
_pdbx_modification_feature.auth_comp_id 
_pdbx_modification_feature.auth_asym_id 
_pdbx_modification_feature.auth_seq_id 
_pdbx_modification_feature.PDB_ins_code 
_pdbx_modification_feature.symmetry 
_pdbx_modification_feature.modified_residue_auth_comp_id 
_pdbx_modification_feature.modified_residue_auth_asym_id 
_pdbx_modification_feature.modified_residue_auth_seq_id 
_pdbx_modification_feature.modified_residue_PDB_ins_code 
_pdbx_modification_feature.modified_residue_symmetry 
_pdbx_modification_feature.comp_id_linking_atom 
_pdbx_modification_feature.modified_residue_id_linking_atom 
_pdbx_modification_feature.modified_residue_id 
_pdbx_modification_feature.ref_pcm_id 
_pdbx_modification_feature.ref_comp_id 
_pdbx_modification_feature.type 
_pdbx_modification_feature.category 
1 SEP A 61  ? .   . .   . SEP A 61  ? 1_555 .   . .   . .     .  .  SER 1 SEP Phosphorylation 'Named protein modification' 
2 CYS A 5   ? CYS A 16  ? CYS A 5   ? 1_555 CYS A 16  ? 1_555 SG SG .   . .   None            'Disulfide bridge'           
3 CYS A 33  ? CYS A 138 ? CYS A 33  ? 1_555 CYS A 138 ? 1_555 SG SG .   . .   None            'Disulfide bridge'           
4 CYS A 113 ? CYS A 130 ? CYS A 113 ? 1_555 CYS A 130 ? 1_555 SG SG .   . .   None            'Disulfide bridge'           
# 
loop_
_struct_sheet.id 
_struct_sheet.type 
_struct_sheet.number_strands 
_struct_sheet.details 
AA ? 4 ? 
AB ? 6 ? 
AC ? 2 ? 
# 
loop_
_struct_sheet_order.sheet_id 
_struct_sheet_order.range_id_1 
_struct_sheet_order.range_id_2 
_struct_sheet_order.offset 
_struct_sheet_order.sense 
AA 1 2 ? anti-parallel 
AA 2 3 ? anti-parallel 
AA 3 4 ? anti-parallel 
AB 1 2 ? anti-parallel 
AB 2 3 ? anti-parallel 
AB 3 4 ? parallel      
AB 4 5 ? anti-parallel 
AB 5 6 ? anti-parallel 
AC 1 2 ? parallel      
# 
loop_
_struct_sheet_range.sheet_id 
_struct_sheet_range.id 
_struct_sheet_range.beg_label_comp_id 
_struct_sheet_range.beg_label_asym_id 
_struct_sheet_range.beg_label_seq_id 
_struct_sheet_range.pdbx_beg_PDB_ins_code 
_struct_sheet_range.end_label_comp_id 
_struct_sheet_range.end_label_asym_id 
_struct_sheet_range.end_label_seq_id 
_struct_sheet_range.pdbx_end_PDB_ins_code 
_struct_sheet_range.beg_auth_comp_id 
_struct_sheet_range.beg_auth_asym_id 
_struct_sheet_range.beg_auth_seq_id 
_struct_sheet_range.end_auth_comp_id 
_struct_sheet_range.end_auth_asym_id 
_struct_sheet_range.end_auth_seq_id 
AA 1 VAL A 10  ? THR A 12  ? VAL A 10  THR A 12  
AA 2 GLY A 15  ? LEU A 24  ? GLY A 15  LEU A 24  
AA 3 ASN A 134 ? ALA A 141 ? ASN A 134 ALA A 141 
AA 4 GLY A 39  ? LEU A 42  ? GLY A 39  LEU A 42  
AB 1 VAL A 10  ? THR A 12  ? VAL A 10  THR A 12  
AB 2 GLY A 15  ? LEU A 24  ? GLY A 15  LEU A 24  
AB 3 ASN A 134 ? ALA A 141 ? ASN A 134 ALA A 141 
AB 4 VAL A 75  ? ARG A 81  ? VAL A 75  ARG A 81  
AB 5 CYS A 113 ? LEU A 116 ? CYS A 113 LEU A 116 
AB 6 TRP A 125 ? PRO A 129 ? TRP A 125 PRO A 129 
AC 1 VAL A 75  ? ARG A 81  ? VAL A 75  ARG A 81  
AC 2 TRP A 88  ? SER A 91  ? TRP A 88  SER A 91  
# 
loop_
_pdbx_struct_sheet_hbond.sheet_id 
_pdbx_struct_sheet_hbond.range_id_1 
_pdbx_struct_sheet_hbond.range_id_2 
_pdbx_struct_sheet_hbond.range_1_label_atom_id 
_pdbx_struct_sheet_hbond.range_1_label_comp_id 
_pdbx_struct_sheet_hbond.range_1_label_asym_id 
_pdbx_struct_sheet_hbond.range_1_label_seq_id 
_pdbx_struct_sheet_hbond.range_1_PDB_ins_code 
_pdbx_struct_sheet_hbond.range_1_auth_atom_id 
_pdbx_struct_sheet_hbond.range_1_auth_comp_id 
_pdbx_struct_sheet_hbond.range_1_auth_asym_id 
_pdbx_struct_sheet_hbond.range_1_auth_seq_id 
_pdbx_struct_sheet_hbond.range_2_label_atom_id 
_pdbx_struct_sheet_hbond.range_2_label_comp_id 
_pdbx_struct_sheet_hbond.range_2_label_asym_id 
_pdbx_struct_sheet_hbond.range_2_label_seq_id 
_pdbx_struct_sheet_hbond.range_2_PDB_ins_code 
_pdbx_struct_sheet_hbond.range_2_auth_atom_id 
_pdbx_struct_sheet_hbond.range_2_auth_comp_id 
_pdbx_struct_sheet_hbond.range_2_auth_asym_id 
_pdbx_struct_sheet_hbond.range_2_auth_seq_id 
AA 1 2 N THR A 12  ? N THR A 12  O GLY A 15  ? O GLY A 15  
AA 2 3 N LEU A 24  ? N LEU A 24  O ASN A 134 ? O ASN A 134 
AA 3 4 N LYS A 139 ? N LYS A 139 O HIS A 41  ? O HIS A 41  
AB 1 2 N THR A 12  ? N THR A 12  O GLY A 15  ? O GLY A 15  
AB 2 3 N LEU A 24  ? N LEU A 24  O ASN A 134 ? O ASN A 134 
AB 3 4 N VAL A 137 ? N VAL A 137 O TRP A 76  ? O TRP A 76  
AB 4 5 N ILE A 77  ? N ILE A 77  O ALA A 114 ? O ALA A 114 
AB 5 6 N ALA A 115 ? N ALA A 115 O ALA A 126 ? O ALA A 126 
AC 1 2 N ARG A 89  ? N ARG A 89  O HIS A 80  ? O HIS A 80  
# 
_pdbx_entry_details.entry_id                   1GZ2 
_pdbx_entry_details.compound_details           ? 
_pdbx_entry_details.source_details             ? 
_pdbx_entry_details.nonpolymer_details         ? 
_pdbx_entry_details.sequence_details           ? 
_pdbx_entry_details.has_ligand_of_interest     ? 
_pdbx_entry_details.has_protein_modification   Y 
# 
loop_
_pdbx_validate_torsion.id 
_pdbx_validate_torsion.PDB_model_num 
_pdbx_validate_torsion.auth_comp_id 
_pdbx_validate_torsion.auth_asym_id 
_pdbx_validate_torsion.auth_seq_id 
_pdbx_validate_torsion.PDB_ins_code 
_pdbx_validate_torsion.label_alt_id 
_pdbx_validate_torsion.phi 
_pdbx_validate_torsion.psi 
1 1 ARG A 62 ? ? -175.23 80.73   
2 1 ASP A 65 ? ? -130.17 -57.66  
3 1 GLU A 69 ? ? -107.95 -169.62 
4 1 ARG A 97 ? ? -150.59 -31.30  
# 
_pdbx_struct_mod_residue.id               1 
_pdbx_struct_mod_residue.label_asym_id    A 
_pdbx_struct_mod_residue.label_comp_id    SEP 
_pdbx_struct_mod_residue.label_seq_id     61 
_pdbx_struct_mod_residue.auth_asym_id     A 
_pdbx_struct_mod_residue.auth_comp_id     SEP 
_pdbx_struct_mod_residue.auth_seq_id      61 
_pdbx_struct_mod_residue.PDB_ins_code     ? 
_pdbx_struct_mod_residue.parent_comp_id   SER 
_pdbx_struct_mod_residue.details          PHOSPHOSERINE 
# 
_pdbx_database_remark.id     700 
_pdbx_database_remark.text   
;
SHEET
THE SHEET STRUCTURE OF THIS MOLECULE IS BIFURCATED. IN
ORDER TO REPRESENT THIS FEATURE IN THE SHEET RECORDS BELOW,
TWO SHEETS ARE DEFINED.
;
# 
loop_
_pdbx_unobs_or_zero_occ_residues.id 
_pdbx_unobs_or_zero_occ_residues.PDB_model_num 
_pdbx_unobs_or_zero_occ_residues.polymer_flag 
_pdbx_unobs_or_zero_occ_residues.occupancy_flag 
_pdbx_unobs_or_zero_occ_residues.auth_asym_id 
_pdbx_unobs_or_zero_occ_residues.auth_comp_id 
_pdbx_unobs_or_zero_occ_residues.auth_seq_id 
_pdbx_unobs_or_zero_occ_residues.PDB_ins_code 
_pdbx_unobs_or_zero_occ_residues.label_asym_id 
_pdbx_unobs_or_zero_occ_residues.label_comp_id 
_pdbx_unobs_or_zero_occ_residues.label_seq_id 
1 1 Y 1 A ASP 1  ? A ASP 1  
2 1 Y 1 A PRO 2  ? A PRO 2  
3 1 Y 1 A ASP 3  ? A ASP 3  
4 1 Y 0 A GLY 64 ? A GLY 64 
5 1 Y 0 A ASP 65 ? A ASP 65 
6 1 Y 0 A GLY 66 ? A GLY 66 
7 1 Y 0 A SER 67 ? A SER 67 
8 1 Y 0 A GLY 68 ? A GLY 68 
# 
loop_
_chem_comp_atom.comp_id 
_chem_comp_atom.atom_id 
_chem_comp_atom.type_symbol 
_chem_comp_atom.pdbx_aromatic_flag 
_chem_comp_atom.pdbx_stereo_config 
_chem_comp_atom.pdbx_ordinal 
ALA N    N N N 1   
ALA CA   C N S 2   
ALA C    C N N 3   
ALA O    O N N 4   
ALA CB   C N N 5   
ALA OXT  O N N 6   
ALA H    H N N 7   
ALA H2   H N N 8   
ALA HA   H N N 9   
ALA HB1  H N N 10  
ALA HB2  H N N 11  
ALA HB3  H N N 12  
ALA HXT  H N N 13  
ARG N    N N N 14  
ARG CA   C N S 15  
ARG C    C N N 16  
ARG O    O N N 17  
ARG CB   C N N 18  
ARG CG   C N N 19  
ARG CD   C N N 20  
ARG NE   N N N 21  
ARG CZ   C N N 22  
ARG NH1  N N N 23  
ARG NH2  N N N 24  
ARG OXT  O N N 25  
ARG H    H N N 26  
ARG H2   H N N 27  
ARG HA   H N N 28  
ARG HB2  H N N 29  
ARG HB3  H N N 30  
ARG HG2  H N N 31  
ARG HG3  H N N 32  
ARG HD2  H N N 33  
ARG HD3  H N N 34  
ARG HE   H N N 35  
ARG HH11 H N N 36  
ARG HH12 H N N 37  
ARG HH21 H N N 38  
ARG HH22 H N N 39  
ARG HXT  H N N 40  
ASN N    N N N 41  
ASN CA   C N S 42  
ASN C    C N N 43  
ASN O    O N N 44  
ASN CB   C N N 45  
ASN CG   C N N 46  
ASN OD1  O N N 47  
ASN ND2  N N N 48  
ASN OXT  O N N 49  
ASN H    H N N 50  
ASN H2   H N N 51  
ASN HA   H N N 52  
ASN HB2  H N N 53  
ASN HB3  H N N 54  
ASN HD21 H N N 55  
ASN HD22 H N N 56  
ASN HXT  H N N 57  
ASP N    N N N 58  
ASP CA   C N S 59  
ASP C    C N N 60  
ASP O    O N N 61  
ASP CB   C N N 62  
ASP CG   C N N 63  
ASP OD1  O N N 64  
ASP OD2  O N N 65  
ASP OXT  O N N 66  
ASP H    H N N 67  
ASP H2   H N N 68  
ASP HA   H N N 69  
ASP HB2  H N N 70  
ASP HB3  H N N 71  
ASP HD2  H N N 72  
ASP HXT  H N N 73  
CYS N    N N N 74  
CYS CA   C N R 75  
CYS C    C N N 76  
CYS O    O N N 77  
CYS CB   C N N 78  
CYS SG   S N N 79  
CYS OXT  O N N 80  
CYS H    H N N 81  
CYS H2   H N N 82  
CYS HA   H N N 83  
CYS HB2  H N N 84  
CYS HB3  H N N 85  
CYS HG   H N N 86  
CYS HXT  H N N 87  
GLU N    N N N 88  
GLU CA   C N S 89  
GLU C    C N N 90  
GLU O    O N N 91  
GLU CB   C N N 92  
GLU CG   C N N 93  
GLU CD   C N N 94  
GLU OE1  O N N 95  
GLU OE2  O N N 96  
GLU OXT  O N N 97  
GLU H    H N N 98  
GLU H2   H N N 99  
GLU HA   H N N 100 
GLU HB2  H N N 101 
GLU HB3  H N N 102 
GLU HG2  H N N 103 
GLU HG3  H N N 104 
GLU HE2  H N N 105 
GLU HXT  H N N 106 
GLY N    N N N 107 
GLY CA   C N N 108 
GLY C    C N N 109 
GLY O    O N N 110 
GLY OXT  O N N 111 
GLY H    H N N 112 
GLY H2   H N N 113 
GLY HA2  H N N 114 
GLY HA3  H N N 115 
GLY HXT  H N N 116 
HIS N    N N N 117 
HIS CA   C N S 118 
HIS C    C N N 119 
HIS O    O N N 120 
HIS CB   C N N 121 
HIS CG   C Y N 122 
HIS ND1  N Y N 123 
HIS CD2  C Y N 124 
HIS CE1  C Y N 125 
HIS NE2  N Y N 126 
HIS OXT  O N N 127 
HIS H    H N N 128 
HIS H2   H N N 129 
HIS HA   H N N 130 
HIS HB2  H N N 131 
HIS HB3  H N N 132 
HIS HD1  H N N 133 
HIS HD2  H N N 134 
HIS HE1  H N N 135 
HIS HE2  H N N 136 
HIS HXT  H N N 137 
HOH O    O N N 138 
HOH H1   H N N 139 
HOH H2   H N N 140 
ILE N    N N N 141 
ILE CA   C N S 142 
ILE C    C N N 143 
ILE O    O N N 144 
ILE CB   C N S 145 
ILE CG1  C N N 146 
ILE CG2  C N N 147 
ILE CD1  C N N 148 
ILE OXT  O N N 149 
ILE H    H N N 150 
ILE H2   H N N 151 
ILE HA   H N N 152 
ILE HB   H N N 153 
ILE HG12 H N N 154 
ILE HG13 H N N 155 
ILE HG21 H N N 156 
ILE HG22 H N N 157 
ILE HG23 H N N 158 
ILE HD11 H N N 159 
ILE HD12 H N N 160 
ILE HD13 H N N 161 
ILE HXT  H N N 162 
LEU N    N N N 163 
LEU CA   C N S 164 
LEU C    C N N 165 
LEU O    O N N 166 
LEU CB   C N N 167 
LEU CG   C N N 168 
LEU CD1  C N N 169 
LEU CD2  C N N 170 
LEU OXT  O N N 171 
LEU H    H N N 172 
LEU H2   H N N 173 
LEU HA   H N N 174 
LEU HB2  H N N 175 
LEU HB3  H N N 176 
LEU HG   H N N 177 
LEU HD11 H N N 178 
LEU HD12 H N N 179 
LEU HD13 H N N 180 
LEU HD21 H N N 181 
LEU HD22 H N N 182 
LEU HD23 H N N 183 
LEU HXT  H N N 184 
LYS N    N N N 185 
LYS CA   C N S 186 
LYS C    C N N 187 
LYS O    O N N 188 
LYS CB   C N N 189 
LYS CG   C N N 190 
LYS CD   C N N 191 
LYS CE   C N N 192 
LYS NZ   N N N 193 
LYS OXT  O N N 194 
LYS H    H N N 195 
LYS H2   H N N 196 
LYS HA   H N N 197 
LYS HB2  H N N 198 
LYS HB3  H N N 199 
LYS HG2  H N N 200 
LYS HG3  H N N 201 
LYS HD2  H N N 202 
LYS HD3  H N N 203 
LYS HE2  H N N 204 
LYS HE3  H N N 205 
LYS HZ1  H N N 206 
LYS HZ2  H N N 207 
LYS HZ3  H N N 208 
LYS HXT  H N N 209 
PHE N    N N N 210 
PHE CA   C N S 211 
PHE C    C N N 212 
PHE O    O N N 213 
PHE CB   C N N 214 
PHE CG   C Y N 215 
PHE CD1  C Y N 216 
PHE CD2  C Y N 217 
PHE CE1  C Y N 218 
PHE CE2  C Y N 219 
PHE CZ   C Y N 220 
PHE OXT  O N N 221 
PHE H    H N N 222 
PHE H2   H N N 223 
PHE HA   H N N 224 
PHE HB2  H N N 225 
PHE HB3  H N N 226 
PHE HD1  H N N 227 
PHE HD2  H N N 228 
PHE HE1  H N N 229 
PHE HE2  H N N 230 
PHE HZ   H N N 231 
PHE HXT  H N N 232 
PRO N    N N N 233 
PRO CA   C N S 234 
PRO C    C N N 235 
PRO O    O N N 236 
PRO CB   C N N 237 
PRO CG   C N N 238 
PRO CD   C N N 239 
PRO OXT  O N N 240 
PRO H    H N N 241 
PRO HA   H N N 242 
PRO HB2  H N N 243 
PRO HB3  H N N 244 
PRO HG2  H N N 245 
PRO HG3  H N N 246 
PRO HD2  H N N 247 
PRO HD3  H N N 248 
PRO HXT  H N N 249 
SEP N    N N N 250 
SEP CA   C N S 251 
SEP CB   C N N 252 
SEP OG   O N N 253 
SEP C    C N N 254 
SEP O    O N N 255 
SEP OXT  O N N 256 
SEP P    P N N 257 
SEP O1P  O N N 258 
SEP O2P  O N N 259 
SEP O3P  O N N 260 
SEP H    H N N 261 
SEP H2   H N N 262 
SEP HA   H N N 263 
SEP HB2  H N N 264 
SEP HB3  H N N 265 
SEP HXT  H N N 266 
SEP HOP2 H N N 267 
SEP HOP3 H N N 268 
SER N    N N N 269 
SER CA   C N S 270 
SER C    C N N 271 
SER O    O N N 272 
SER CB   C N N 273 
SER OG   O N N 274 
SER OXT  O N N 275 
SER H    H N N 276 
SER H2   H N N 277 
SER HA   H N N 278 
SER HB2  H N N 279 
SER HB3  H N N 280 
SER HG   H N N 281 
SER HXT  H N N 282 
THR N    N N N 283 
THR CA   C N S 284 
THR C    C N N 285 
THR O    O N N 286 
THR CB   C N R 287 
THR OG1  O N N 288 
THR CG2  C N N 289 
THR OXT  O N N 290 
THR H    H N N 291 
THR H2   H N N 292 
THR HA   H N N 293 
THR HB   H N N 294 
THR HG1  H N N 295 
THR HG21 H N N 296 
THR HG22 H N N 297 
THR HG23 H N N 298 
THR HXT  H N N 299 
TRP N    N N N 300 
TRP CA   C N S 301 
TRP C    C N N 302 
TRP O    O N N 303 
TRP CB   C N N 304 
TRP CG   C Y N 305 
TRP CD1  C Y N 306 
TRP CD2  C Y N 307 
TRP NE1  N Y N 308 
TRP CE2  C Y N 309 
TRP CE3  C Y N 310 
TRP CZ2  C Y N 311 
TRP CZ3  C Y N 312 
TRP CH2  C Y N 313 
TRP OXT  O N N 314 
TRP H    H N N 315 
TRP H2   H N N 316 
TRP HA   H N N 317 
TRP HB2  H N N 318 
TRP HB3  H N N 319 
TRP HD1  H N N 320 
TRP HE1  H N N 321 
TRP HE3  H N N 322 
TRP HZ2  H N N 323 
TRP HZ3  H N N 324 
TRP HH2  H N N 325 
TRP HXT  H N N 326 
VAL N    N N N 327 
VAL CA   C N S 328 
VAL C    C N N 329 
VAL O    O N N 330 
VAL CB   C N N 331 
VAL CG1  C N N 332 
VAL CG2  C N N 333 
VAL OXT  O N N 334 
VAL H    H N N 335 
VAL H2   H N N 336 
VAL HA   H N N 337 
VAL HB   H N N 338 
VAL HG11 H N N 339 
VAL HG12 H N N 340 
VAL HG13 H N N 341 
VAL HG21 H N N 342 
VAL HG22 H N N 343 
VAL HG23 H N N 344 
VAL HXT  H N N 345 
# 
loop_
_chem_comp_bond.comp_id 
_chem_comp_bond.atom_id_1 
_chem_comp_bond.atom_id_2 
_chem_comp_bond.value_order 
_chem_comp_bond.pdbx_aromatic_flag 
_chem_comp_bond.pdbx_stereo_config 
_chem_comp_bond.pdbx_ordinal 
ALA N   CA   sing N N 1   
ALA N   H    sing N N 2   
ALA N   H2   sing N N 3   
ALA CA  C    sing N N 4   
ALA CA  CB   sing N N 5   
ALA CA  HA   sing N N 6   
ALA C   O    doub N N 7   
ALA C   OXT  sing N N 8   
ALA CB  HB1  sing N N 9   
ALA CB  HB2  sing N N 10  
ALA CB  HB3  sing N N 11  
ALA OXT HXT  sing N N 12  
ARG N   CA   sing N N 13  
ARG N   H    sing N N 14  
ARG N   H2   sing N N 15  
ARG CA  C    sing N N 16  
ARG CA  CB   sing N N 17  
ARG CA  HA   sing N N 18  
ARG C   O    doub N N 19  
ARG C   OXT  sing N N 20  
ARG CB  CG   sing N N 21  
ARG CB  HB2  sing N N 22  
ARG CB  HB3  sing N N 23  
ARG CG  CD   sing N N 24  
ARG CG  HG2  sing N N 25  
ARG CG  HG3  sing N N 26  
ARG CD  NE   sing N N 27  
ARG CD  HD2  sing N N 28  
ARG CD  HD3  sing N N 29  
ARG NE  CZ   sing N N 30  
ARG NE  HE   sing N N 31  
ARG CZ  NH1  sing N N 32  
ARG CZ  NH2  doub N N 33  
ARG NH1 HH11 sing N N 34  
ARG NH1 HH12 sing N N 35  
ARG NH2 HH21 sing N N 36  
ARG NH2 HH22 sing N N 37  
ARG OXT HXT  sing N N 38  
ASN N   CA   sing N N 39  
ASN N   H    sing N N 40  
ASN N   H2   sing N N 41  
ASN CA  C    sing N N 42  
ASN CA  CB   sing N N 43  
ASN CA  HA   sing N N 44  
ASN C   O    doub N N 45  
ASN C   OXT  sing N N 46  
ASN CB  CG   sing N N 47  
ASN CB  HB2  sing N N 48  
ASN CB  HB3  sing N N 49  
ASN CG  OD1  doub N N 50  
ASN CG  ND2  sing N N 51  
ASN ND2 HD21 sing N N 52  
ASN ND2 HD22 sing N N 53  
ASN OXT HXT  sing N N 54  
ASP N   CA   sing N N 55  
ASP N   H    sing N N 56  
ASP N   H2   sing N N 57  
ASP CA  C    sing N N 58  
ASP CA  CB   sing N N 59  
ASP CA  HA   sing N N 60  
ASP C   O    doub N N 61  
ASP C   OXT  sing N N 62  
ASP CB  CG   sing N N 63  
ASP CB  HB2  sing N N 64  
ASP CB  HB3  sing N N 65  
ASP CG  OD1  doub N N 66  
ASP CG  OD2  sing N N 67  
ASP OD2 HD2  sing N N 68  
ASP OXT HXT  sing N N 69  
CYS N   CA   sing N N 70  
CYS N   H    sing N N 71  
CYS N   H2   sing N N 72  
CYS CA  C    sing N N 73  
CYS CA  CB   sing N N 74  
CYS CA  HA   sing N N 75  
CYS C   O    doub N N 76  
CYS C   OXT  sing N N 77  
CYS CB  SG   sing N N 78  
CYS CB  HB2  sing N N 79  
CYS CB  HB3  sing N N 80  
CYS SG  HG   sing N N 81  
CYS OXT HXT  sing N N 82  
GLU N   CA   sing N N 83  
GLU N   H    sing N N 84  
GLU N   H2   sing N N 85  
GLU CA  C    sing N N 86  
GLU CA  CB   sing N N 87  
GLU CA  HA   sing N N 88  
GLU C   O    doub N N 89  
GLU C   OXT  sing N N 90  
GLU CB  CG   sing N N 91  
GLU CB  HB2  sing N N 92  
GLU CB  HB3  sing N N 93  
GLU CG  CD   sing N N 94  
GLU CG  HG2  sing N N 95  
GLU CG  HG3  sing N N 96  
GLU CD  OE1  doub N N 97  
GLU CD  OE2  sing N N 98  
GLU OE2 HE2  sing N N 99  
GLU OXT HXT  sing N N 100 
GLY N   CA   sing N N 101 
GLY N   H    sing N N 102 
GLY N   H2   sing N N 103 
GLY CA  C    sing N N 104 
GLY CA  HA2  sing N N 105 
GLY CA  HA3  sing N N 106 
GLY C   O    doub N N 107 
GLY C   OXT  sing N N 108 
GLY OXT HXT  sing N N 109 
HIS N   CA   sing N N 110 
HIS N   H    sing N N 111 
HIS N   H2   sing N N 112 
HIS CA  C    sing N N 113 
HIS CA  CB   sing N N 114 
HIS CA  HA   sing N N 115 
HIS C   O    doub N N 116 
HIS C   OXT  sing N N 117 
HIS CB  CG   sing N N 118 
HIS CB  HB2  sing N N 119 
HIS CB  HB3  sing N N 120 
HIS CG  ND1  sing Y N 121 
HIS CG  CD2  doub Y N 122 
HIS ND1 CE1  doub Y N 123 
HIS ND1 HD1  sing N N 124 
HIS CD2 NE2  sing Y N 125 
HIS CD2 HD2  sing N N 126 
HIS CE1 NE2  sing Y N 127 
HIS CE1 HE1  sing N N 128 
HIS NE2 HE2  sing N N 129 
HIS OXT HXT  sing N N 130 
HOH O   H1   sing N N 131 
HOH O   H2   sing N N 132 
ILE N   CA   sing N N 133 
ILE N   H    sing N N 134 
ILE N   H2   sing N N 135 
ILE CA  C    sing N N 136 
ILE CA  CB   sing N N 137 
ILE CA  HA   sing N N 138 
ILE C   O    doub N N 139 
ILE C   OXT  sing N N 140 
ILE CB  CG1  sing N N 141 
ILE CB  CG2  sing N N 142 
ILE CB  HB   sing N N 143 
ILE CG1 CD1  sing N N 144 
ILE CG1 HG12 sing N N 145 
ILE CG1 HG13 sing N N 146 
ILE CG2 HG21 sing N N 147 
ILE CG2 HG22 sing N N 148 
ILE CG2 HG23 sing N N 149 
ILE CD1 HD11 sing N N 150 
ILE CD1 HD12 sing N N 151 
ILE CD1 HD13 sing N N 152 
ILE OXT HXT  sing N N 153 
LEU N   CA   sing N N 154 
LEU N   H    sing N N 155 
LEU N   H2   sing N N 156 
LEU CA  C    sing N N 157 
LEU CA  CB   sing N N 158 
LEU CA  HA   sing N N 159 
LEU C   O    doub N N 160 
LEU C   OXT  sing N N 161 
LEU CB  CG   sing N N 162 
LEU CB  HB2  sing N N 163 
LEU CB  HB3  sing N N 164 
LEU CG  CD1  sing N N 165 
LEU CG  CD2  sing N N 166 
LEU CG  HG   sing N N 167 
LEU CD1 HD11 sing N N 168 
LEU CD1 HD12 sing N N 169 
LEU CD1 HD13 sing N N 170 
LEU CD2 HD21 sing N N 171 
LEU CD2 HD22 sing N N 172 
LEU CD2 HD23 sing N N 173 
LEU OXT HXT  sing N N 174 
LYS N   CA   sing N N 175 
LYS N   H    sing N N 176 
LYS N   H2   sing N N 177 
LYS CA  C    sing N N 178 
LYS CA  CB   sing N N 179 
LYS CA  HA   sing N N 180 
LYS C   O    doub N N 181 
LYS C   OXT  sing N N 182 
LYS CB  CG   sing N N 183 
LYS CB  HB2  sing N N 184 
LYS CB  HB3  sing N N 185 
LYS CG  CD   sing N N 186 
LYS CG  HG2  sing N N 187 
LYS CG  HG3  sing N N 188 
LYS CD  CE   sing N N 189 
LYS CD  HD2  sing N N 190 
LYS CD  HD3  sing N N 191 
LYS CE  NZ   sing N N 192 
LYS CE  HE2  sing N N 193 
LYS CE  HE3  sing N N 194 
LYS NZ  HZ1  sing N N 195 
LYS NZ  HZ2  sing N N 196 
LYS NZ  HZ3  sing N N 197 
LYS OXT HXT  sing N N 198 
PHE N   CA   sing N N 199 
PHE N   H    sing N N 200 
PHE N   H2   sing N N 201 
PHE CA  C    sing N N 202 
PHE CA  CB   sing N N 203 
PHE CA  HA   sing N N 204 
PHE C   O    doub N N 205 
PHE C   OXT  sing N N 206 
PHE CB  CG   sing N N 207 
PHE CB  HB2  sing N N 208 
PHE CB  HB3  sing N N 209 
PHE CG  CD1  doub Y N 210 
PHE CG  CD2  sing Y N 211 
PHE CD1 CE1  sing Y N 212 
PHE CD1 HD1  sing N N 213 
PHE CD2 CE2  doub Y N 214 
PHE CD2 HD2  sing N N 215 
PHE CE1 CZ   doub Y N 216 
PHE CE1 HE1  sing N N 217 
PHE CE2 CZ   sing Y N 218 
PHE CE2 HE2  sing N N 219 
PHE CZ  HZ   sing N N 220 
PHE OXT HXT  sing N N 221 
PRO N   CA   sing N N 222 
PRO N   CD   sing N N 223 
PRO N   H    sing N N 224 
PRO CA  C    sing N N 225 
PRO CA  CB   sing N N 226 
PRO CA  HA   sing N N 227 
PRO C   O    doub N N 228 
PRO C   OXT  sing N N 229 
PRO CB  CG   sing N N 230 
PRO CB  HB2  sing N N 231 
PRO CB  HB3  sing N N 232 
PRO CG  CD   sing N N 233 
PRO CG  HG2  sing N N 234 
PRO CG  HG3  sing N N 235 
PRO CD  HD2  sing N N 236 
PRO CD  HD3  sing N N 237 
PRO OXT HXT  sing N N 238 
SEP N   CA   sing N N 239 
SEP N   H    sing N N 240 
SEP N   H2   sing N N 241 
SEP CA  CB   sing N N 242 
SEP CA  C    sing N N 243 
SEP CA  HA   sing N N 244 
SEP CB  OG   sing N N 245 
SEP CB  HB2  sing N N 246 
SEP CB  HB3  sing N N 247 
SEP OG  P    sing N N 248 
SEP C   O    doub N N 249 
SEP C   OXT  sing N N 250 
SEP OXT HXT  sing N N 251 
SEP P   O1P  doub N N 252 
SEP P   O2P  sing N N 253 
SEP P   O3P  sing N N 254 
SEP O2P HOP2 sing N N 255 
SEP O3P HOP3 sing N N 256 
SER N   CA   sing N N 257 
SER N   H    sing N N 258 
SER N   H2   sing N N 259 
SER CA  C    sing N N 260 
SER CA  CB   sing N N 261 
SER CA  HA   sing N N 262 
SER C   O    doub N N 263 
SER C   OXT  sing N N 264 
SER CB  OG   sing N N 265 
SER CB  HB2  sing N N 266 
SER CB  HB3  sing N N 267 
SER OG  HG   sing N N 268 
SER OXT HXT  sing N N 269 
THR N   CA   sing N N 270 
THR N   H    sing N N 271 
THR N   H2   sing N N 272 
THR CA  C    sing N N 273 
THR CA  CB   sing N N 274 
THR CA  HA   sing N N 275 
THR C   O    doub N N 276 
THR C   OXT  sing N N 277 
THR CB  OG1  sing N N 278 
THR CB  CG2  sing N N 279 
THR CB  HB   sing N N 280 
THR OG1 HG1  sing N N 281 
THR CG2 HG21 sing N N 282 
THR CG2 HG22 sing N N 283 
THR CG2 HG23 sing N N 284 
THR OXT HXT  sing N N 285 
TRP N   CA   sing N N 286 
TRP N   H    sing N N 287 
TRP N   H2   sing N N 288 
TRP CA  C    sing N N 289 
TRP CA  CB   sing N N 290 
TRP CA  HA   sing N N 291 
TRP C   O    doub N N 292 
TRP C   OXT  sing N N 293 
TRP CB  CG   sing N N 294 
TRP CB  HB2  sing N N 295 
TRP CB  HB3  sing N N 296 
TRP CG  CD1  doub Y N 297 
TRP CG  CD2  sing Y N 298 
TRP CD1 NE1  sing Y N 299 
TRP CD1 HD1  sing N N 300 
TRP CD2 CE2  doub Y N 301 
TRP CD2 CE3  sing Y N 302 
TRP NE1 CE2  sing Y N 303 
TRP NE1 HE1  sing N N 304 
TRP CE2 CZ2  sing Y N 305 
TRP CE3 CZ3  doub Y N 306 
TRP CE3 HE3  sing N N 307 
TRP CZ2 CH2  doub Y N 308 
TRP CZ2 HZ2  sing N N 309 
TRP CZ3 CH2  sing Y N 310 
TRP CZ3 HZ3  sing N N 311 
TRP CH2 HH2  sing N N 312 
TRP OXT HXT  sing N N 313 
VAL N   CA   sing N N 314 
VAL N   H    sing N N 315 
VAL N   H2   sing N N 316 
VAL CA  C    sing N N 317 
VAL CA  CB   sing N N 318 
VAL CA  HA   sing N N 319 
VAL C   O    doub N N 320 
VAL C   OXT  sing N N 321 
VAL CB  CG1  sing N N 322 
VAL CB  CG2  sing N N 323 
VAL CB  HB   sing N N 324 
VAL CG1 HG11 sing N N 325 
VAL CG1 HG12 sing N N 326 
VAL CG1 HG13 sing N N 327 
VAL CG2 HG21 sing N N 328 
VAL CG2 HG22 sing N N 329 
VAL CG2 HG23 sing N N 330 
VAL OXT HXT  sing N N 331 
# 
_pdbx_initial_refinement_model.id               1 
_pdbx_initial_refinement_model.entity_id_list   ? 
_pdbx_initial_refinement_model.type             'experimental model' 
_pdbx_initial_refinement_model.source_name      PDB 
_pdbx_initial_refinement_model.accession_code   1LIT 
_pdbx_initial_refinement_model.details          'PDB ENTRY 1LIT' 
# 
_atom_sites.entry_id                    1GZ2 
_atom_sites.fract_transf_matrix[1][1]   -0.00204192 
_atom_sites.fract_transf_matrix[1][2]   -0.01729766 
_atom_sites.fract_transf_matrix[1][3]   -0.00945687 
_atom_sites.fract_transf_matrix[2][1]   -0.00613201 
_atom_sites.fract_transf_matrix[2][2]   -0.01604106 
_atom_sites.fract_transf_matrix[2][3]   0.00989521 
_atom_sites.fract_transf_matrix[3][1]   -0.01150929 
_atom_sites.fract_transf_matrix[3][2]   0.00278747 
_atom_sites.fract_transf_matrix[3][3]   -0.00261350 
_atom_sites.fract_transf_vector[1]      0.248377 
_atom_sites.fract_transf_vector[2]      0.646785 
_atom_sites.fract_transf_vector[3]      0.432545 
# 
loop_
_atom_type.symbol 
C 
N 
O 
P 
S 
# 
loop_
_atom_site.group_PDB 
_atom_site.id 
_atom_site.type_symbol 
_atom_site.label_atom_id 
_atom_site.label_alt_id 
_atom_site.label_comp_id 
_atom_site.label_asym_id 
_atom_site.label_entity_id 
_atom_site.label_seq_id 
_atom_site.pdbx_PDB_ins_code 
_atom_site.Cartn_x 
_atom_site.Cartn_y 
_atom_site.Cartn_z 
_atom_site.occupancy 
_atom_site.B_iso_or_equiv 
_atom_site.pdbx_formal_charge 
_atom_site.auth_seq_id 
_atom_site.auth_comp_id 
_atom_site.auth_asym_id 
_atom_site.auth_atom_id 
_atom_site.pdbx_PDB_model_num 
ATOM   1    N N   . GLY A 1 4   ? -5.776  -8.918  17.368  1.00   40.13 ? 4    GLY A N   1 
ATOM   2    C CA  . GLY A 1 4   ? -5.044  -10.209 17.257  1.00   39.37 ? 4    GLY A CA  1 
ATOM   3    C C   . GLY A 1 4   ? -4.835  -10.621 15.814  1.00   38.83 ? 4    GLY A C   1 
ATOM   4    O O   . GLY A 1 4   ? -5.635  -11.370 15.250  1.00   39.49 ? 4    GLY A O   1 
ATOM   5    N N   . CYS A 1 5   ? -3.756  -10.133 15.212  1.00   37.53 ? 5    CYS A N   1 
ATOM   6    C CA  . CYS A 1 5   ? -3.449  -10.452 13.824  1.00   36.02 ? 5    CYS A CA  1 
ATOM   7    C C   . CYS A 1 5   ? -2.699  -11.771 13.721  1.00   37.30 ? 5    CYS A C   1 
ATOM   8    O O   . CYS A 1 5   ? -1.817  -12.060 14.530  1.00   38.15 ? 5    CYS A O   1 
ATOM   9    C CB  . CYS A 1 5   ? -2.621  -9.329  13.202  1.00   32.24 ? 5    CYS A CB  1 
ATOM   10   S SG  . CYS A 1 5   ? -3.449  -7.706  13.219  1.00   26.95 ? 5    CYS A SG  1 
ATOM   11   N N   . GLY A 1 6   ? -3.055  -12.570 12.719  1.00   38.49 ? 6    GLY A N   1 
ATOM   12   C CA  . GLY A 1 6   ? -2.411  -13.856 12.530  1.00   39.68 ? 6    GLY A CA  1 
ATOM   13   C C   . GLY A 1 6   ? -0.949  -13.748 12.144  1.00   40.47 ? 6    GLY A C   1 
ATOM   14   O O   . GLY A 1 6   ? -0.459  -12.653 11.866  1.00   40.45 ? 6    GLY A O   1 
ATOM   15   N N   . PRO A 1 7   ? -0.220  -14.876 12.113  1.00   40.87 ? 7    PRO A N   1 
ATOM   16   C CA  . PRO A 1 7   ? 1.199   -14.869 11.751  1.00   40.38 ? 7    PRO A CA  1 
ATOM   17   C C   . PRO A 1 7   ? 1.421   -14.332 10.340  1.00   39.01 ? 7    PRO A C   1 
ATOM   18   O O   . PRO A 1 7   ? 0.741   -14.738 9.397   1.00   39.83 ? 7    PRO A O   1 
ATOM   19   C CB  . PRO A 1 7   ? 1.593   -16.338 11.885  1.00   41.06 ? 7    PRO A CB  1 
ATOM   20   C CG  . PRO A 1 7   ? 0.326   -17.053 11.519  1.00   41.62 ? 7    PRO A CG  1 
ATOM   21   C CD  . PRO A 1 7   ? -0.712  -16.256 12.276  1.00   41.31 ? 7    PRO A CD  1 
ATOM   22   N N   . GLY A 1 8   ? 2.372   -13.416 10.204  1.00   37.51 ? 8    GLY A N   1 
ATOM   23   C CA  . GLY A 1 8   ? 2.654   -12.840 8.903   1.00   35.48 ? 8    GLY A CA  1 
ATOM   24   C C   . GLY A 1 8   ? 1.971   -11.499 8.723   1.00   33.61 ? 8    GLY A C   1 
ATOM   25   O O   . GLY A 1 8   ? 2.199   -10.808 7.730   1.00   34.92 ? 8    GLY A O   1 
ATOM   26   N N   . TRP A 1 9   ? 1.126   -11.134 9.681   1.00   31.20 ? 9    TRP A N   1 
ATOM   27   C CA  . TRP A 1 9   ? 0.412   -9.861  9.628   1.00   28.78 ? 9    TRP A CA  1 
ATOM   28   C C   . TRP A 1 9   ? 0.732   -9.037  10.868  1.00   27.87 ? 9    TRP A C   1 
ATOM   29   O O   . TRP A 1 9   ? 1.059   -9.587  11.919  1.00   27.99 ? 9    TRP A O   1 
ATOM   30   C CB  . TRP A 1 9   ? -1.102  -10.088 9.547   1.00   27.63 ? 9    TRP A CB  1 
ATOM   31   C CG  . TRP A 1 9   ? -1.560  -10.803 8.309   1.00   26.51 ? 9    TRP A CG  1 
ATOM   32   C CD1 . TRP A 1 9   ? -1.345  -12.112 7.989   1.00   27.34 ? 9    TRP A CD1 1 
ATOM   33   C CD2 . TRP A 1 9   ? -2.317  -10.245 7.225   1.00   24.92 ? 9    TRP A CD2 1 
ATOM   34   N NE1 . TRP A 1 9   ? -1.922  -12.406 6.776   1.00   27.34 ? 9    TRP A NE1 1 
ATOM   35   C CE2 . TRP A 1 9   ? -2.524  -11.278 6.284   1.00   25.34 ? 9    TRP A CE2 1 
ATOM   36   C CE3 . TRP A 1 9   ? -2.840  -8.973  6.959   1.00   23.23 ? 9    TRP A CE3 1 
ATOM   37   C CZ2 . TRP A 1 9   ? -3.233  -11.079 5.092   1.00   24.29 ? 9    TRP A CZ2 1 
ATOM   38   C CZ3 . TRP A 1 9   ? -3.546  -8.775  5.771   1.00   22.11 ? 9    TRP A CZ3 1 
ATOM   39   C CH2 . TRP A 1 9   ? -3.735  -9.824  4.855   1.00   22.58 ? 9    TRP A CH2 1 
ATOM   40   N N   . VAL A 1 10  ? 0.640   -7.717  10.742  1.00   26.55 ? 10   VAL A N   1 
ATOM   41   C CA  . VAL A 1 10  ? 0.918   -6.826  11.861  1.00   26.28 ? 10   VAL A CA  1 
ATOM   42   C C   . VAL A 1 10  ? -0.244  -5.869  12.115  1.00   26.21 ? 10   VAL A C   1 
ATOM   43   O O   . VAL A 1 10  ? -0.975  -5.503  11.193  1.00   25.00 ? 10   VAL A O   1 
ATOM   44   C CB  . VAL A 1 10  ? 2.209   -6.007  11.619  1.00   26.86 ? 10   VAL A CB  1 
ATOM   45   C CG1 . VAL A 1 10  ? 3.392   -6.948  11.467  1.00   27.18 ? 10   VAL A CG1 1 
ATOM   46   C CG2 . VAL A 1 10  ? 2.060   -5.143  10.379  1.00   27.10 ? 10   VAL A CG2 1 
ATOM   47   N N   . PRO A 1 11  ? -0.434  -5.457  13.379  1.00   25.83 ? 11   PRO A N   1 
ATOM   48   C CA  . PRO A 1 11  ? -1.517  -4.542  13.739  1.00   25.69 ? 11   PRO A CA  1 
ATOM   49   C C   . PRO A 1 11  ? -1.349  -3.105  13.261  1.00   25.68 ? 11   PRO A C   1 
ATOM   50   O O   . PRO A 1 11  ? -0.237  -2.590  13.131  1.00   25.22 ? 11   PRO A O   1 
ATOM   51   C CB  . PRO A 1 11  ? -1.563  -4.646  15.262  1.00   26.58 ? 11   PRO A CB  1 
ATOM   52   C CG  . PRO A 1 11  ? -0.134  -4.907  15.616  1.00   26.55 ? 11   PRO A CG  1 
ATOM   53   C CD  . PRO A 1 11  ? 0.267   -5.935  14.585  1.00   26.33 ? 11   PRO A CD  1 
ATOM   54   N N   . THR A 1 12  ? -2.486  -2.478  12.992  1.00   24.77 ? 12   THR A N   1 
ATOM   55   C CA  . THR A 1 12  ? -2.560  -1.096  12.544  1.00   24.88 ? 12   THR A CA  1 
ATOM   56   C C   . THR A 1 12  ? -3.951  -0.666  12.995  1.00   24.92 ? 12   THR A C   1 
ATOM   57   O O   . THR A 1 12  ? -4.838  -1.506  13.149  1.00   25.05 ? 12   THR A O   1 
ATOM   58   C CB  . THR A 1 12  ? -2.442  -0.993  11.004  1.00   24.40 ? 12   THR A CB  1 
ATOM   59   O OG1 . THR A 1 12  ? -2.494  0.384   10.607  1.00   24.83 ? 12   THR A OG1 1 
ATOM   60   C CG2 . THR A 1 12  ? -3.572  -1.755  10.327  1.00   23.85 ? 12   THR A CG2 1 
ATOM   61   N N   . PRO A 1 13  ? -4.162  0.636   13.230  1.00   24.85 ? 13   PRO A N   1 
ATOM   62   C CA  . PRO A 1 13  ? -5.502  1.038   13.666  1.00   24.90 ? 13   PRO A CA  1 
ATOM   63   C C   . PRO A 1 13  ? -6.619  0.501   12.775  1.00   24.56 ? 13   PRO A C   1 
ATOM   64   O O   . PRO A 1 13  ? -6.646  0.759   11.569  1.00   25.43 ? 13   PRO A O   1 
ATOM   65   C CB  . PRO A 1 13  ? -5.425  2.567   13.671  1.00   25.08 ? 13   PRO A CB  1 
ATOM   66   C CG  . PRO A 1 13  ? -4.343  2.867   12.673  1.00   26.69 ? 13   PRO A CG  1 
ATOM   67   C CD  . PRO A 1 13  ? -3.314  1.815   12.990  1.00   25.13 ? 13   PRO A CD  1 
ATOM   68   N N   . GLY A 1 14  ? -7.519  -0.270  13.378  1.00   24.22 ? 14   GLY A N   1 
ATOM   69   C CA  . GLY A 1 14  ? -8.639  -0.829  12.642  1.00   23.57 ? 14   GLY A CA  1 
ATOM   70   C C   . GLY A 1 14  ? -8.452  -2.189  11.990  1.00   23.44 ? 14   GLY A C   1 
ATOM   71   O O   . GLY A 1 14  ? -9.416  -2.752  11.474  1.00   23.80 ? 14   GLY A O   1 
ATOM   72   N N   . GLY A 1 15  ? -7.237  -2.734  11.998  1.00   22.57 ? 15   GLY A N   1 
ATOM   73   C CA  . GLY A 1 15  ? -7.054  -4.029  11.363  1.00   21.05 ? 15   GLY A CA  1 
ATOM   74   C C   . GLY A 1 15  ? -5.652  -4.608  11.347  1.00   20.04 ? 15   GLY A C   1 
ATOM   75   O O   . GLY A 1 15  ? -4.878  -4.405  12.282  1.00   20.63 ? 15   GLY A O   1 
ATOM   76   N N   . CYS A 1 16  ? -5.330  -5.327  10.273  1.00   18.84 ? 16   CYS A N   1 
ATOM   77   C CA  . CYS A 1 16  ? -4.028  -5.970  10.125  1.00   18.04 ? 16   CYS A CA  1 
ATOM   78   C C   . CYS A 1 16  ? -3.373  -5.713  8.776   1.00   17.26 ? 16   CYS A C   1 
ATOM   79   O O   . CYS A 1 16  ? -4.044  -5.679  7.746   1.00   16.56 ? 16   CYS A O   1 
ATOM   80   C CB  . CYS A 1 16  ? -4.178  -7.477  10.311  1.00   19.43 ? 16   CYS A CB  1 
ATOM   81   S SG  . CYS A 1 16  ? -4.960  -7.942  11.884  1.00   22.19 ? 16   CYS A SG  1 
ATOM   82   N N   . LEU A 1 17  ? -2.051  -5.552  8.791   1.00   15.10 ? 17   LEU A N   1 
ATOM   83   C CA  . LEU A 1 17  ? -1.291  -5.314  7.569   1.00   14.61 ? 17   LEU A CA  1 
ATOM   84   C C   . LEU A 1 17  ? -0.546  -6.579  7.162   1.00   14.81 ? 17   LEU A C   1 
ATOM   85   O O   . LEU A 1 17  ? -0.036  -7.316  8.013   1.00   15.51 ? 17   LEU A O   1 
ATOM   86   C CB  . LEU A 1 17  ? -0.274  -4.188  7.776   1.00   14.67 ? 17   LEU A CB  1 
ATOM   87   C CG  . LEU A 1 17  ? -0.780  -2.789  8.138   1.00   16.10 ? 17   LEU A CG  1 
ATOM   88   C CD1 . LEU A 1 17  ? 0.417   -1.886  8.402   1.00   16.75 ? 17   LEU A CD1 1 
ATOM   89   C CD2 . LEU A 1 17  ? -1.638  -2.230  7.008   1.00   15.23 ? 17   LEU A CD2 1 
ATOM   90   N N   . GLY A 1 18  ? -0.489  -6.819  5.856   1.00   13.58 ? 18   GLY A N   1 
ATOM   91   C CA  . GLY A 1 18  ? 0.202   -7.982  5.337   1.00   13.49 ? 18   GLY A CA  1 
ATOM   92   C C   . GLY A 1 18  ? 0.994   -7.629  4.094   1.00   13.63 ? 18   GLY A C   1 
ATOM   93   O O   . GLY A 1 18  ? 0.426   -7.209  3.084   1.00   12.70 ? 18   GLY A O   1 
ATOM   94   N N   . PHE A 1 19  ? 2.315   -7.786  4.155   1.00   12.23 ? 19   PHE A N   1 
ATOM   95   C CA  . PHE A 1 19  ? 3.149   -7.485  3.001   1.00   11.45 ? 19   PHE A CA  1 
ATOM   96   C C   . PHE A 1 19  ? 3.374   -8.727  2.145   1.00   10.21 ? 19   PHE A C   1 
ATOM   97   O O   . PHE A 1 19  ? 3.641   -9.812  2.668   1.00   13.21 ? 19   PHE A O   1 
ATOM   98   C CB  . PHE A 1 19  ? 4.514   -6.926  3.434   1.00   11.52 ? 19   PHE A CB  1 
ATOM   99   C CG  . PHE A 1 19  ? 5.488   -6.788  2.296   1.00   11.87 ? 19   PHE A CG  1 
ATOM   100  C CD1 . PHE A 1 19  ? 5.219   -5.930  1.234   1.00   12.73 ? 19   PHE A CD1 1 
ATOM   101  C CD2 . PHE A 1 19  ? 6.645   -7.562  2.250   1.00   12.51 ? 19   PHE A CD2 1 
ATOM   102  C CE1 . PHE A 1 19  ? 6.079   -5.848  0.140   1.00   12.85 ? 19   PHE A CE1 1 
ATOM   103  C CE2 . PHE A 1 19  ? 7.513   -7.487  1.159   1.00   12.49 ? 19   PHE A CE2 1 
ATOM   104  C CZ  . PHE A 1 19  ? 7.230   -6.632  0.103   1.00   13.55 ? 19   PHE A CZ  1 
ATOM   105  N N   . PHE A 1 20  ? 3.256   -8.560  0.831   1.00   10.15 ? 20   PHE A N   1 
ATOM   106  C CA  . PHE A 1 20  ? 3.458   -9.654  -0.113  1.00   10.51 ? 20   PHE A CA  1 
ATOM   107  C C   . PHE A 1 20  ? 4.492   -9.267  -1.168  1.00   11.43 ? 20   PHE A C   1 
ATOM   108  O O   . PHE A 1 20  ? 4.328   -8.285  -1.893  1.00   11.63 ? 20   PHE A O   1 
ATOM   109  C CB  . PHE A 1 20  ? 2.125   -10.040 -0.768  1.00   11.62 ? 20   PHE A CB  1 
ATOM   110  C CG  . PHE A 1 20  ? 1.099   -10.520 0.214   1.00   10.85 ? 20   PHE A CG  1 
ATOM   111  C CD1 . PHE A 1 20  ? 0.277   -9.615  0.881   1.00   11.54 ? 20   PHE A CD1 1 
ATOM   112  C CD2 . PHE A 1 20  ? 1.001   -11.869 0.533   1.00   13.05 ? 20   PHE A CD2 1 
ATOM   113  C CE1 . PHE A 1 20  ? -0.622  -10.049 1.850   1.00   11.58 ? 20   PHE A CE1 1 
ATOM   114  C CE2 . PHE A 1 20  ? 0.105   -12.312 1.502   1.00   12.68 ? 20   PHE A CE2 1 
ATOM   115  C CZ  . PHE A 1 20  ? -0.707  -11.399 2.162   1.00   12.86 ? 20   PHE A CZ  1 
ATOM   116  N N   . SER A 1 21  ? 5.565   -10.054 -1.252  1.00   12.13 ? 21   SER A N   1 
ATOM   117  C CA  . SER A 1 21  ? 6.643   -9.783  -2.191  1.00   13.56 ? 21   SER A CA  1 
ATOM   118  C C   . SER A 1 21  ? 6.348   -10.183 -3.630  1.00   13.30 ? 21   SER A C   1 
ATOM   119  O O   . SER A 1 21  ? 7.026   -9.724  -4.551  1.00   14.28 ? 21   SER A O   1 
ATOM   120  C CB  . SER A 1 21  ? 7.927   -10.476 -1.721  1.00   13.67 ? 21   SER A CB  1 
ATOM   121  O OG  . SER A 1 21  ? 7.730   -11.872 -1.612  1.00   16.48 ? 21   SER A OG  1 
ATOM   122  N N   . ARG A 1 22  ? 5.350   -11.041 -3.834  1.00   14.57 ? 22   ARG A N   1 
ATOM   123  C CA  . ARG A 1 22  ? 4.999   -11.461 -5.186  1.00   15.96 ? 22   ARG A CA  1 
ATOM   124  C C   . ARG A 1 22  ? 4.580   -10.217 -5.966  1.00   15.62 ? 22   ARG A C   1 
ATOM   125  O O   . ARG A 1 22  ? 3.766   -9.416  -5.489  1.00   15.49 ? 22   ARG A O   1 
ATOM   126  C CB  . ARG A 1 22  ? 3.854   -12.482 -5.158  1.00   19.50 ? 22   ARG A CB  1 
ATOM   127  C CG  . ARG A 1 22  ? 2.548   -11.945 -4.596  1.00   25.68 ? 22   ARG A CG  1 
ATOM   128  C CD  . ARG A 1 22  ? 1.391   -12.895 -4.878  1.00   29.70 ? 22   ARG A CD  1 
ATOM   129  N NE  . ARG A 1 22  ? 1.522   -14.156 -4.156  1.00   33.93 ? 22   ARG A NE  1 
ATOM   130  C CZ  . ARG A 1 22  ? 1.494   -14.259 -2.831  1.00   35.04 ? 22   ARG A CZ  1 
ATOM   131  N NH1 . ARG A 1 22  ? 1.337   -13.174 -2.088  1.00   36.60 ? 22   ARG A NH1 1 
ATOM   132  N NH2 . ARG A 1 22  ? 1.615   -15.445 -2.251  1.00   37.00 ? 22   ARG A NH2 1 
ATOM   133  N N   . GLU A 1 23  ? 5.141   -10.048 -7.160  1.00   14.19 ? 23   GLU A N   1 
ATOM   134  C CA  . GLU A 1 23  ? 4.853   -8.877  -7.984  1.00   13.87 ? 23   GLU A CA  1 
ATOM   135  C C   . GLU A 1 23  ? 3.631   -9.043  -8.872  1.00   14.40 ? 23   GLU A C   1 
ATOM   136  O O   . GLU A 1 23  ? 3.590   -9.920  -9.737  1.00   15.25 ? 23   GLU A O   1 
ATOM   137  C CB  . GLU A 1 23  ? 6.077   -8.539  -8.834  1.00   15.79 ? 23   GLU A CB  1 
ATOM   138  C CG  . GLU A 1 23  ? 7.321   -8.324  -7.992  1.00   17.39 ? 23   GLU A CG  1 
ATOM   139  C CD  . GLU A 1 23  ? 8.593   -8.301  -8.814  1.00   20.94 ? 23   GLU A CD  1 
ATOM   140  O OE1 . GLU A 1 23  ? 8.999   -7.215  -9.278  1.00   22.13 ? 23   GLU A OE1 1 
ATOM   141  O OE2 . GLU A 1 23  ? 9.178   -9.384  -9.006  1.00   24.13 ? 23   GLU A OE2 1 
ATOM   142  N N   . LEU A 1 24  ? 2.645   -8.179  -8.651  1.00   12.46 ? 24   LEU A N   1 
ATOM   143  C CA  . LEU A 1 24  ? 1.397   -8.206  -9.407  1.00   13.44 ? 24   LEU A CA  1 
ATOM   144  C C   . LEU A 1 24  ? 0.998   -6.811  -9.864  1.00   12.30 ? 24   LEU A C   1 
ATOM   145  O O   . LEU A 1 24  ? 1.454   -5.812  -9.315  1.00   12.56 ? 24   LEU A O   1 
ATOM   146  C CB  . LEU A 1 24  ? 0.269   -8.776  -8.535  1.00   12.13 ? 24   LEU A CB  1 
ATOM   147  C CG  . LEU A 1 24  ? 0.389   -10.214 -8.022  1.00   13.11 ? 24   LEU A CG  1 
ATOM   148  C CD1 . LEU A 1 24  ? -0.738  -10.503 -7.026  1.00   14.00 ? 24   LEU A CD1 1 
ATOM   149  C CD2 . LEU A 1 24  ? 0.328   -11.177 -9.199  1.00   14.35 ? 24   LEU A CD2 1 
ATOM   150  N N   . SER A 1 25  ? 0.144   -6.748  -10.880 1.00   12.08 ? 25   SER A N   1 
ATOM   151  C CA  . SER A 1 25  ? -0.349  -5.465  -11.361 1.00   12.41 ? 25   SER A CA  1 
ATOM   152  C C   . SER A 1 25  ? -1.214  -4.925  -10.222 1.00   11.09 ? 25   SER A C   1 
ATOM   153  O O   . SER A 1 25  ? -1.555  -5.669  -9.305  1.00   12.52 ? 25   SER A O   1 
ATOM   154  C CB  . SER A 1 25  ? -1.202  -5.663  -12.612 1.00   13.07 ? 25   SER A CB  1 
ATOM   155  O OG  . SER A 1 25  ? -2.316  -6.492  -12.323 1.00   14.93 ? 25   SER A OG  1 
ATOM   156  N N   . TRP A 1 26  ? -1.576  -3.646  -10.276 1.00   11.27 ? 26   TRP A N   1 
ATOM   157  C CA  . TRP A 1 26  ? -2.388  -3.055  -9.216  1.00   10.89 ? 26   TRP A CA  1 
ATOM   158  C C   . TRP A 1 26  ? -3.712  -3.797  -9.066  1.00   10.68 ? 26   TRP A C   1 
ATOM   159  O O   . TRP A 1 26  ? -4.107  -4.165  -7.960  1.00   11.18 ? 26   TRP A O   1 
ATOM   160  C CB  . TRP A 1 26  ? -2.674  -1.576  -9.508  1.00   11.52 ? 26   TRP A CB  1 
ATOM   161  C CG  . TRP A 1 26  ? -3.322  -0.864  -8.354  1.00   11.42 ? 26   TRP A CG  1 
ATOM   162  C CD1 . TRP A 1 26  ? -2.693  -0.176  -7.354  1.00   9.52  ? 26   TRP A CD1 1 
ATOM   163  C CD2 . TRP A 1 26  ? -4.722  -0.825  -8.043  1.00   11.02 ? 26   TRP A CD2 1 
ATOM   164  N NE1 . TRP A 1 26  ? -3.609  0.284   -6.441  1.00   10.60 ? 26   TRP A NE1 1 
ATOM   165  C CE2 . TRP A 1 26  ? -4.862  -0.102  -6.839  1.00   10.62 ? 26   TRP A CE2 1 
ATOM   166  C CE3 . TRP A 1 26  ? -5.871  -1.336  -8.666  1.00   12.14 ? 26   TRP A CE3 1 
ATOM   167  C CZ2 . TRP A 1 26  ? -6.107  0.125   -6.239  1.00   11.32 ? 26   TRP A CZ2 1 
ATOM   168  C CZ3 . TRP A 1 26  ? -7.109  -1.111  -8.067  1.00   11.51 ? 26   TRP A CZ3 1 
ATOM   169  C CH2 . TRP A 1 26  ? -7.215  -0.387  -6.867  1.00   11.59 ? 26   TRP A CH2 1 
ATOM   170  N N   . SER A 1 27  ? -4.392  -4.012  -10.188 1.00   12.23 ? 27   SER A N   1 
ATOM   171  C CA  . SER A 1 27  ? -5.685  -4.696  -10.164 1.00   12.73 ? 27   SER A CA  1 
ATOM   172  C C   . SER A 1 27  ? -5.592  -6.087  -9.553  1.00   11.57 ? 27   SER A C   1 
ATOM   173  O O   . SER A 1 27  ? -6.401  -6.452  -8.705  1.00   11.86 ? 27   SER A O   1 
ATOM   174  C CB  . SER A 1 27  ? -6.269  -4.793  -11.580 1.00   15.21 ? 27   SER A CB  1 
ATOM   175  O OG  . SER A 1 27  ? -5.450  -5.573  -12.429 1.00   21.93 ? 27   SER A OG  1 
ATOM   176  N N   . ARG A 1 28  ? -4.603  -6.867  -9.978  1.00   12.20 ? 28   ARG A N   1 
ATOM   177  C CA  . ARG A 1 28  ? -4.450  -8.213  -9.448  1.00   11.97 ? 28   ARG A CA  1 
ATOM   178  C C   . ARG A 1 28  ? -4.065  -8.216  -7.973  1.00   11.35 ? 28   ARG A C   1 
ATOM   179  O O   . ARG A 1 28  ? -4.442  -9.130  -7.240  1.00   11.93 ? 28   ARG A O   1 
ATOM   180  C CB  . ARG A 1 28  ? -3.437  -9.004  -10.283 1.00   15.14 ? 28   ARG A CB  1 
ATOM   181  C CG  . ARG A 1 28  ? -3.974  -9.395  -11.660 1.00   19.48 ? 28   ARG A CG  1 
ATOM   182  C CD  . ARG A 1 28  ? -2.948  -10.164 -12.478 1.00   24.27 ? 28   ARG A CD  1 
ATOM   183  N NE  . ARG A 1 28  ? -3.466  -10.558 -13.786 1.00   29.70 ? 28   ARG A NE  1 
ATOM   184  C CZ  . ARG A 1 28  ? -4.443  -11.442 -13.974 1.00   31.93 ? 28   ARG A CZ  1 
ATOM   185  N NH1 . ARG A 1 28  ? -4.846  -11.735 -15.203 1.00   33.37 ? 28   ARG A NH1 1 
ATOM   186  N NH2 . ARG A 1 28  ? -5.013  -12.037 -12.935 1.00   33.88 ? 28   ARG A NH2 1 
ATOM   187  N N   . ALA A 1 29  ? -3.328  -7.196  -7.539  1.00   11.16 ? 29   ALA A N   1 
ATOM   188  C CA  . ALA A 1 29  ? -2.934  -7.091  -6.136  1.00   11.43 ? 29   ALA A CA  1 
ATOM   189  C C   . ALA A 1 29  ? -4.163  -6.741  -5.297  1.00   9.29  ? 29   ALA A C   1 
ATOM   190  O O   . ALA A 1 29  ? -4.379  -7.306  -4.230  1.00   10.42 ? 29   ALA A O   1 
ATOM   191  C CB  . ALA A 1 29  ? -1.858  -6.022  -5.966  1.00   11.25 ? 29   ALA A CB  1 
ATOM   192  N N   . GLU A 1 30  ? -4.971  -5.801  -5.786  1.00   10.81 ? 30   GLU A N   1 
ATOM   193  C CA  . GLU A 1 30  ? -6.181  -5.407  -5.073  1.00   9.65  ? 30   GLU A CA  1 
ATOM   194  C C   . GLU A 1 30  ? -7.117  -6.615  -4.952  1.00   9.37  ? 30   GLU A C   1 
ATOM   195  O O   . GLU A 1 30  ? -7.694  -6.847  -3.891  1.00   9.75  ? 30   GLU A O   1 
ATOM   196  C CB  . GLU A 1 30  ? -6.885  -4.254  -5.808  1.00   9.82  ? 30   GLU A CB  1 
ATOM   197  C CG  . GLU A 1 30  ? -8.283  -3.917  -5.273  1.00   9.72  ? 30   GLU A CG  1 
ATOM   198  C CD  . GLU A 1 30  ? -8.302  -3.342  -3.867  1.00   11.17 ? 30   GLU A CD  1 
ATOM   199  O OE1 . GLU A 1 30  ? -9.391  -3.349  -3.253  1.00   11.02 ? 30   GLU A OE1 1 
ATOM   200  O OE2 . GLU A 1 30  ? -7.252  -2.869  -3.366  1.00   9.76  ? 30   GLU A OE2 1 
ATOM   201  N N   . SER A 1 31  ? -7.254  -7.385  -6.030  1.00   10.27 ? 31   SER A N   1 
ATOM   202  C CA  . SER A 1 31  ? -8.109  -8.571  -6.012  1.00   11.45 ? 31   SER A CA  1 
ATOM   203  C C   . SER A 1 31  ? -7.550  -9.596  -5.031  1.00   12.22 ? 31   SER A C   1 
ATOM   204  O O   . SER A 1 31  ? -8.293  -10.217 -4.276  1.00   12.85 ? 31   SER A O   1 
ATOM   205  C CB  . SER A 1 31  ? -8.209  -9.191  -7.409  1.00   12.63 ? 31   SER A CB  1 
ATOM   206  O OG  . SER A 1 31  ? -8.811  -8.291  -8.322  1.00   18.12 ? 31   SER A OG  1 
ATOM   207  N N   . PHE A 1 32  ? -6.231  -9.766  -5.047  1.00   11.81 ? 32   PHE A N   1 
ATOM   208  C CA  . PHE A 1 32  ? -5.574  -10.698 -4.137  1.00   12.03 ? 32   PHE A CA  1 
ATOM   209  C C   . PHE A 1 32  ? -5.925  -10.319 -2.702  1.00   11.08 ? 32   PHE A C   1 
ATOM   210  O O   . PHE A 1 32  ? -6.246  -11.181 -1.879  1.00   11.25 ? 32   PHE A O   1 
ATOM   211  C CB  . PHE A 1 32  ? -4.053  -10.635 -4.337  1.00   11.25 ? 32   PHE A CB  1 
ATOM   212  C CG  . PHE A 1 32  ? -3.275  -11.543 -3.420  1.00   13.26 ? 32   PHE A CG  1 
ATOM   213  C CD1 . PHE A 1 32  ? -2.938  -12.832 -3.819  1.00   14.09 ? 32   PHE A CD1 1 
ATOM   214  C CD2 . PHE A 1 32  ? -2.867  -11.103 -2.165  1.00   12.81 ? 32   PHE A CD2 1 
ATOM   215  C CE1 . PHE A 1 32  ? -2.198  -13.670 -2.978  1.00   15.77 ? 32   PHE A CE1 1 
ATOM   216  C CE2 . PHE A 1 32  ? -2.130  -11.928 -1.318  1.00   14.32 ? 32   PHE A CE2 1 
ATOM   217  C CZ  . PHE A 1 32  ? -1.795  -13.216 -1.728  1.00   14.04 ? 32   PHE A CZ  1 
ATOM   218  N N   . CYS A 1 33  ? -5.863  -9.026  -2.396  1.00   10.46 ? 33   CYS A N   1 
ATOM   219  C CA  . CYS A 1 33  ? -6.180  -8.577  -1.053  1.00   10.26 ? 33   CYS A CA  1 
ATOM   220  C C   . CYS A 1 33  ? -7.650  -8.828  -0.730  1.00   9.96  ? 33   CYS A C   1 
ATOM   221  O O   . CYS A 1 33  ? -7.976  -9.274  0.365   1.00   10.85 ? 33   CYS A O   1 
ATOM   222  C CB  . CYS A 1 33  ? -5.876  -7.090  -0.881  1.00   9.12  ? 33   CYS A CB  1 
ATOM   223  S SG  . CYS A 1 33  ? -4.106  -6.626  -0.938  1.00   9.97  ? 33   CYS A SG  1 
ATOM   224  N N   . ARG A 1 34  ? -8.534  -8.550  -1.684  1.00   10.73 ? 34   ARG A N   1 
ATOM   225  C CA  . ARG A 1 34  ? -9.961  -8.754  -1.439  1.00   10.98 ? 34   ARG A CA  1 
ATOM   226  C C   . ARG A 1 34  ? -10.299 -10.210 -1.159  1.00   11.57 ? 34   ARG A C   1 
ATOM   227  O O   . ARG A 1 34  ? -11.287 -10.502 -0.478  1.00   12.51 ? 34   ARG A O   1 
ATOM   228  C CB  . ARG A 1 34  ? -10.801 -8.242  -2.620  1.00   10.76 ? 34   ARG A CB  1 
ATOM   229  C CG  . ARG A 1 34  ? -10.751 -6.736  -2.766  1.00   10.88 ? 34   ARG A CG  1 
ATOM   230  C CD  . ARG A 1 34  ? -11.719 -6.204  -3.817  1.00   11.92 ? 34   ARG A CD  1 
ATOM   231  N NE  . ARG A 1 34  ? -11.576 -4.756  -3.923  1.00   12.00 ? 34   ARG A NE  1 
ATOM   232  C CZ  . ARG A 1 34  ? -12.468 -3.943  -4.480  1.00   13.01 ? 34   ARG A CZ  1 
ATOM   233  N NH1 . ARG A 1 34  ? -13.589 -4.434  -4.996  1.00   13.90 ? 34   ARG A NH1 1 
ATOM   234  N NH2 . ARG A 1 34  ? -12.239 -2.640  -4.511  1.00   13.33 ? 34   ARG A NH2 1 
ATOM   235  N N   . ARG A 1 35  ? -9.478  -11.128 -1.668  1.00   11.67 ? 35   ARG A N   1 
ATOM   236  C CA  . ARG A 1 35  ? -9.729  -12.544 -1.445  1.00   12.29 ? 35   ARG A CA  1 
ATOM   237  C C   . ARG A 1 35  ? -9.560  -13.006 0.004   1.00   12.12 ? 35   ARG A C   1 
ATOM   238  O O   . ARG A 1 35  ? -9.904  -14.143 0.333   1.00   13.56 ? 35   ARG A O   1 
ATOM   239  C CB  . ARG A 1 35  ? -8.876  -13.397 -2.395  1.00   13.53 ? 35   ARG A CB  1 
ATOM   240  C CG  . ARG A 1 35  ? -9.381  -13.347 -3.839  1.00   15.34 ? 35   ARG A CG  1 
ATOM   241  C CD  . ARG A 1 35  ? -8.920  -14.538 -4.660  1.00   17.72 ? 35   ARG A CD  1 
ATOM   242  N NE  . ARG A 1 35  ? -7.480  -14.541 -4.907  1.00   17.40 ? 35   ARG A NE  1 
ATOM   243  C CZ  . ARG A 1 35  ? -6.857  -13.741 -5.768  1.00   17.51 ? 35   ARG A CZ  1 
ATOM   244  N NH1 . ARG A 1 35  ? -7.542  -12.855 -6.479  1.00   16.98 ? 35   ARG A NH1 1 
ATOM   245  N NH2 . ARG A 1 35  ? -5.541  -13.844 -5.934  1.00   17.26 ? 35   ARG A NH2 1 
ATOM   246  N N   . TRP A 1 36  ? -9.042  -12.143 0.876   1.00   11.92 ? 36   TRP A N   1 
ATOM   247  C CA  . TRP A 1 36  ? -8.917  -12.513 2.284   1.00   11.79 ? 36   TRP A CA  1 
ATOM   248  C C   . TRP A 1 36  ? -10.266 -12.315 2.982   1.00   11.64 ? 36   TRP A C   1 
ATOM   249  O O   . TRP A 1 36  ? -10.455 -12.736 4.120   1.00   11.62 ? 36   TRP A O   1 
ATOM   250  C CB  . TRP A 1 36  ? -7.840  -11.683 2.993   1.00   12.85 ? 36   TRP A CB  1 
ATOM   251  C CG  . TRP A 1 36  ? -6.453  -12.026 2.545   1.00   14.49 ? 36   TRP A CG  1 
ATOM   252  C CD1 . TRP A 1 36  ? -5.770  -11.482 1.496   1.00   15.06 ? 36   TRP A CD1 1 
ATOM   253  C CD2 . TRP A 1 36  ? -5.606  -13.043 3.094   1.00   16.03 ? 36   TRP A CD2 1 
ATOM   254  N NE1 . TRP A 1 36  ? -4.546  -12.102 1.354   1.00   16.27 ? 36   TRP A NE1 1 
ATOM   255  C CE2 . TRP A 1 36  ? -4.421  -13.063 2.323   1.00   16.11 ? 36   TRP A CE2 1 
ATOM   256  C CE3 . TRP A 1 36  ? -5.735  -13.943 4.163   1.00   17.24 ? 36   TRP A CE3 1 
ATOM   257  C CZ2 . TRP A 1 36  ? -3.369  -13.950 2.587   1.00   16.94 ? 36   TRP A CZ2 1 
ATOM   258  C CZ3 . TRP A 1 36  ? -4.685  -14.826 4.425   1.00   17.67 ? 36   TRP A CZ3 1 
ATOM   259  C CH2 . TRP A 1 36  ? -3.520  -14.821 3.638   1.00   18.58 ? 36   TRP A CH2 1 
ATOM   260  N N   . GLY A 1 37  ? -11.205 -11.671 2.293   1.00   12.54 ? 37   GLY A N   1 
ATOM   261  C CA  . GLY A 1 37  ? -12.522 -11.460 2.877   1.00   12.91 ? 37   GLY A CA  1 
ATOM   262  C C   . GLY A 1 37  ? -13.001 -10.017 2.883   1.00   12.03 ? 37   GLY A C   1 
ATOM   263  O O   . GLY A 1 37  ? -12.236 -9.104  2.573   1.00   11.37 ? 37   GLY A O   1 
ATOM   264  N N   . PRO A 1 38  ? -14.279 -9.779  3.233   1.00   12.07 ? 38   PRO A N   1 
ATOM   265  C CA  . PRO A 1 38  ? -14.819 -8.415  3.264   1.00   11.25 ? 38   PRO A CA  1 
ATOM   266  C C   . PRO A 1 38  ? -13.973 -7.469  4.116   1.00   11.42 ? 38   PRO A C   1 
ATOM   267  O O   . PRO A 1 38  ? -13.574 -7.816  5.223   1.00   13.55 ? 38   PRO A O   1 
ATOM   268  C CB  . PRO A 1 38  ? -16.218 -8.610  3.862   1.00   11.72 ? 38   PRO A CB  1 
ATOM   269  C CG  . PRO A 1 38  ? -16.595 -9.976  3.403   1.00   10.95 ? 38   PRO A CG  1 
ATOM   270  C CD  . PRO A 1 38  ? -15.308 -10.759 3.624   1.00   11.94 ? 38   PRO A CD  1 
ATOM   271  N N   . GLY A 1 39  ? -13.708 -6.275  3.596   1.00   10.69 ? 39   GLY A N   1 
ATOM   272  C CA  . GLY A 1 39  ? -12.928 -5.307  4.343   1.00   11.50 ? 39   GLY A CA  1 
ATOM   273  C C   . GLY A 1 39  ? -11.431 -5.400  4.116   1.00   11.59 ? 39   GLY A C   1 
ATOM   274  O O   . GLY A 1 39  ? -10.661 -4.659  4.733   1.00   12.73 ? 39   GLY A O   1 
ATOM   275  N N   . SER A 1 40  ? -11.011 -6.312  3.247   1.00   10.90 ? 40   SER A N   1 
ATOM   276  C CA  . SER A 1 40  ? -9.586  -6.463  2.947   1.00   10.88 ? 40   SER A CA  1 
ATOM   277  C C   . SER A 1 40  ? -9.310  -5.835  1.585   1.00   10.77 ? 40   SER A C   1 
ATOM   278  O O   . SER A 1 40  ? -10.022 -6.104  0.611   1.00   10.68 ? 40   SER A O   1 
ATOM   279  C CB  . SER A 1 40  ? -9.197  -7.942  2.945   1.00   11.46 ? 40   SER A CB  1 
ATOM   280  O OG  . SER A 1 40  ? -7.786  -8.086  2.824   1.00   14.44 ? 40   SER A OG  1 
ATOM   281  N N   . HIS A 1 41  ? -8.280  -4.993  1.529   1.00   9.82  ? 41   HIS A N   1 
ATOM   282  C CA  . HIS A 1 41  ? -7.913  -4.278  0.309   1.00   10.09 ? 41   HIS A CA  1 
ATOM   283  C C   . HIS A 1 41  ? -6.435  -3.957  0.354   1.00   10.09 ? 41   HIS A C   1 
ATOM   284  O O   . HIS A 1 41  ? -5.759  -4.224  1.349   1.00   11.46 ? 41   HIS A O   1 
ATOM   285  C CB  . HIS A 1 41  ? -8.615  -2.918  0.256   1.00   10.59 ? 41   HIS A CB  1 
ATOM   286  C CG  . HIS A 1 41  ? -10.107 -2.990  0.249   1.00   9.88  ? 41   HIS A CG  1 
ATOM   287  N ND1 . HIS A 1 41  ? -10.833 -3.163  -0.907  1.00   11.49 ? 41   HIS A ND1 1 
ATOM   288  C CD2 . HIS A 1 41  ? -11.010 -2.907  1.257   1.00   10.19 ? 41   HIS A CD2 1 
ATOM   289  C CE1 . HIS A 1 41  ? -12.122 -3.183  -0.614  1.00   9.91  ? 41   HIS A CE1 1 
ATOM   290  N NE2 . HIS A 1 41  ? -12.257 -3.030  0.690   1.00   11.00 ? 41   HIS A NE2 1 
ATOM   291  N N   . LEU A 1 42  ? -5.945  -3.359  -0.727  1.00   10.07 ? 42   LEU A N   1 
ATOM   292  C CA  . LEU A 1 42  ? -4.568  -2.886  -0.734  1.00   9.57  ? 42   LEU A CA  1 
ATOM   293  C C   . LEU A 1 42  ? -4.675  -1.808  0.344   1.00   11.03 ? 42   LEU A C   1 
ATOM   294  O O   . LEU A 1 42  ? -5.684  -1.100  0.429   1.00   10.66 ? 42   LEU A O   1 
ATOM   295  C CB  . LEU A 1 42  ? -4.206  -2.263  -2.086  1.00   9.31  ? 42   LEU A CB  1 
ATOM   296  C CG  . LEU A 1 42  ? -3.793  -3.247  -3.183  1.00   7.65  ? 42   LEU A CG  1 
ATOM   297  C CD1 . LEU A 1 42  ? -3.708  -2.535  -4.526  1.00   10.52 ? 42   LEU A CD1 1 
ATOM   298  C CD2 . LEU A 1 42  ? -2.432  -3.860  -2.808  1.00   10.62 ? 42   LEU A CD2 1 
ATOM   299  N N   . ALA A 1 43  ? -3.654  -1.678  1.179   1.00   10.38 ? 43   ALA A N   1 
ATOM   300  C CA  . ALA A 1 43  ? -3.702  -0.724  2.277   1.00   10.17 ? 43   ALA A CA  1 
ATOM   301  C C   . ALA A 1 43  ? -3.949  0.742   1.943   1.00   10.24 ? 43   ALA A C   1 
ATOM   302  O O   . ALA A 1 43  ? -3.362  1.295   1.014   1.00   10.50 ? 43   ALA A O   1 
ATOM   303  C CB  . ALA A 1 43  ? -2.424  -0.839  3.111   1.00   10.96 ? 43   ALA A CB  1 
ATOM   304  N N   . ALA A 1 44  ? -4.843  1.357   2.714   1.00   11.33 ? 44   ALA A N   1 
ATOM   305  C CA  . ALA A 1 44  ? -5.132  2.777   2.585   1.00   11.83 ? 44   ALA A CA  1 
ATOM   306  C C   . ALA A 1 44  ? -4.296  3.401   3.698   1.00   13.00 ? 44   ALA A C   1 
ATOM   307  O O   . ALA A 1 44  ? -4.070  2.770   4.733   1.00   13.40 ? 44   ALA A O   1 
ATOM   308  C CB  . ALA A 1 44  ? -6.617  3.056   2.834   1.00   11.96 ? 44   ALA A CB  1 
ATOM   309  N N   . VAL A 1 45  ? -3.840  4.629   3.493   1.00   12.15 ? 45   VAL A N   1 
ATOM   310  C CA  . VAL A 1 45  ? -3.027  5.316   4.492   1.00   13.94 ? 45   VAL A CA  1 
ATOM   311  C C   . VAL A 1 45  ? -3.805  6.541   4.963   1.00   13.95 ? 45   VAL A C   1 
ATOM   312  O O   . VAL A 1 45  ? -3.901  7.533   4.243   1.00   14.46 ? 45   VAL A O   1 
ATOM   313  C CB  . VAL A 1 45  ? -1.680  5.750   3.884   1.00   13.73 ? 45   VAL A CB  1 
ATOM   314  C CG1 . VAL A 1 45  ? -0.776  6.302   4.971   1.00   15.14 ? 45   VAL A CG1 1 
ATOM   315  C CG2 . VAL A 1 45  ? -1.024  4.566   3.182   1.00   15.06 ? 45   VAL A CG2 1 
ATOM   316  N N   . ARG A 1 46  ? -4.347  6.464   6.175   1.00   15.36 ? 46   ARG A N   1 
ATOM   317  C CA  . ARG A 1 46  ? -5.168  7.545   6.722   1.00   16.27 ? 46   ARG A CA  1 
ATOM   318  C C   . ARG A 1 46  ? -4.479  8.611   7.551   1.00   16.37 ? 46   ARG A C   1 
ATOM   319  O O   . ARG A 1 46  ? -5.098  9.609   7.910   1.00   16.37 ? 46   ARG A O   1 
ATOM   320  C CB  . ARG A 1 46  ? -6.312  6.951   7.543   1.00   19.29 ? 46   ARG A CB  1 
ATOM   321  C CG  . ARG A 1 46  ? -7.288  6.135   6.719   1.00   23.25 ? 46   ARG A CG  1 
ATOM   322  C CD  . ARG A 1 46  ? -8.349  5.498   7.596   1.00   25.21 ? 46   ARG A CD  1 
ATOM   323  N NE  . ARG A 1 46  ? -7.763  4.596   8.583   1.00   27.18 ? 46   ARG A NE  1 
ATOM   324  C CZ  . ARG A 1 46  ? -8.468  3.876   9.450   1.00   28.37 ? 46   ARG A CZ  1 
ATOM   325  N NH1 . ARG A 1 46  ? -7.848  3.082   10.312  1.00   26.51 ? 46   ARG A NH1 1 
ATOM   326  N NH2 . ARG A 1 46  ? -9.793  3.947   9.451   1.00   29.18 ? 46   ARG A NH2 1 
ATOM   327  N N   . SER A 1 47  ? -3.208  8.411   7.871   1.00   14.89 ? 47   SER A N   1 
ATOM   328  C CA  . SER A 1 47  ? -2.499  9.393   8.679   1.00   15.01 ? 47   SER A CA  1 
ATOM   329  C C   . SER A 1 47  ? -1.007  9.152   8.602   1.00   14.28 ? 47   SER A C   1 
ATOM   330  O O   . SER A 1 47  ? -0.566  8.111   8.113   1.00   13.46 ? 47   SER A O   1 
ATOM   331  C CB  . SER A 1 47  ? -2.928  9.285   10.139  1.00   16.57 ? 47   SER A CB  1 
ATOM   332  O OG  . SER A 1 47  ? -2.470  8.063   10.705  1.00   15.50 ? 47   SER A OG  1 
ATOM   333  N N   . ALA A 1 48  ? -0.241  10.115  9.099   1.00   15.30 ? 48   ALA A N   1 
ATOM   334  C CA  . ALA A 1 48  ? 1.208   9.995   9.120   1.00   15.15 ? 48   ALA A CA  1 
ATOM   335  C C   . ALA A 1 48  ? 1.580   8.855   10.065  1.00   15.13 ? 48   ALA A C   1 
ATOM   336  O O   . ALA A 1 48  ? 2.543   8.126   9.821   1.00   14.76 ? 48   ALA A O   1 
ATOM   337  C CB  . ALA A 1 48  ? 1.838   11.299  9.595   1.00   16.32 ? 48   ALA A CB  1 
ATOM   338  N N   . ALA A 1 49  ? 0.815   8.704   11.142  1.00   14.44 ? 49   ALA A N   1 
ATOM   339  C CA  . ALA A 1 49  ? 1.075   7.638   12.108  1.00   14.03 ? 49   ALA A CA  1 
ATOM   340  C C   . ALA A 1 49  ? 0.926   6.277   11.430  1.00   14.76 ? 49   ALA A C   1 
ATOM   341  O O   . ALA A 1 49  ? 1.737   5.369   11.645  1.00   13.90 ? 49   ALA A O   1 
ATOM   342  C CB  . ALA A 1 49  ? 0.115   7.748   13.291  1.00   15.50 ? 49   ALA A CB  1 
ATOM   343  N N   . GLU A 1 50  ? -0.116  6.130   10.613  1.00   13.24 ? 50   GLU A N   1 
ATOM   344  C CA  . GLU A 1 50  ? -0.334  4.879   9.901   1.00   13.13 ? 50   GLU A CA  1 
ATOM   345  C C   . GLU A 1 50  ? 0.792   4.629   8.906   1.00   12.44 ? 50   GLU A C   1 
ATOM   346  O O   . GLU A 1 50  ? 1.233   3.493   8.726   1.00   11.19 ? 50   GLU A O   1 
ATOM   347  C CB  . GLU A 1 50  ? -1.673  4.900   9.155   1.00   14.50 ? 50   GLU A CB  1 
ATOM   348  C CG  . GLU A 1 50  ? -2.860  4.547   10.031  1.00   16.89 ? 50   GLU A CG  1 
ATOM   349  C CD  . GLU A 1 50  ? -4.165  4.458   9.255   1.00   17.73 ? 50   GLU A CD  1 
ATOM   350  O OE1 . GLU A 1 50  ? -4.121  4.237   8.026   1.00   17.51 ? 50   GLU A OE1 1 
ATOM   351  O OE2 . GLU A 1 50  ? -5.235  4.591   9.887   1.00   22.03 ? 50   GLU A OE2 1 
ATOM   352  N N   . LEU A 1 51  ? 1.254   5.693   8.259   1.00   12.03 ? 51   LEU A N   1 
ATOM   353  C CA  . LEU A 1 51  ? 2.319   5.558   7.278   1.00   11.25 ? 51   LEU A CA  1 
ATOM   354  C C   . LEU A 1 51  ? 3.612   5.127   7.963   1.00   11.72 ? 51   LEU A C   1 
ATOM   355  O O   . LEU A 1 51  ? 4.377   4.342   7.405   1.00   12.05 ? 51   LEU A O   1 
ATOM   356  C CB  . LEU A 1 51  ? 2.527   6.874   6.526   1.00   12.21 ? 51   LEU A CB  1 
ATOM   357  C CG  . LEU A 1 51  ? 3.570   6.872   5.401   1.00   12.55 ? 51   LEU A CG  1 
ATOM   358  C CD1 . LEU A 1 51  ? 3.326   5.712   4.443   1.00   13.66 ? 51   LEU A CD1 1 
ATOM   359  C CD2 . LEU A 1 51  ? 3.505   8.206   4.661   1.00   14.44 ? 51   LEU A CD2 1 
ATOM   360  N N   . ARG A 1 52  ? 3.852   5.630   9.171   1.00   11.76 ? 52   ARG A N   1 
ATOM   361  C CA  . ARG A 1 52  ? 5.065   5.249   9.899   1.00   13.11 ? 52   ARG A CA  1 
ATOM   362  C C   . ARG A 1 52  ? 5.041   3.755   10.226  1.00   13.66 ? 52   ARG A C   1 
ATOM   363  O O   . ARG A 1 52  ? 6.072   3.080   10.169  1.00   13.28 ? 52   ARG A O   1 
ATOM   364  C CB  . ARG A 1 52  ? 5.214   6.088   11.177  1.00   13.40 ? 52   ARG A CB  1 
ATOM   365  C CG  . ARG A 1 52  ? 5.478   7.565   10.887  1.00   16.45 ? 52   ARG A CG  1 
ATOM   366  C CD  . ARG A 1 52  ? 5.641   8.421   12.142  1.00   17.83 ? 52   ARG A CD  1 
ATOM   367  N NE  . ARG A 1 52  ? 5.715   9.840   11.785  1.00   18.68 ? 52   ARG A NE  1 
ATOM   368  C CZ  . ARG A 1 52  ? 4.805   10.747  12.121  1.00   18.51 ? 52   ARG A CZ  1 
ATOM   369  N NH1 . ARG A 1 52  ? 3.743   10.394  12.836  1.00   18.68 ? 52   ARG A NH1 1 
ATOM   370  N NH2 . ARG A 1 52  ? 4.945   12.006  11.725  1.00   18.27 ? 52   ARG A NH2 1 
ATOM   371  N N   . LEU A 1 53  ? 3.868   3.228   10.565  1.00   12.90 ? 53   LEU A N   1 
ATOM   372  C CA  . LEU A 1 53  ? 3.748   1.805   10.862  1.00   13.68 ? 53   LEU A CA  1 
ATOM   373  C C   . LEU A 1 53  ? 4.033   1.015   9.588   1.00   13.04 ? 53   LEU A C   1 
ATOM   374  O O   . LEU A 1 53  ? 4.686   -0.030  9.621   1.00   13.56 ? 53   LEU A O   1 
ATOM   375  C CB  . LEU A 1 53  ? 2.341   1.472   11.368  1.00   15.35 ? 53   LEU A CB  1 
ATOM   376  C CG  . LEU A 1 53  ? 1.927   2.063   12.717  1.00   18.37 ? 53   LEU A CG  1 
ATOM   377  C CD1 . LEU A 1 53  ? 0.466   1.715   12.990  1.00   19.37 ? 53   LEU A CD1 1 
ATOM   378  C CD2 . LEU A 1 53  ? 2.821   1.522   13.827  1.00   19.77 ? 53   LEU A CD2 1 
ATOM   379  N N   . LEU A 1 54  ? 3.537   1.515   8.461   1.00   12.66 ? 54   LEU A N   1 
ATOM   380  C CA  . LEU A 1 54  ? 3.757   0.854   7.183   1.00   13.38 ? 54   LEU A CA  1 
ATOM   381  C C   . LEU A 1 54  ? 5.231   0.871   6.815   1.00   13.65 ? 54   LEU A C   1 
ATOM   382  O O   . LEU A 1 54  ? 5.775   -0.136  6.358   1.00   13.95 ? 54   LEU A O   1 
ATOM   383  C CB  . LEU A 1 54  ? 2.955   1.541   6.078   1.00   15.67 ? 54   LEU A CB  1 
ATOM   384  C CG  . LEU A 1 54  ? 1.527   1.047   5.878   1.00   18.33 ? 54   LEU A CG  1 
ATOM   385  C CD1 . LEU A 1 54  ? 0.824   1.920   4.842   1.00   19.55 ? 54   LEU A CD1 1 
ATOM   386  C CD2 . LEU A 1 54  ? 1.559   -0.405  5.422   1.00   19.76 ? 54   LEU A CD2 1 
ATOM   387  N N   . ALA A 1 55  ? 5.868   2.022   7.009   1.00   12.92 ? 55   ALA A N   1 
ATOM   388  C CA  . ALA A 1 55  ? 7.284   2.164   6.692   1.00   14.01 ? 55   ALA A CA  1 
ATOM   389  C C   . ALA A 1 55  ? 8.103   1.172   7.510   1.00   15.09 ? 55   ALA A C   1 
ATOM   390  O O   . ALA A 1 55  ? 9.047   0.569   6.998   1.00   15.86 ? 55   ALA A O   1 
ATOM   391  C CB  . ALA A 1 55  ? 7.748   3.590   6.968   1.00   14.55 ? 55   ALA A CB  1 
ATOM   392  N N   . GLU A 1 56  ? 7.735   0.999   8.776   1.00   14.72 ? 56   GLU A N   1 
ATOM   393  C CA  . GLU A 1 56  ? 8.437   0.062   9.656   1.00   16.29 ? 56   GLU A CA  1 
ATOM   394  C C   . GLU A 1 56  ? 8.299   -1.360  9.127   1.00   15.97 ? 56   GLU A C   1 
ATOM   395  O O   . GLU A 1 56  ? 9.276   -2.113  9.053   1.00   16.57 ? 56   GLU A O   1 
ATOM   396  C CB  . GLU A 1 56  ? 7.868   0.135   11.076  1.00   19.28 ? 56   GLU A CB  1 
ATOM   397  C CG  . GLU A 1 56  ? 7.951   1.516   11.695  1.00   23.67 ? 56   GLU A CG  1 
ATOM   398  C CD  . GLU A 1 56  ? 7.183   1.630   13.000  1.00   25.90 ? 56   GLU A CD  1 
ATOM   399  O OE1 . GLU A 1 56  ? 7.049   2.766   13.500  1.00   27.12 ? 56   GLU A OE1 1 
ATOM   400  O OE2 . GLU A 1 56  ? 6.715   0.594   13.524  1.00   28.08 ? 56   GLU A OE2 1 
ATOM   401  N N   . LEU A 1 57  ? 7.077   -1.731  8.755   1.00   13.27 ? 57   LEU A N   1 
ATOM   402  C CA  . LEU A 1 57  ? 6.822   -3.065  8.235   1.00   12.75 ? 57   LEU A CA  1 
ATOM   403  C C   . LEU A 1 57  ? 7.560   -3.333  6.931   1.00   12.84 ? 57   LEU A C   1 
ATOM   404  O O   . LEU A 1 57  ? 8.193   -4.381  6.771   1.00   13.35 ? 57   LEU A O   1 
ATOM   405  C CB  . LEU A 1 57  ? 5.320   -3.266  8.001   1.00   13.06 ? 57   LEU A CB  1 
ATOM   406  C CG  . LEU A 1 57  ? 4.943   -4.562  7.277   1.00   12.78 ? 57   LEU A CG  1 
ATOM   407  C CD1 . LEU A 1 57  ? 5.248   -5.765  8.164   1.00   15.35 ? 57   LEU A CD1 1 
ATOM   408  C CD2 . LEU A 1 57  ? 3.461   -4.526  6.923   1.00   14.93 ? 57   LEU A CD2 1 
ATOM   409  N N   . LEU A 1 58  ? 7.487   -2.383  6.004   1.00   11.49 ? 58   LEU A N   1 
ATOM   410  C CA  . LEU A 1 58  ? 8.110   -2.546  4.700   1.00   11.11 ? 58   LEU A CA  1 
ATOM   411  C C   . LEU A 1 58  ? 9.629   -2.435  4.714   1.00   12.60 ? 58   LEU A C   1 
ATOM   412  O O   . LEU A 1 58  ? 10.302  -3.146  3.974   1.00   11.68 ? 58   LEU A O   1 
ATOM   413  C CB  . LEU A 1 58  ? 7.517   -1.538  3.712   1.00   12.19 ? 58   LEU A CB  1 
ATOM   414  C CG  . LEU A 1 58  ? 5.996   -1.659  3.539   1.00   12.27 ? 58   LEU A CG  1 
ATOM   415  C CD1 . LEU A 1 58  ? 5.502   -0.555  2.607   1.00   12.07 ? 58   LEU A CD1 1 
ATOM   416  C CD2 . LEU A 1 58  ? 5.641   -3.028  2.982   1.00   12.04 ? 58   LEU A CD2 1 
ATOM   417  N N   . ASN A 1 59  ? 10.172  -1.553  5.544   1.00   12.98 ? 59   ASN A N   1 
ATOM   418  C CA  . ASN A 1 59  ? 11.626  -1.413  5.588   1.00   13.19 ? 59   ASN A CA  1 
ATOM   419  C C   . ASN A 1 59  ? 12.270  -2.563  6.352   1.00   14.56 ? 59   ASN A C   1 
ATOM   420  O O   . ASN A 1 59  ? 13.381  -2.992  6.018   1.00   14.34 ? 59   ASN A O   1 
ATOM   421  C CB  . ASN A 1 59  ? 12.032  -0.088  6.230   1.00   12.81 ? 59   ASN A CB  1 
ATOM   422  C CG  . ASN A 1 59  ? 13.370  0.412   5.718   1.00   13.04 ? 59   ASN A CG  1 
ATOM   423  O OD1 . ASN A 1 59  ? 14.126  1.066   6.435   1.00   14.34 ? 59   ASN A OD1 1 
ATOM   424  N ND2 . ASN A 1 59  ? 13.660  0.117   4.461   1.00   11.57 ? 59   ASN A ND2 1 
ATOM   425  N N   . ALA A 1 60  ? 11.578  -3.052  7.378   1.00   14.57 ? 60   ALA A N   1 
ATOM   426  C CA  . ALA A 1 60  ? 12.066  -4.163  8.195   1.00   16.82 ? 60   ALA A CA  1 
ATOM   427  C C   . ALA A 1 60  ? 13.538  -3.977  8.554   1.00   18.08 ? 60   ALA A C   1 
ATOM   428  O O   . ALA A 1 60  ? 14.358  -4.874  8.346   1.00   19.18 ? 60   ALA A O   1 
ATOM   429  C CB  . ALA A 1 60  ? 11.875  -5.477  7.453   1.00   17.08 ? 60   ALA A CB  1 
HETATM 430  N N   . SEP A 1 61  ? 13.857  -2.811  9.100   1.00   18.42 ? 61   SEP A N   1 
HETATM 431  C CA  . SEP A 1 61  ? 15.224  -2.474  9.479   1.00   21.06 ? 61   SEP A CA  1 
HETATM 432  C CB  . SEP A 1 61  ? 15.399  -0.953  9.486   1.00   21.28 ? 61   SEP A CB  1 
HETATM 433  O OG  . SEP A 1 61  ? 14.827  -0.369  10.644  1.00   20.12 ? 61   SEP A OG  1 
HETATM 434  C C   . SEP A 1 61  ? 15.649  -3.094  10.813  1.00   23.49 ? 61   SEP A C   1 
HETATM 435  O O   . SEP A 1 61  ? 16.838  -3.166  11.125  1.00   20.39 ? 61   SEP A O   1 
HETATM 436  P P   . SEP A 1 61  ? 13.547  0.453   10.270  1.00   20.92 ? 61   SEP A P   1 
HETATM 437  O O1P . SEP A 1 61  ? 12.438  -0.483  9.747   1.00   21.77 ? 61   SEP A O1P 1 
HETATM 438  O O2P . SEP A 1 61  ? 13.879  1.493   9.178   1.00   20.56 ? 61   SEP A O2P 1 
HETATM 439  O O3P . SEP A 1 61  ? 13.046  1.175   11.553  1.00   21.88 ? 61   SEP A O3P 1 
ATOM   440  N N   . ARG A 1 62  ? 14.672  -3.546  11.594  1.00   26.89 ? 62   ARG A N   1 
ATOM   441  C CA  . ARG A 1 62  ? 14.950  -4.167  12.885  1.00   32.28 ? 62   ARG A CA  1 
ATOM   442  C C   . ARG A 1 62  ? 13.650  -4.687  13.489  1.00   33.82 ? 62   ARG A C   1 
ATOM   443  O O   . ARG A 1 62  ? 13.051  -4.040  14.348  1.00   35.76 ? 62   ARG A O   1 
ATOM   444  C CB  . ARG A 1 62  ? 15.598  -3.149  13.830  1.00   34.94 ? 62   ARG A CB  1 
ATOM   445  C CG  . ARG A 1 62  ? 16.347  -3.742  15.030  1.00   38.70 ? 62   ARG A CG  1 
ATOM   446  C CD  . ARG A 1 62  ? 15.421  -4.318  16.098  1.00   41.50 ? 62   ARG A CD  1 
ATOM   447  N NE  . ARG A 1 62  ? 14.828  -5.594  15.705  1.00   43.95 ? 62   ARG A NE  1 
ATOM   448  C CZ  . ARG A 1 62  ? 13.994  -6.297  16.464  1.00   45.02 ? 62   ARG A CZ  1 
ATOM   449  N NH1 . ARG A 1 62  ? 13.651  -5.850  17.665  1.00   45.63 ? 62   ARG A NH1 1 
ATOM   450  N NH2 . ARG A 1 62  ? 13.502  -7.449  16.026  1.00   45.68 ? 62   ARG A NH2 1 
ATOM   451  N N   . GLY A 1 63  ? 13.221  -5.860  13.032  1.00   35.06 ? 63   GLY A N   1 
ATOM   452  C CA  . GLY A 1 63  ? 11.993  -6.452  13.534  1.00   35.35 ? 63   GLY A CA  1 
ATOM   453  C C   . GLY A 1 63  ? 11.620  -7.727  12.801  1.00   35.45 ? 63   GLY A C   1 
ATOM   454  O O   . GLY A 1 63  ? 11.688  -7.790  11.573  1.00   36.03 ? 63   GLY A O   1 
ATOM   455  N N   . GLY A 1 64  ? 11.225  -8.748  13.556  0.0000 34.54 ? 64   GLY A N   1 
ATOM   456  C CA  . GLY A 1 64  ? 10.849  -10.014 12.953  0.0000 33.85 ? 64   GLY A CA  1 
ATOM   457  C C   . GLY A 1 64  ? 9.816   -10.762 13.774  0.0000 33.66 ? 64   GLY A C   1 
ATOM   458  O O   . GLY A 1 64  ? 9.655   -10.505 14.966  0.0000 33.73 ? 64   GLY A O   1 
ATOM   459  N N   . ASP A 1 65  ? 9.113   -11.692 13.135  0.0000 19.99 ? 65   ASP A N   1 
ATOM   460  C CA  . ASP A 1 65  ? 8.088   -12.477 13.811  0.0000 19.99 ? 65   ASP A CA  1 
ATOM   461  C C   . ASP A 1 65  ? 8.271   -13.969 13.553  0.0000 19.99 ? 65   ASP A C   1 
ATOM   462  O O   . ASP A 1 65  ? 8.415   -14.755 14.489  0.0000 19.99 ? 65   ASP A O   1 
ATOM   463  C CB  . ASP A 1 65  ? 6.706   -12.033 13.348  0.0000 19.99 ? 65   ASP A CB  1 
ATOM   464  N N   . GLY A 1 66  ? 8.263   -14.348 12.279  0.0000 32.09 ? 66   GLY A N   1 
ATOM   465  C CA  . GLY A 1 66  ? 8.428   -15.744 11.921  0.0000 30.97 ? 66   GLY A CA  1 
ATOM   466  C C   . GLY A 1 66  ? 9.171   -15.927 10.612  0.0000 30.25 ? 66   GLY A C   1 
ATOM   467  O O   . GLY A 1 66  ? 10.335  -16.326 10.602  0.0000 29.54 ? 66   GLY A O   1 
ATOM   468  N N   . SER A 1 67  ? 8.497   -15.634 9.504   0.0000 19.99 ? 67   SER A N   1 
ATOM   469  C CA  . SER A 1 67  ? 9.099   -15.767 8.184   0.0000 19.99 ? 67   SER A CA  1 
ATOM   470  C C   . SER A 1 67  ? 8.675   -14.623 7.271   0.0000 19.99 ? 67   SER A C   1 
ATOM   471  O O   . SER A 1 67  ? 8.007   -14.839 6.259   0.0000 19.99 ? 67   SER A O   1 
ATOM   472  C CB  . SER A 1 67  ? 8.707   -17.105 7.568   0.0000 19.99 ? 67   SER A CB  1 
ATOM   473  N N   . GLY A 1 68  ? 9.065   -13.406 7.635   0.0000 30.68 ? 68   GLY A N   1 
ATOM   474  C CA  . GLY A 1 68  ? 8.716   -12.248 6.834   0.0000 30.53 ? 68   GLY A CA  1 
ATOM   475  C C   . GLY A 1 68  ? 9.832   -11.225 6.780   0.0000 30.09 ? 68   GLY A C   1 
ATOM   476  O O   . GLY A 1 68  ? 10.326  -10.779 7.817   0.0000 29.61 ? 68   GLY A O   1 
ATOM   477  N N   . GLU A 1 69  ? 10.234  -10.854 5.569   1.00   30.53 ? 69   GLU A N   1 
ATOM   478  C CA  . GLU A 1 69  ? 11.299  -9.877  5.382   1.00   29.15 ? 69   GLU A CA  1 
ATOM   479  C C   . GLU A 1 69  ? 10.716  -8.558  4.879   1.00   26.58 ? 69   GLU A C   1 
ATOM   480  O O   . GLU A 1 69  ? 9.500   -8.378  4.864   1.00   26.88 ? 69   GLU A O   1 
ATOM   481  C CB  . GLU A 1 69  ? 12.331  -10.407 4.384   1.00   30.83 ? 69   GLU A CB  1 
ATOM   482  C CG  . GLU A 1 69  ? 12.755  -11.854 4.627   1.00   36.08 ? 69   GLU A CG  1 
ATOM   483  C CD  . GLU A 1 69  ? 13.246  -12.113 6.045   1.00   38.11 ? 69   GLU A CD  1 
ATOM   484  O OE1 . GLU A 1 69  ? 13.575  -13.279 6.355   1.00   39.51 ? 69   GLU A OE1 1 
ATOM   485  O OE2 . GLU A 1 69  ? 13.304  -11.157 6.850   1.00   40.78 ? 69   GLU A OE2 1 
ATOM   486  N N   . GLY A 1 70  ? 11.584  -7.640  4.460   1.00   22.76 ? 70   GLY A N   1 
ATOM   487  C CA  . GLY A 1 70  ? 11.112  -6.351  3.980   1.00   19.87 ? 70   GLY A CA  1 
ATOM   488  C C   . GLY A 1 70  ? 10.929  -6.247  2.477   1.00   16.66 ? 70   GLY A C   1 
ATOM   489  O O   . GLY A 1 70  ? 11.247  -7.173  1.730   1.00   16.21 ? 70   GLY A O   1 
ATOM   490  N N   . ALA A 1 71  ? 10.408  -5.106  2.033   1.00   13.14 ? 71   ALA A N   1 
ATOM   491  C CA  . ALA A 1 71  ? 10.187  -4.856  0.612   1.00   12.37 ? 71   ALA A CA  1 
ATOM   492  C C   . ALA A 1 71  ? 11.503  -4.467  -0.053  1.00   11.80 ? 71   ALA A C   1 
ATOM   493  O O   . ALA A 1 71  ? 12.321  -3.774  0.556   1.00   12.11 ? 71   ALA A O   1 
ATOM   494  C CB  . ALA A 1 71  ? 9.163   -3.736  0.435   1.00   12.25 ? 71   ALA A CB  1 
ATOM   495  N N   . ASP A 1 72  ? 11.689  -4.902  -1.298  1.00   12.12 ? 72   ASP A N   1 
ATOM   496  C CA  . ASP A 1 72  ? 12.912  -4.624  -2.064  1.00   12.44 ? 72   ASP A CA  1 
ATOM   497  C C   . ASP A 1 72  ? 12.716  -3.601  -3.175  1.00   14.07 ? 72   ASP A C   1 
ATOM   498  O O   . ASP A 1 72  ? 13.631  -3.345  -3.954  1.00   13.50 ? 72   ASP A O   1 
ATOM   499  C CB  . ASP A 1 72  ? 13.447  -5.903  -2.712  1.00   12.78 ? 72   ASP A CB  1 
ATOM   500  C CG  . ASP A 1 72  ? 13.835  -6.955  -1.703  1.00   12.42 ? 72   ASP A CG  1 
ATOM   501  O OD1 . ASP A 1 72  ? 14.374  -6.588  -0.641  1.00   13.50 ? 72   ASP A OD1 1 
ATOM   502  O OD2 . ASP A 1 72  ? 13.612  -8.149  -1.983  1.00   14.22 ? 72   ASP A OD2 1 
ATOM   503  N N   . GLY A 1 73  ? 11.520  -3.032  -3.264  1.00   13.22 ? 73   GLY A N   1 
ATOM   504  C CA  . GLY A 1 73  ? 11.250  -2.061  -4.303  1.00   12.75 ? 73   GLY A CA  1 
ATOM   505  C C   . GLY A 1 73  ? 9.961   -1.333  -3.982  1.00   11.50 ? 73   GLY A C   1 
ATOM   506  O O   . GLY A 1 73  ? 9.518   -1.362  -2.838  1.00   11.45 ? 73   GLY A O   1 
ATOM   507  N N   . ARG A 1 74  ? 9.357   -0.693  -4.979  1.00   11.78 ? 74   ARG A N   1 
ATOM   508  C CA  . ARG A 1 74  ? 8.117   0.045   -4.747  1.00   10.68 ? 74   ARG A CA  1 
ATOM   509  C C   . ARG A 1 74  ? 7.004   -0.917  -4.339  1.00   10.05 ? 74   ARG A C   1 
ATOM   510  O O   . ARG A 1 74  ? 6.996   -2.081  -4.743  1.00   10.01 ? 74   ARG A O   1 
ATOM   511  C CB  . ARG A 1 74  ? 7.734   0.847   -5.996  1.00   12.27 ? 74   ARG A CB  1 
ATOM   512  C CG  . ARG A 1 74  ? 7.284   0.020   -7.179  1.00   12.62 ? 74   ARG A CG  1 
ATOM   513  C CD  . ARG A 1 74  ? 7.120   0.895   -8.416  1.00   15.75 ? 74   ARG A CD  1 
ATOM   514  N NE  . ARG A 1 74  ? 8.403   1.248   -9.022  1.00   17.24 ? 74   ARG A NE  1 
ATOM   515  C CZ  . ARG A 1 74  ? 9.140   0.417   -9.755  1.00   16.21 ? 74   ARG A CZ  1 
ATOM   516  N NH1 . ARG A 1 74  ? 8.725   -0.823  -9.986  1.00   17.03 ? 74   ARG A NH1 1 
ATOM   517  N NH2 . ARG A 1 74  ? 10.296  0.828   -10.262 1.00   18.87 ? 74   ARG A NH2 1 
ATOM   518  N N   . VAL A 1 75  ? 6.055   -0.421  -3.543  1.00   9.40  ? 75   VAL A N   1 
ATOM   519  C CA  . VAL A 1 75  ? 4.976   -1.258  -3.030  1.00   9.53  ? 75   VAL A CA  1 
ATOM   520  C C   . VAL A 1 75  ? 3.594   -0.660  -3.303  1.00   8.41  ? 75   VAL A C   1 
ATOM   521  O O   . VAL A 1 75  ? 3.312   0.456   -2.885  1.00   10.05 ? 75   VAL A O   1 
ATOM   522  C CB  . VAL A 1 75  ? 5.133   -1.439  -1.501  1.00   9.21  ? 75   VAL A CB  1 
ATOM   523  C CG1 . VAL A 1 75  ? 4.059   -2.359  -0.956  1.00   8.74  ? 75   VAL A CG1 1 
ATOM   524  C CG2 . VAL A 1 75  ? 6.525   -2.003  -1.183  1.00   9.96  ? 75   VAL A CG2 1 
ATOM   525  N N   . TRP A 1 76  ? 2.739   -1.411  -3.986  1.00   10.37 ? 76   TRP A N   1 
ATOM   526  C CA  . TRP A 1 76  ? 1.387   -0.928  -4.283  1.00   9.52  ? 76   TRP A CA  1 
ATOM   527  C C   . TRP A 1 76  ? 0.577   -0.648  -3.017  1.00   9.45  ? 76   TRP A C   1 
ATOM   528  O O   . TRP A 1 76  ? 0.615   -1.421  -2.058  1.00   10.05 ? 76   TRP A O   1 
ATOM   529  C CB  . TRP A 1 76  ? 0.586   -1.969  -5.081  1.00   8.84  ? 76   TRP A CB  1 
ATOM   530  C CG  . TRP A 1 76  ? 0.902   -2.133  -6.540  1.00   8.55  ? 76   TRP A CG  1 
ATOM   531  C CD1 . TRP A 1 76  ? 1.057   -3.314  -7.206  1.00   8.77  ? 76   TRP A CD1 1 
ATOM   532  C CD2 . TRP A 1 76  ? 0.976   -1.103  -7.535  1.00   7.53  ? 76   TRP A CD2 1 
ATOM   533  N NE1 . TRP A 1 76  ? 1.217   -3.088  -8.550  1.00   8.58  ? 76   TRP A NE1 1 
ATOM   534  C CE2 . TRP A 1 76  ? 1.170   -1.739  -8.782  1.00   8.03  ? 76   TRP A CE2 1 
ATOM   535  C CE3 . TRP A 1 76  ? 0.892   0.296   -7.493  1.00   7.57  ? 76   TRP A CE3 1 
ATOM   536  C CZ2 . TRP A 1 76  ? 1.283   -1.025  -9.983  1.00   7.90  ? 76   TRP A CZ2 1 
ATOM   537  C CZ3 . TRP A 1 76  ? 1.006   1.010   -8.687  1.00   7.54  ? 76   TRP A CZ3 1 
ATOM   538  C CH2 . TRP A 1 76  ? 1.199   0.344   -9.915  1.00   8.37  ? 76   TRP A CH2 1 
ATOM   539  N N   . ILE A 1 77  ? -0.169  0.454   -3.028  1.00   9.31  ? 77   ILE A N   1 
ATOM   540  C CA  . ILE A 1 77  ? -1.066  0.777   -1.927  1.00   9.73  ? 77   ILE A CA  1 
ATOM   541  C C   . ILE A 1 77  ? -2.434  0.992   -2.580  1.00   8.90  ? 77   ILE A C   1 
ATOM   542  O O   . ILE A 1 77  ? -2.534  0.992   -3.808  1.00   10.68 ? 77   ILE A O   1 
ATOM   543  C CB  . ILE A 1 77  ? -0.637  2.014   -1.114  1.00   9.56  ? 77   ILE A CB  1 
ATOM   544  C CG1 . ILE A 1 77  ? -0.399  3.216   -2.025  1.00   11.33 ? 77   ILE A CG1 1 
ATOM   545  C CG2 . ILE A 1 77  ? 0.611   1.670   -0.289  1.00   12.10 ? 77   ILE A CG2 1 
ATOM   546  C CD1 . ILE A 1 77  ? -0.153  4.503   -1.253  1.00   12.43 ? 77   ILE A CD1 1 
ATOM   547  N N   . GLY A 1 78  ? -3.469  1.173   -1.768  1.00   9.34  ? 78   GLY A N   1 
ATOM   548  C CA  . GLY A 1 78  ? -4.822  1.295   -2.303  1.00   10.30 ? 78   GLY A CA  1 
ATOM   549  C C   . GLY A 1 78  ? -5.314  2.540   -3.014  1.00   12.25 ? 78   GLY A C   1 
ATOM   550  O O   . GLY A 1 78  ? -6.513  2.631   -3.310  1.00   11.57 ? 78   GLY A O   1 
ATOM   551  N N   . LEU A 1 79  ? -4.434  3.488   -3.307  1.00   9.90  ? 79   LEU A N   1 
ATOM   552  C CA  . LEU A 1 79  ? -4.862  4.715   -3.980  1.00   10.24 ? 79   LEU A CA  1 
ATOM   553  C C   . LEU A 1 79  ? -4.738  4.618   -5.499  1.00   11.18 ? 79   LEU A C   1 
ATOM   554  O O   . LEU A 1 79  ? -3.698  4.217   -6.024  1.00   10.97 ? 79   LEU A O   1 
ATOM   555  C CB  . LEU A 1 79  ? -4.030  5.899   -3.474  1.00   12.09 ? 79   LEU A CB  1 
ATOM   556  C CG  . LEU A 1 79  ? -4.509  7.308   -3.830  1.00   12.19 ? 79   LEU A CG  1 
ATOM   557  C CD1 . LEU A 1 79  ? -5.781  7.631   -3.050  1.00   13.48 ? 79   LEU A CD1 1 
ATOM   558  C CD2 . LEU A 1 79  ? -3.424  8.317   -3.485  1.00   13.92 ? 79   LEU A CD2 1 
ATOM   559  N N   . HIS A 1 80  ? -5.805  4.962   -6.217  1.00   11.24 ? 80   HIS A N   1 
ATOM   560  C CA  . HIS A 1 80  ? -5.758  4.929   -7.675  1.00   11.17 ? 80   HIS A CA  1 
ATOM   561  C C   . HIS A 1 80  ? -6.785  5.884   -8.274  1.00   11.39 ? 80   HIS A C   1 
ATOM   562  O O   . HIS A 1 80  ? -7.666  6.378   -7.570  1.00   12.02 ? 80   HIS A O   1 
ATOM   563  C CB  . HIS A 1 80  ? -5.985  3.509   -8.220  1.00   12.13 ? 80   HIS A CB  1 
ATOM   564  C CG  . HIS A 1 80  ? -7.393  3.008   -8.081  1.00   12.32 ? 80   HIS A CG  1 
ATOM   565  N ND1 . HIS A 1 80  ? -7.967  2.160   -9.003  1.00   13.77 ? 80   HIS A ND1 1 
ATOM   566  C CD2 . HIS A 1 80  ? -8.320  3.194   -7.112  1.00   12.70 ? 80   HIS A CD2 1 
ATOM   567  C CE1 . HIS A 1 80  ? -9.188  1.844   -8.607  1.00   11.94 ? 80   HIS A CE1 1 
ATOM   568  N NE2 . HIS A 1 80  ? -9.427  2.457   -7.463  1.00   12.40 ? 80   HIS A NE2 1 
ATOM   569  N N   . ARG A 1 81  ? -6.646  6.153   -9.567  1.00   13.59 ? 81   ARG A N   1 
ATOM   570  C CA  . ARG A 1 81  ? -7.562  7.051   -10.253 1.00   16.49 ? 81   ARG A CA  1 
ATOM   571  C C   . ARG A 1 81  ? -8.248  6.297   -11.381 1.00   16.94 ? 81   ARG A C   1 
ATOM   572  O O   . ARG A 1 81  ? -7.681  6.120   -12.460 1.00   16.91 ? 81   ARG A O   1 
ATOM   573  C CB  . ARG A 1 81  ? -6.818  8.261   -10.828 1.00   19.14 ? 81   ARG A CB  1 
ATOM   574  C CG  . ARG A 1 81  ? -7.760  9.385   -11.259 1.00   23.97 ? 81   ARG A CG  1 
ATOM   575  C CD  . ARG A 1 81  ? -7.073  10.418  -12.129 1.00   28.97 ? 81   ARG A CD  1 
ATOM   576  N NE  . ARG A 1 81  ? -6.704  9.856   -13.423 1.00   33.35 ? 81   ARG A NE  1 
ATOM   577  C CZ  . ARG A 1 81  ? -6.294  10.573  -14.462 1.00   34.84 ? 81   ARG A CZ  1 
ATOM   578  N NH1 . ARG A 1 81  ? -5.980  9.969   -15.599 1.00   35.89 ? 81   ARG A NH1 1 
ATOM   579  N NH2 . ARG A 1 81  ? -6.199  11.893  -14.364 1.00   36.08 ? 81   ARG A NH2 1 
ATOM   580  N N   . PRO A 1 82  ? -9.481  5.831   -11.139 1.00   18.38 ? 82   PRO A N   1 
ATOM   581  C CA  . PRO A 1 82  ? -10.238 5.091   -12.152 1.00   20.42 ? 82   PRO A CA  1 
ATOM   582  C C   . PRO A 1 82  ? -10.335 5.893   -13.445 1.00   22.00 ? 82   PRO A C   1 
ATOM   583  O O   . PRO A 1 82  ? -10.394 7.120   -13.415 1.00   22.35 ? 82   PRO A O   1 
ATOM   584  C CB  . PRO A 1 82  ? -11.605 4.907   -11.493 1.00   19.85 ? 82   PRO A CB  1 
ATOM   585  C CG  . PRO A 1 82  ? -11.280 4.861   -10.037 1.00   19.12 ? 82   PRO A CG  1 
ATOM   586  C CD  . PRO A 1 82  ? -10.256 5.964   -9.894  1.00   18.85 ? 82   PRO A CD  1 
ATOM   587  N N   . ALA A 1 83  ? -10.342 5.199   -14.576 1.00   24.47 ? 83   ALA A N   1 
ATOM   588  C CA  . ALA A 1 83  ? -10.449 5.869   -15.863 1.00   26.52 ? 83   ALA A CA  1 
ATOM   589  C C   . ALA A 1 83  ? -11.736 6.684   -15.872 1.00   27.79 ? 83   ALA A C   1 
ATOM   590  O O   . ALA A 1 83  ? -12.799 6.184   -15.501 1.00   28.22 ? 83   ALA A O   1 
ATOM   591  C CB  . ALA A 1 83  ? -10.464 4.843   -16.990 1.00   26.38 ? 83   ALA A CB  1 
ATOM   592  N N   . GLY A 1 84  ? -11.636 7.945   -16.277 1.00   29.64 ? 84   GLY A N   1 
ATOM   593  C CA  . GLY A 1 84  ? -12.812 8.795   -16.319 1.00   31.01 ? 84   GLY A CA  1 
ATOM   594  C C   . GLY A 1 84  ? -12.935 9.734   -15.135 1.00   32.01 ? 84   GLY A C   1 
ATOM   595  O O   . GLY A 1 84  ? -13.602 10.766  -15.225 1.00   32.62 ? 84   GLY A O   1 
ATOM   596  N N   . SER A 1 85  ? -12.303 9.381   -14.019 1.00   31.82 ? 85   SER A N   1 
ATOM   597  C CA  . SER A 1 85  ? -12.348 10.215  -12.823 1.00   31.74 ? 85   SER A CA  1 
ATOM   598  C C   . SER A 1 85  ? -11.173 11.185  -12.798 1.00   31.79 ? 85   SER A C   1 
ATOM   599  O O   . SER A 1 85  ? -10.083 10.868  -13.277 1.00   32.09 ? 85   SER A O   1 
ATOM   600  C CB  . SER A 1 85  ? -12.313 9.347   -11.561 1.00   31.94 ? 85   SER A CB  1 
ATOM   601  O OG  . SER A 1 85  ? -13.492 8.572   -11.441 1.00   32.85 ? 85   SER A OG  1 
ATOM   602  N N   . ARG A 1 86  ? -11.398 12.368  -12.238 1.00   31.75 ? 86   ARG A N   1 
ATOM   603  C CA  . ARG A 1 86  ? -10.347 13.371  -12.156 1.00   31.94 ? 86   ARG A CA  1 
ATOM   604  C C   . ARG A 1 86  ? -9.558  13.268  -10.856 1.00   30.21 ? 86   ARG A C   1 
ATOM   605  O O   . ARG A 1 86  ? -8.399  13.677  -10.796 1.00   30.50 ? 86   ARG A O   1 
ATOM   606  C CB  . ARG A 1 86  ? -10.936 14.779  -12.285 1.00   34.60 ? 86   ARG A CB  1 
ATOM   607  C CG  . ARG A 1 86  ? -11.492 15.097  -13.666 1.00   37.98 ? 86   ARG A CG  1 
ATOM   608  C CD  . ARG A 1 86  ? -11.816 16.577  -13.803 1.00   41.41 ? 86   ARG A CD  1 
ATOM   609  N NE  . ARG A 1 86  ? -12.844 17.015  -12.863 1.00   44.07 ? 86   ARG A NE  1 
ATOM   610  C CZ  . ARG A 1 86  ? -14.102 16.584  -12.877 1.00   45.40 ? 86   ARG A CZ  1 
ATOM   611  N NH1 . ARG A 1 86  ? -14.969 17.039  -11.982 1.00   46.23 ? 86   ARG A NH1 1 
ATOM   612  N NH2 . ARG A 1 86  ? -14.496 15.699  -13.784 1.00   46.12 ? 86   ARG A NH2 1 
ATOM   613  N N   . SER A 1 87  ? -10.183 12.716  -9.821  1.00   28.10 ? 87   SER A N   1 
ATOM   614  C CA  . SER A 1 87  ? -9.532  12.576  -8.522  1.00   25.59 ? 87   SER A CA  1 
ATOM   615  C C   . SER A 1 87  ? -9.166  11.135  -8.184  1.00   22.64 ? 87   SER A C   1 
ATOM   616  O O   . SER A 1 87  ? -9.704  10.190  -8.757  1.00   22.44 ? 87   SER A O   1 
ATOM   617  C CB  . SER A 1 87  ? -10.438 13.136  -7.421  1.00   26.92 ? 87   SER A CB  1 
ATOM   618  O OG  . SER A 1 87  ? -10.717 14.507  -7.643  1.00   29.34 ? 87   SER A OG  1 
ATOM   619  N N   . TRP A 1 88  ? -8.240  10.979  -7.246  1.00   20.13 ? 88   TRP A N   1 
ATOM   620  C CA  . TRP A 1 88  ? -7.803  9.658   -6.809  1.00   16.72 ? 88   TRP A CA  1 
ATOM   621  C C   . TRP A 1 88  ? -8.658  9.233   -5.625  1.00   15.13 ? 88   TRP A C   1 
ATOM   622  O O   . TRP A 1 88  ? -9.148  10.080  -4.879  1.00   15.26 ? 88   TRP A O   1 
ATOM   623  C CB  . TRP A 1 88  ? -6.328  9.703   -6.395  1.00   17.37 ? 88   TRP A CB  1 
ATOM   624  C CG  . TRP A 1 88  ? -5.403  9.980   -7.538  1.00   16.59 ? 88   TRP A CG  1 
ATOM   625  C CD1 . TRP A 1 88  ? -5.376  11.098  -8.321  1.00   17.74 ? 88   TRP A CD1 1 
ATOM   626  C CD2 . TRP A 1 88  ? -4.385  9.110   -8.043  1.00   15.34 ? 88   TRP A CD2 1 
ATOM   627  N NE1 . TRP A 1 88  ? -4.404  10.977  -9.287  1.00   18.15 ? 88   TRP A NE1 1 
ATOM   628  C CE2 . TRP A 1 88  ? -3.780  9.765   -9.138  1.00   16.24 ? 88   TRP A CE2 1 
ATOM   629  C CE3 . TRP A 1 88  ? -3.926  7.839   -7.678  1.00   13.82 ? 88   TRP A CE3 1 
ATOM   630  C CZ2 . TRP A 1 88  ? -2.737  9.191   -9.873  1.00   15.80 ? 88   TRP A CZ2 1 
ATOM   631  C CZ3 . TRP A 1 88  ? -2.888  7.266   -8.410  1.00   15.62 ? 88   TRP A CZ3 1 
ATOM   632  C CH2 . TRP A 1 88  ? -2.307  7.945   -9.495  1.00   14.21 ? 88   TRP A CH2 1 
ATOM   633  N N   . ARG A 1 89  ? -8.848  7.928   -5.453  1.00   12.95 ? 89   ARG A N   1 
ATOM   634  C CA  . ARG A 1 89  ? -9.642  7.433   -4.331  1.00   12.50 ? 89   ARG A CA  1 
ATOM   635  C C   . ARG A 1 89  ? -9.030  6.157   -3.761  1.00   11.09 ? 89   ARG A C   1 
ATOM   636  O O   . ARG A 1 89  ? -8.294  5.455   -4.456  1.00   11.23 ? 89   ARG A O   1 
ATOM   637  C CB  . ARG A 1 89  ? -11.096 7.161   -4.768  1.00   12.35 ? 89   ARG A CB  1 
ATOM   638  C CG  . ARG A 1 89  ? -11.303 5.868   -5.549  1.00   13.52 ? 89   ARG A CG  1 
ATOM   639  C CD  . ARG A 1 89  ? -12.767 5.711   -6.025  1.00   14.96 ? 89   ARG A CD  1 
ATOM   640  N NE  . ARG A 1 89  ? -13.083 6.606   -7.138  1.00   15.24 ? 89   ARG A NE  1 
ATOM   641  C CZ  . ARG A 1 89  ? -14.210 6.559   -7.847  1.00   16.94 ? 89   ARG A CZ  1 
ATOM   642  N NH1 . ARG A 1 89  ? -15.146 5.662   -7.562  1.00   15.79 ? 89   ARG A NH1 1 
ATOM   643  N NH2 . ARG A 1 89  ? -14.393 7.400   -8.855  1.00   16.90 ? 89   ARG A NH2 1 
ATOM   644  N N   . TRP A 1 90  ? -9.326  5.870   -2.495  1.00   10.21 ? 90   TRP A N   1 
ATOM   645  C CA  . TRP A 1 90  ? -8.824  4.660   -1.848  1.00   10.67 ? 90   TRP A CA  1 
ATOM   646  C C   . TRP A 1 90  ? -9.742  3.492   -2.179  1.00   11.82 ? 90   TRP A C   1 
ATOM   647  O O   . TRP A 1 90  ? -10.970 3.640   -2.200  1.00   12.45 ? 90   TRP A O   1 
ATOM   648  C CB  . TRP A 1 90  ? -8.771  4.826   -0.327  1.00   11.70 ? 90   TRP A CB  1 
ATOM   649  C CG  . TRP A 1 90  ? -7.781  5.833   0.142   1.00   12.49 ? 90   TRP A CG  1 
ATOM   650  C CD1 . TRP A 1 90  ? -8.043  7.072   0.645   1.00   12.60 ? 90   TRP A CD1 1 
ATOM   651  C CD2 . TRP A 1 90  ? -6.355  5.682   0.165   1.00   12.33 ? 90   TRP A CD2 1 
ATOM   652  N NE1 . TRP A 1 90  ? -6.867  7.706   0.985   1.00   14.61 ? 90   TRP A NE1 1 
ATOM   653  C CE2 . TRP A 1 90  ? -5.817  6.873   0.698   1.00   12.14 ? 90   TRP A CE2 1 
ATOM   654  C CE3 . TRP A 1 90  ? -5.484  4.654   -0.217  1.00   13.26 ? 90   TRP A CE3 1 
ATOM   655  C CZ2 . TRP A 1 90  ? -4.438  7.066   0.865   1.00   12.73 ? 90   TRP A CZ2 1 
ATOM   656  C CZ3 . TRP A 1 90  ? -4.110  4.847   -0.054  1.00   12.07 ? 90   TRP A CZ3 1 
ATOM   657  C CH2 . TRP A 1 90  ? -3.606  6.044   0.483   1.00   11.20 ? 90   TRP A CH2 1 
ATOM   658  N N   . SER A 1 91  ? -9.151  2.329   -2.417  1.00   10.58 ? 91   SER A N   1 
ATOM   659  C CA  . SER A 1 91  ? -9.928  1.144   -2.755  1.00   11.02 ? 91   SER A CA  1 
ATOM   660  C C   . SER A 1 91  ? -10.754 0.597   -1.589  1.00   10.57 ? 91   SER A C   1 
ATOM   661  O O   . SER A 1 91  ? -11.637 -0.238  -1.797  1.00   12.03 ? 91   SER A O   1 
ATOM   662  C CB  . SER A 1 91  ? -9.001  0.044   -3.279  1.00   11.38 ? 91   SER A CB  1 
ATOM   663  O OG  . SER A 1 91  ? -8.121  -0.406  -2.256  1.00   10.43 ? 91   SER A OG  1 
ATOM   664  N N   . ASP A 1 92  ? -10.484 1.067   -0.373  1.00   11.25 ? 92   ASP A N   1 
ATOM   665  C CA  . ASP A 1 92  ? -11.196 0.567   0.802   1.00   11.16 ? 92   ASP A CA  1 
ATOM   666  C C   . ASP A 1 92  ? -12.406 1.385   1.233   1.00   12.83 ? 92   ASP A C   1 
ATOM   667  O O   . ASP A 1 92  ? -12.962 1.160   2.308   1.00   13.77 ? 92   ASP A O   1 
ATOM   668  C CB  . ASP A 1 92  ? -10.229 0.417   1.984   1.00   11.81 ? 92   ASP A CB  1 
ATOM   669  C CG  . ASP A 1 92  ? -9.928  1.732   2.676   1.00   11.75 ? 92   ASP A CG  1 
ATOM   670  O OD1 . ASP A 1 92  ? -10.136 2.806   2.069   1.00   10.71 ? 92   ASP A OD1 1 
ATOM   671  O OD2 . ASP A 1 92  ? -9.465  1.687   3.839   1.00   13.55 ? 92   ASP A OD2 1 
ATOM   672  N N   . GLY A 1 93  ? -12.803 2.340   0.401   1.00   14.03 ? 93   GLY A N   1 
ATOM   673  C CA  . GLY A 1 93  ? -13.974 3.142   0.716   1.00   16.03 ? 93   GLY A CA  1 
ATOM   674  C C   . GLY A 1 93  ? -13.790 4.344   1.619   1.00   17.58 ? 93   GLY A C   1 
ATOM   675  O O   . GLY A 1 93  ? -14.744 5.086   1.856   1.00   18.71 ? 93   GLY A O   1 
ATOM   676  N N   . THR A 1 94  ? -12.587 4.556   2.141   1.00   17.17 ? 94   THR A N   1 
ATOM   677  C CA  . THR A 1 94  ? -12.382 5.708   3.008   1.00   16.86 ? 94   THR A CA  1 
ATOM   678  C C   . THR A 1 94  ? -12.230 6.975   2.179   1.00   15.62 ? 94   THR A C   1 
ATOM   679  O O   . THR A 1 94  ? -11.747 6.938   1.047   1.00   15.86 ? 94   THR A O   1 
ATOM   680  C CB  . THR A 1 94  ? -11.137 5.540   3.897   1.00   18.91 ? 94   THR A CB  1 
ATOM   681  O OG1 . THR A 1 94  ? -10.004 5.249   3.077   1.00   18.39 ? 94   THR A OG1 1 
ATOM   682  C CG2 . THR A 1 94  ? -11.346 4.413   4.900   1.00   19.99 ? 94   THR A CG2 1 
ATOM   683  N N   . ALA A 1 95  ? -12.671 8.098   2.734   1.00   15.36 ? 95   ALA A N   1 
ATOM   684  C CA  . ALA A 1 95  ? -12.563 9.366   2.030   1.00   16.20 ? 95   ALA A CA  1 
ATOM   685  C C   . ALA A 1 95  ? -11.135 9.869   2.185   1.00   16.33 ? 95   ALA A C   1 
ATOM   686  O O   . ALA A 1 95  ? -10.453 9.524   3.148   1.00   18.48 ? 95   ALA A O   1 
ATOM   687  C CB  . ALA A 1 95  ? -13.536 10.376  2.615   1.00   17.40 ? 95   ALA A CB  1 
ATOM   688  N N   . PRO A 1 96  ? -10.658 10.681  1.236   1.00   17.42 ? 96   PRO A N   1 
ATOM   689  C CA  . PRO A 1 96  ? -9.287  11.182  1.368   1.00   18.47 ? 96   PRO A CA  1 
ATOM   690  C C   . PRO A 1 96  ? -9.131  12.028  2.633   1.00   18.65 ? 96   PRO A C   1 
ATOM   691  O O   . PRO A 1 96  ? -10.034 12.778  3.008   1.00   19.11 ? 96   PRO A O   1 
ATOM   692  C CB  . PRO A 1 96  ? -9.089  11.987  0.085   1.00   20.15 ? 96   PRO A CB  1 
ATOM   693  C CG  . PRO A 1 96  ? -10.470 12.463  -0.239  1.00   22.15 ? 96   PRO A CG  1 
ATOM   694  C CD  . PRO A 1 96  ? -11.325 11.254  0.053   1.00   18.93 ? 96   PRO A CD  1 
ATOM   695  N N   . ARG A 1 97  ? -7.994  11.891  3.307   1.00   17.59 ? 97   ARG A N   1 
ATOM   696  C CA  . ARG A 1 97  ? -7.748  12.655  4.526   1.00   17.23 ? 97   ARG A CA  1 
ATOM   697  C C   . ARG A 1 97  ? -6.261  12.908  4.703   1.00   16.59 ? 97   ARG A C   1 
ATOM   698  O O   . ARG A 1 97  ? -5.852  13.924  5.267   1.00   17.96 ? 97   ARG A O   1 
ATOM   699  C CB  . ARG A 1 97  ? -8.265  11.903  5.753   1.00   17.78 ? 97   ARG A CB  1 
ATOM   700  C CG  . ARG A 1 97  ? -8.027  12.650  7.062   1.00   19.28 ? 97   ARG A CG  1 
ATOM   701  C CD  . ARG A 1 97  ? -8.815  13.954  7.069   1.00   19.79 ? 97   ARG A CD  1 
ATOM   702  N NE  . ARG A 1 97  ? -8.534  14.819  8.215   1.00   18.69 ? 97   ARG A NE  1 
ATOM   703  C CZ  . ARG A 1 97  ? -7.498  15.650  8.299   1.00   19.25 ? 97   ARG A CZ  1 
ATOM   704  N NH1 . ARG A 1 97  ? -6.620  15.734  7.307   1.00   17.81 ? 97   ARG A NH1 1 
ATOM   705  N NH2 . ARG A 1 97  ? -7.363  16.432  9.363   1.00   18.71 ? 97   ARG A NH2 1 
ATOM   706  N N   . PHE A 1 98  ? -5.462  11.969  4.225   1.00   14.69 ? 98   PHE A N   1 
ATOM   707  C CA  . PHE A 1 98  ? -4.015  12.079  4.328   1.00   13.08 ? 98   PHE A CA  1 
ATOM   708  C C   . PHE A 1 98  ? -3.370  11.650  3.026   1.00   11.73 ? 98   PHE A C   1 
ATOM   709  O O   . PHE A 1 98  ? -3.816  10.699  2.382   1.00   13.01 ? 98   PHE A O   1 
ATOM   710  C CB  . PHE A 1 98  ? -3.505  11.203  5.478   1.00   12.60 ? 98   PHE A CB  1 
ATOM   711  C CG  . PHE A 1 98  ? -2.004  11.091  5.534   1.00   12.14 ? 98   PHE A CG  1 
ATOM   712  C CD1 . PHE A 1 98  ? -1.352  10.017  4.935   1.00   12.68 ? 98   PHE A CD1 1 
ATOM   713  C CD2 . PHE A 1 98  ? -1.244  12.079  6.148   1.00   13.09 ? 98   PHE A CD2 1 
ATOM   714  C CE1 . PHE A 1 98  ? 0.038   9.927   4.947   1.00   13.12 ? 98   PHE A CE1 1 
ATOM   715  C CE2 . PHE A 1 98  ? 0.152   11.998  6.165   1.00   12.80 ? 98   PHE A CE2 1 
ATOM   716  C CZ  . PHE A 1 98  ? 0.791   10.921  5.562   1.00   13.62 ? 98   PHE A CZ  1 
ATOM   717  N N   . ALA A 1 99  ? -2.324  12.365  2.631   1.00   12.26 ? 99   ALA A N   1 
ATOM   718  C CA  . ALA A 1 99  ? -1.610  12.040  1.411   1.00   12.00 ? 99   ALA A CA  1 
ATOM   719  C C   . ALA A 1 99  ? -0.146  12.419  1.541   1.00   11.95 ? 99   ALA A C   1 
ATOM   720  O O   . ALA A 1 99  ? 0.193   13.468  2.097   1.00   11.53 ? 99   ALA A O   1 
ATOM   721  C CB  . ALA A 1 99  ? -2.229  12.768  0.220   1.00   13.85 ? 99   ALA A CB  1 
ATOM   722  N N   . SER A 1 100 ? 0.724   11.552  1.041   1.00   11.72 ? 100  SER A N   1 
ATOM   723  C CA  . SER A 1 100 ? 2.147   11.833  1.074   1.00   11.22 ? 100  SER A CA  1 
ATOM   724  C C   . SER A 1 100 ? 2.725   11.572  -0.305  1.00   11.51 ? 100  SER A C   1 
ATOM   725  O O   . SER A 1 100 ? 3.510   10.641  -0.505  1.00   11.71 ? 100  SER A O   1 
ATOM   726  C CB  . SER A 1 100 ? 2.861   10.973  2.117   1.00   10.88 ? 100  SER A CB  1 
ATOM   727  O OG  . SER A 1 100 ? 4.209   11.407  2.236   1.00   14.27 ? 100  SER A OG  1 
ATOM   728  N N   . TRP A 1 101 ? 2.310   12.384  -1.272  1.00   12.69 ? 101  TRP A N   1 
ATOM   729  C CA  . TRP A 1 101 ? 2.821   12.245  -2.627  1.00   12.88 ? 101  TRP A CA  1 
ATOM   730  C C   . TRP A 1 101 ? 4.241   12.786  -2.659  1.00   13.68 ? 101  TRP A C   1 
ATOM   731  O O   . TRP A 1 101 ? 4.516   13.839  -2.074  1.00   14.14 ? 101  TRP A O   1 
ATOM   732  C CB  . TRP A 1 101 ? 1.994   13.060  -3.626  1.00   14.15 ? 101  TRP A CB  1 
ATOM   733  C CG  . TRP A 1 101 ? 0.662   12.481  -3.955  1.00   14.42 ? 101  TRP A CG  1 
ATOM   734  C CD1 . TRP A 1 101 ? -0.521  12.725  -3.318  1.00   16.03 ? 101  TRP A CD1 1 
ATOM   735  C CD2 . TRP A 1 101 ? 0.370   11.554  -5.005  1.00   13.85 ? 101  TRP A CD2 1 
ATOM   736  N NE1 . TRP A 1 101 ? -1.534  12.007  -3.909  1.00   16.15 ? 101  TRP A NE1 1 
ATOM   737  C CE2 . TRP A 1 101 ? -1.016  11.280  -4.947  1.00   15.49 ? 101  TRP A CE2 1 
ATOM   738  C CE3 . TRP A 1 101 ? 1.145   10.927  -5.991  1.00   15.18 ? 101  TRP A CE3 1 
ATOM   739  C CZ2 . TRP A 1 101 ? -1.645  10.406  -5.841  1.00   15.26 ? 101  TRP A CZ2 1 
ATOM   740  C CZ3 . TRP A 1 101 ? 0.518   10.055  -6.882  1.00   15.28 ? 101  TRP A CZ3 1 
ATOM   741  C CH2 . TRP A 1 101 ? -0.864  9.805   -6.798  1.00   16.38 ? 101  TRP A CH2 1 
ATOM   742  N N   . HIS A 1 102 ? 5.140   12.075  -3.331  1.00   13.32 ? 102  HIS A N   1 
ATOM   743  C CA  . HIS A 1 102 ? 6.512   12.556  -3.456  1.00   14.82 ? 102  HIS A CA  1 
ATOM   744  C C   . HIS A 1 102 ? 6.348   13.915  -4.128  1.00   15.08 ? 102  HIS A C   1 
ATOM   745  O O   . HIS A 1 102 ? 5.730   14.013  -5.190  1.00   16.11 ? 102  HIS A O   1 
ATOM   746  C CB  . HIS A 1 102 ? 7.331   11.616  -4.337  1.00   14.52 ? 102  HIS A CB  1 
ATOM   747  C CG  . HIS A 1 102 ? 8.773   12.004  -4.449  1.00   16.11 ? 102  HIS A CG  1 
ATOM   748  N ND1 . HIS A 1 102 ? 9.358   12.363  -5.644  1.00   18.44 ? 102  HIS A ND1 1 
ATOM   749  C CD2 . HIS A 1 102 ? 9.742   12.109  -3.508  1.00   15.20 ? 102  HIS A CD2 1 
ATOM   750  C CE1 . HIS A 1 102 ? 10.626  12.674  -5.434  1.00   17.41 ? 102  HIS A CE1 1 
ATOM   751  N NE2 . HIS A 1 102 ? 10.884  12.528  -4.147  1.00   18.30 ? 102  HIS A NE2 1 
ATOM   752  N N   . ARG A 1 103 ? 6.899   14.957  -3.515  1.00   15.98 ? 103  ARG A N   1 
ATOM   753  C CA  . ARG A 1 103 ? 6.733   16.312  -4.030  1.00   17.36 ? 103  ARG A CA  1 
ATOM   754  C C   . ARG A 1 103 ? 7.521   16.753  -5.259  1.00   19.89 ? 103  ARG A C   1 
ATOM   755  O O   . ARG A 1 103 ? 8.410   17.604  -5.179  1.00   21.61 ? 103  ARG A O   1 
ATOM   756  C CB  . ARG A 1 103 ? 6.933   17.310  -2.886  1.00   16.42 ? 103  ARG A CB  1 
ATOM   757  C CG  . ARG A 1 103 ? 5.980   17.058  -1.723  1.00   16.48 ? 103  ARG A CG  1 
ATOM   758  C CD  . ARG A 1 103 ? 6.198   18.012  -0.562  1.00   16.74 ? 103  ARG A CD  1 
ATOM   759  N NE  . ARG A 1 103 ? 5.748   19.370  -0.858  1.00   15.62 ? 103  ARG A NE  1 
ATOM   760  C CZ  . ARG A 1 103 ? 5.838   20.380  0.001   1.00   16.02 ? 103  ARG A CZ  1 
ATOM   761  N NH1 . ARG A 1 103 ? 6.363   20.182  1.205   1.00   14.81 ? 103  ARG A NH1 1 
ATOM   762  N NH2 . ARG A 1 103 ? 5.403   21.587  -0.339  1.00   17.11 ? 103  ARG A NH2 1 
ATOM   763  N N   . THR A 1 104 ? 7.174   16.164  -6.399  1.00   21.69 ? 104  THR A N   1 
ATOM   764  C CA  . THR A 1 104 ? 7.772   16.501  -7.685  1.00   22.95 ? 104  THR A CA  1 
ATOM   765  C C   . THR A 1 104 ? 6.669   16.287  -8.716  1.00   23.74 ? 104  THR A C   1 
ATOM   766  O O   . THR A 1 104 ? 5.771   15.467  -8.511  1.00   23.25 ? 104  THR A O   1 
ATOM   767  C CB  . THR A 1 104 ? 8.974   15.596  -8.054  1.00   24.06 ? 104  THR A CB  1 
ATOM   768  O OG1 . THR A 1 104 ? 8.515   14.265  -8.318  1.00   23.89 ? 104  THR A OG1 1 
ATOM   769  C CG2 . THR A 1 104 ? 9.995   15.574  -6.926  1.00   24.22 ? 104  THR A CG2 1 
ATOM   770  N N   . ALA A 1 105 ? 6.728   17.026  -9.817  1.00   24.48 ? 105  ALA A N   1 
ATOM   771  C CA  . ALA A 1 105 ? 5.719   16.901  -10.863 1.00   25.74 ? 105  ALA A CA  1 
ATOM   772  C C   . ALA A 1 105 ? 5.719   15.506  -11.483 1.00   26.07 ? 105  ALA A C   1 
ATOM   773  O O   . ALA A 1 105 ? 4.662   14.921  -11.722 1.00   26.08 ? 105  ALA A O   1 
ATOM   774  C CB  . ALA A 1 105 ? 5.955   17.955  -11.942 1.00   25.39 ? 105  ALA A CB  1 
ATOM   775  N N   . LYS A 1 106 ? 6.909   14.973  -11.741 1.00   26.57 ? 106  LYS A N   1 
ATOM   776  C CA  . LYS A 1 106 ? 7.036   13.654  -12.349 1.00   27.53 ? 106  LYS A CA  1 
ATOM   777  C C   . LYS A 1 106 ? 6.377   12.546  -11.530 1.00   26.84 ? 106  LYS A C   1 
ATOM   778  O O   . LYS A 1 106 ? 5.737   11.655  -12.086 1.00   26.05 ? 106  LYS A O   1 
ATOM   779  C CB  . LYS A 1 106 ? 8.513   13.319  -12.572 1.00   29.60 ? 106  LYS A CB  1 
ATOM   780  C CG  . LYS A 1 106 ? 8.741   12.009  -13.312 1.00   32.12 ? 106  LYS A CG  1 
ATOM   781  C CD  . LYS A 1 106 ? 10.220  11.745  -13.543 1.00   34.64 ? 106  LYS A CD  1 
ATOM   782  C CE  . LYS A 1 106 ? 10.433  10.435  -14.286 1.00   35.78 ? 106  LYS A CE  1 
ATOM   783  N NZ  . LYS A 1 106 ? 11.876  10.163  -14.537 1.00   36.76 ? 106  LYS A NZ  1 
ATOM   784  N N   . ALA A 1 107 ? 6.527   12.609  -10.209 1.00   26.16 ? 107  ALA A N   1 
ATOM   785  C CA  . ALA A 1 107 ? 5.955   11.593  -9.328  1.00   25.39 ? 107  ALA A CA  1 
ATOM   786  C C   . ALA A 1 107 ? 4.430   11.631  -9.281  1.00   25.66 ? 107  ALA A C   1 
ATOM   787  O O   . ALA A 1 107 ? 3.794   10.711  -8.767  1.00   23.93 ? 107  ALA A O   1 
ATOM   788  C CB  . ALA A 1 107 ? 6.522   11.754  -7.915  1.00   25.44 ? 107  ALA A CB  1 
ATOM   789  N N   . ARG A 1 108 ? 3.835   12.686  -9.818  1.00   26.14 ? 108  ARG A N   1 
ATOM   790  C CA  . ARG A 1 108 ? 2.387   12.795  -9.787  1.00   28.40 ? 108  ARG A CA  1 
ATOM   791  C C   . ARG A 1 108 ? 1.725   12.458  -11.119 1.00   28.59 ? 108  ARG A C   1 
ATOM   792  O O   . ARG A 1 108 ? 0.512   12.597  -11.272 1.00   29.72 ? 108  ARG A O   1 
ATOM   793  C CB  . ARG A 1 108 ? 1.997   14.192  -9.296  1.00   29.90 ? 108  ARG A CB  1 
ATOM   794  C CG  . ARG A 1 108 ? 2.730   14.540  -8.002  1.00   32.83 ? 108  ARG A CG  1 
ATOM   795  C CD  . ARG A 1 108 ? 2.120   15.699  -7.241  1.00   35.09 ? 108  ARG A CD  1 
ATOM   796  N NE  . ARG A 1 108 ? 2.833   15.921  -5.984  1.00   37.08 ? 108  ARG A NE  1 
ATOM   797  C CZ  . ARG A 1 108 ? 2.430   16.747  -5.024  1.00   37.91 ? 108  ARG A CZ  1 
ATOM   798  N NH1 . ARG A 1 108 ? 1.310   17.442  -5.169  1.00   38.70 ? 108  ARG A NH1 1 
ATOM   799  N NH2 . ARG A 1 108 ? 3.145   16.875  -3.915  1.00   38.16 ? 108  ARG A NH2 1 
ATOM   800  N N   . ARG A 1 109 ? 2.526   11.999  -12.075 1.00   28.99 ? 109  ARG A N   1 
ATOM   801  C CA  . ARG A 1 109 ? 2.013   11.609  -13.384 1.00   29.27 ? 109  ARG A CA  1 
ATOM   802  C C   . ARG A 1 109 ? 2.706   10.332  -13.856 1.00   28.05 ? 109  ARG A C   1 
ATOM   803  O O   . ARG A 1 109 ? 3.621   9.836   -13.201 1.00   28.21 ? 109  ARG A O   1 
ATOM   804  C CB  . ARG A 1 109 ? 2.229   12.726  -14.409 1.00   31.91 ? 109  ARG A CB  1 
ATOM   805  C CG  . ARG A 1 109 ? 3.681   13.058  -14.705 1.00   34.40 ? 109  ARG A CG  1 
ATOM   806  C CD  . ARG A 1 109 ? 3.773   13.983  -15.914 1.00   37.54 ? 109  ARG A CD  1 
ATOM   807  N NE  . ARG A 1 109 ? 5.143   14.390  -16.206 1.00   40.00 ? 109  ARG A NE  1 
ATOM   808  C CZ  . ARG A 1 109 ? 5.848   15.235  -15.460 1.00   41.21 ? 109  ARG A CZ  1 
ATOM   809  N NH1 . ARG A 1 109 ? 5.312   15.769  -14.370 1.00   42.38 ? 109  ARG A NH1 1 
ATOM   810  N NH2 . ARG A 1 109 ? 7.091   15.545  -15.802 1.00   41.71 ? 109  ARG A NH2 1 
ATOM   811  N N   . GLY A 1 110 ? 2.259   9.796   -14.987 1.00   26.61 ? 110  GLY A N   1 
ATOM   812  C CA  . GLY A 1 110 ? 2.862   8.585   -15.516 1.00   24.96 ? 110  GLY A CA  1 
ATOM   813  C C   . GLY A 1 110 ? 2.083   7.317   -15.212 1.00   23.51 ? 110  GLY A C   1 
ATOM   814  O O   . GLY A 1 110 ? 2.536   6.214   -15.525 1.00   25.00 ? 110  GLY A O   1 
ATOM   815  N N   . GLY A 1 111 ? 0.910   7.470   -14.606 1.00   20.87 ? 111  GLY A N   1 
ATOM   816  C CA  . GLY A 1 111 ? 0.093   6.315   -14.276 1.00   18.46 ? 111  GLY A CA  1 
ATOM   817  C C   . GLY A 1 111 ? -1.082  6.688   -13.396 1.00   15.40 ? 111  GLY A C   1 
ATOM   818  O O   . GLY A 1 111 ? -1.147  7.806   -12.888 1.00   15.45 ? 111  GLY A O   1 
ATOM   819  N N   . ARG A 1 112 ? -2.005  5.750   -13.200 1.00   15.27 ? 112  ARG A N   1 
ATOM   820  C CA  . ARG A 1 112 ? -3.188  6.004   -12.383 1.00   15.46 ? 112  ARG A CA  1 
ATOM   821  C C   . ARG A 1 112 ? -3.235  5.173   -11.100 1.00   14.51 ? 112  ARG A C   1 
ATOM   822  O O   . ARG A 1 112 ? -4.280  5.078   -10.460 1.00   14.21 ? 112  ARG A O   1 
ATOM   823  C CB  . ARG A 1 112 ? -4.457  5.732   -13.200 1.00   17.73 ? 112  ARG A CB  1 
ATOM   824  C CG  . ARG A 1 112 ? -4.507  6.446   -14.543 1.00   21.99 ? 112  ARG A CG  1 
ATOM   825  C CD  . ARG A 1 112 ? -5.857  6.234   -15.224 1.00   26.30 ? 112  ARG A CD  1 
ATOM   826  N NE  . ARG A 1 112 ? -6.294  4.840   -15.157 1.00   31.20 ? 112  ARG A NE  1 
ATOM   827  C CZ  . ARG A 1 112 ? -5.634  3.818   -15.692 1.00   32.94 ? 112  ARG A CZ  1 
ATOM   828  N NH1 . ARG A 1 112 ? -6.108  2.585   -15.573 1.00   33.79 ? 112  ARG A NH1 1 
ATOM   829  N NH2 . ARG A 1 112 ? -4.502  4.026   -16.352 1.00   34.64 ? 112  ARG A NH2 1 
ATOM   830  N N   . CYS A 1 113 ? -2.111  4.569   -10.725 1.00   12.20 ? 113  CYS A N   1 
ATOM   831  C CA  . CYS A 1 113 ? -2.046  3.759   -9.512  1.00   11.00 ? 113  CYS A CA  1 
ATOM   832  C C   . CYS A 1 113 ? -0.855  4.231   -8.676  1.00   10.23 ? 113  CYS A C   1 
ATOM   833  O O   . CYS A 1 113 ? 0.175   4.599   -9.232  1.00   12.03 ? 113  CYS A O   1 
ATOM   834  C CB  . CYS A 1 113 ? -1.923  2.273   -9.880  1.00   10.47 ? 113  CYS A CB  1 
ATOM   835  S SG  . CYS A 1 113 ? -3.497  1.608   -10.548 1.00   11.89 ? 113  CYS A SG  1 
ATOM   836  N N   . ALA A 1 114 ? -1.003  4.231   -7.352  1.00   10.15 ? 114  ALA A N   1 
ATOM   837  C CA  . ALA A 1 114 ? 0.072   4.711   -6.475  1.00   9.96  ? 114  ALA A CA  1 
ATOM   838  C C   . ALA A 1 114 ? 0.858   3.621   -5.760  1.00   10.22 ? 114  ALA A C   1 
ATOM   839  O O   . ALA A 1 114 ? 0.295   2.645   -5.276  1.00   8.68  ? 114  ALA A O   1 
ATOM   840  C CB  . ALA A 1 114 ? -0.496  5.679   -5.439  1.00   11.45 ? 114  ALA A CB  1 
ATOM   841  N N   . ALA A 1 115 ? 2.175   3.808   -5.689  1.00   10.33 ? 115  ALA A N   1 
ATOM   842  C CA  . ALA A 1 115 ? 3.033   2.853   -5.002  1.00   9.51  ? 115  ALA A CA  1 
ATOM   843  C C   . ALA A 1 115 ? 4.003   3.594   -4.084  1.00   8.14  ? 115  ALA A C   1 
ATOM   844  O O   . ALA A 1 115 ? 4.551   4.632   -4.457  1.00   9.81  ? 115  ALA A O   1 
ATOM   845  C CB  . ALA A 1 115 ? 3.817   2.013   -6.014  1.00   11.06 ? 115  ALA A CB  1 
ATOM   846  N N   . LEU A 1 116 ? 4.193   3.061   -2.881  1.00   9.61  ? 116  LEU A N   1 
ATOM   847  C CA  . LEU A 1 116 ? 5.124   3.646   -1.922  1.00   10.16 ? 116  LEU A CA  1 
ATOM   848  C C   . LEU A 1 116 ? 6.521   3.480   -2.509  1.00   10.08 ? 116  LEU A C   1 
ATOM   849  O O   . LEU A 1 116 ? 6.837   2.436   -3.076  1.00   10.38 ? 116  LEU A O   1 
ATOM   850  C CB  . LEU A 1 116 ? 5.028   2.926   -0.577  1.00   10.37 ? 116  LEU A CB  1 
ATOM   851  C CG  . LEU A 1 116 ? 3.850   3.352   0.301   1.00   9.19  ? 116  LEU A CG  1 
ATOM   852  C CD1 . LEU A 1 116 ? 3.698   2.415   1.484   1.00   9.83  ? 116  LEU A CD1 1 
ATOM   853  C CD2 . LEU A 1 116 ? 4.084   4.775   0.777   1.00   11.94 ? 116  LEU A CD2 1 
ATOM   854  N N   . ARG A 1 117 ? 7.344   4.514   -2.367  1.00   11.12 ? 117  ARG A N   1 
ATOM   855  C CA  . ARG A 1 117 ? 8.702   4.520   -2.909  1.00   11.27 ? 117  ARG A CA  1 
ATOM   856  C C   . ARG A 1 117 ? 9.752   4.001   -1.936  1.00   11.33 ? 117  ARG A C   1 
ATOM   857  O O   . ARG A 1 117 ? 9.683   4.277   -0.746  1.00   10.75 ? 117  ARG A O   1 
ATOM   858  C CB  . ARG A 1 117 ? 9.091   5.945   -3.305  1.00   10.77 ? 117  ARG A CB  1 
ATOM   859  C CG  . ARG A 1 117 ? 8.322   6.536   -4.475  1.00   11.09 ? 117  ARG A CG  1 
ATOM   860  C CD  . ARG A 1 117 ? 8.326   8.055   -4.386  1.00   12.27 ? 117  ARG A CD  1 
ATOM   861  N NE  . ARG A 1 117 ? 9.670   8.636   -4.310  1.00   13.39 ? 117  ARG A NE  1 
ATOM   862  C CZ  . ARG A 1 117 ? 10.467  8.832   -5.355  1.00   15.69 ? 117  ARG A CZ  1 
ATOM   863  N NH1 . ARG A 1 117 ? 11.670  9.368   -5.181  1.00   16.78 ? 117  ARG A NH1 1 
ATOM   864  N NH2 . ARG A 1 117 ? 10.065  8.499   -6.576  1.00   17.14 ? 117  ARG A NH2 1 
ATOM   865  N N   . ASP A 1 118 ? 10.733  3.263   -2.445  1.00   12.55 ? 118  ASP A N   1 
ATOM   866  C CA  . ASP A 1 118 ? 11.791  2.774   -1.572  1.00   13.63 ? 118  ASP A CA  1 
ATOM   867  C C   . ASP A 1 118 ? 12.861  3.853   -1.400  1.00   13.53 ? 118  ASP A C   1 
ATOM   868  O O   . ASP A 1 118 ? 13.646  3.796   -0.454  1.00   13.99 ? 118  ASP A O   1 
ATOM   869  C CB  . ASP A 1 118 ? 12.413  1.481   -2.127  1.00   15.78 ? 118  ASP A CB  1 
ATOM   870  C CG  . ASP A 1 118 ? 13.058  1.662   -3.492  1.00   20.35 ? 118  ASP A CG  1 
ATOM   871  O OD1 . ASP A 1 118 ? 13.577  0.660   -4.030  1.00   21.02 ? 118  ASP A OD1 1 
ATOM   872  O OD2 . ASP A 1 118 ? 13.050  2.787   -4.032  1.00   24.46 ? 118  ASP A OD2 1 
ATOM   873  N N   . GLU A 1 119 ? 12.870  4.844   -2.290  1.00   12.94 ? 119  GLU A N   1 
ATOM   874  C CA  . GLU A 1 119 ? 13.858  5.931   -2.231  1.00   13.57 ? 119  GLU A CA  1 
ATOM   875  C C   . GLU A 1 119 ? 13.947  6.629   -0.877  1.00   13.90 ? 119  GLU A C   1 
ATOM   876  O O   . GLU A 1 119 ? 15.047  6.937   -0.404  1.00   14.97 ? 119  GLU A O   1 
ATOM   877  C CB  . GLU A 1 119 ? 13.582  6.990   -3.302  1.00   14.99 ? 119  GLU A CB  1 
ATOM   878  C CG  . GLU A 1 119 ? 13.971  6.598   -4.725  1.00   17.36 ? 119  GLU A CG  1 
ATOM   879  C CD  . GLU A 1 119 ? 12.917  5.768   -5.429  1.00   18.70 ? 119  GLU A CD  1 
ATOM   880  O OE1 . GLU A 1 119 ? 13.097  5.487   -6.633  1.00   22.16 ? 119  GLU A OE1 1 
ATOM   881  O OE2 . GLU A 1 119 ? 11.911  5.397   -4.788  1.00   17.80 ? 119  GLU A OE2 1 
ATOM   882  N N   . GLU A 1 120 ? 12.799  6.899   -0.262  1.00   11.04 ? 120  GLU A N   1 
ATOM   883  C CA  . GLU A 1 120 ? 12.777  7.555   1.039   1.00   10.27 ? 120  GLU A CA  1 
ATOM   884  C C   . GLU A 1 120 ? 12.293  6.615   2.143   1.00   9.47  ? 120  GLU A C   1 
ATOM   885  O O   . GLU A 1 120 ? 11.672  7.039   3.121   1.00   10.68 ? 120  GLU A O   1 
ATOM   886  C CB  . GLU A 1 120 ? 11.899  8.817   0.990   1.00   10.57 ? 120  GLU A CB  1 
ATOM   887  C CG  . GLU A 1 120 ? 12.316  9.816   -0.089  1.00   11.97 ? 120  GLU A CG  1 
ATOM   888  C CD  . GLU A 1 120 ? 11.709  9.508   -1.451  1.00   12.56 ? 120  GLU A CD  1 
ATOM   889  O OE1 . GLU A 1 120 ? 12.228  10.014  -2.468  1.00   13.88 ? 120  GLU A OE1 1 
ATOM   890  O OE2 . GLU A 1 120 ? 10.703  8.769   -1.505  1.00   13.49 ? 120  GLU A OE2 1 
ATOM   891  N N   . ALA A 1 121 ? 12.588  5.331   1.976   1.00   10.74 ? 121  ALA A N   1 
ATOM   892  C CA  . ALA A 1 121 ? 12.216  4.312   2.941   1.00   11.01 ? 121  ALA A CA  1 
ATOM   893  C C   . ALA A 1 121 ? 10.712  4.256   3.207   1.00   11.30 ? 121  ALA A C   1 
ATOM   894  O O   . ALA A 1 121 ? 10.271  4.206   4.354   1.00   11.93 ? 121  ALA A O   1 
ATOM   895  C CB  . ALA A 1 121 ? 12.979  4.525   4.255   1.00   12.62 ? 121  ALA A CB  1 
ATOM   896  N N   . PHE A 1 122 ? 9.942   4.296   2.127   1.00   10.76 ? 122  PHE A N   1 
ATOM   897  C CA  . PHE A 1 122 ? 8.489   4.183   2.201   1.00   11.30 ? 122  PHE A CA  1 
ATOM   898  C C   . PHE A 1 122 ? 7.756   5.271   2.973   1.00   11.98 ? 122  PHE A C   1 
ATOM   899  O O   . PHE A 1 122 ? 6.815   4.988   3.721   1.00   13.88 ? 122  PHE A O   1 
ATOM   900  C CB  . PHE A 1 122 ? 8.154   2.797   2.754   1.00   12.26 ? 122  PHE A CB  1 
ATOM   901  C CG  . PHE A 1 122 ? 8.898   1.692   2.056   1.00   12.58 ? 122  PHE A CG  1 
ATOM   902  C CD1 . PHE A 1 122 ? 8.582   1.347   0.749   1.00   11.94 ? 122  PHE A CD1 1 
ATOM   903  C CD2 . PHE A 1 122 ? 9.980   1.065   2.673   1.00   12.79 ? 122  PHE A CD2 1 
ATOM   904  C CE1 . PHE A 1 122 ? 9.326   0.401   0.053   1.00   14.13 ? 122  PHE A CE1 1 
ATOM   905  C CE2 . PHE A 1 122 ? 10.733  0.116   1.988   1.00   13.59 ? 122  PHE A CE2 1 
ATOM   906  C CZ  . PHE A 1 122 ? 10.410  -0.218  0.675   1.00   13.78 ? 122  PHE A CZ  1 
ATOM   907  N N   . THR A 1 123 ? 8.172   6.516   2.768   1.00   10.53 ? 123  THR A N   1 
ATOM   908  C CA  . THR A 1 123 ? 7.546   7.658   3.418   1.00   11.71 ? 123  THR A CA  1 
ATOM   909  C C   . THR A 1 123 ? 6.749   8.508   2.421   1.00   10.35 ? 123  THR A C   1 
ATOM   910  O O   . THR A 1 123 ? 6.087   9.470   2.812   1.00   10.67 ? 123  THR A O   1 
ATOM   911  C CB  . THR A 1 123 ? 8.589   8.558   4.118   1.00   13.02 ? 123  THR A CB  1 
ATOM   912  O OG1 . THR A 1 123 ? 9.619   8.914   3.190   1.00   12.01 ? 123  THR A OG1 1 
ATOM   913  C CG2 . THR A 1 123 ? 9.195   7.840   5.315   1.00   15.07 ? 123  THR A CG2 1 
ATOM   914  N N   . SER A 1 124 ? 6.822   8.162   1.138   1.00   10.61 ? 124  SER A N   1 
ATOM   915  C CA  . SER A 1 124 ? 6.068   8.887   0.111   1.00   10.96 ? 124  SER A CA  1 
ATOM   916  C C   . SER A 1 124 ? 5.714   7.950   -1.035  1.00   11.32 ? 124  SER A C   1 
ATOM   917  O O   . SER A 1 124 ? 6.331   6.894   -1.203  1.00   11.18 ? 124  SER A O   1 
ATOM   918  C CB  . SER A 1 124 ? 6.864   10.087  -0.426  1.00   11.77 ? 124  SER A CB  1 
ATOM   919  O OG  . SER A 1 124 ? 7.869   9.694   -1.351  1.00   13.22 ? 124  SER A OG  1 
ATOM   920  N N   . TRP A 1 125 ? 4.709   8.325   -1.821  1.00   10.06 ? 125  TRP A N   1 
ATOM   921  C CA  . TRP A 1 125 ? 4.306   7.501   -2.946  1.00   10.13 ? 125  TRP A CA  1 
ATOM   922  C C   . TRP A 1 125 ? 4.285   8.279   -4.254  1.00   9.41  ? 125  TRP A C   1 
ATOM   923  O O   . TRP A 1 125 ? 4.351   9.507   -4.264  1.00   10.95 ? 125  TRP A O   1 
ATOM   924  C CB  . TRP A 1 125 ? 2.943   6.834   -2.673  1.00   10.31 ? 125  TRP A CB  1 
ATOM   925  C CG  . TRP A 1 125 ? 1.775   7.749   -2.416  1.00   9.55  ? 125  TRP A CG  1 
ATOM   926  C CD1 . TRP A 1 125 ? 1.091   8.488   -3.346  1.00   11.20 ? 125  TRP A CD1 1 
ATOM   927  C CD2 . TRP A 1 125 ? 1.070   7.917   -1.175  1.00   10.28 ? 125  TRP A CD2 1 
ATOM   928  N NE1 . TRP A 1 125 ? 0.001   9.092   -2.761  1.00   9.87  ? 125  TRP A NE1 1 
ATOM   929  C CE2 . TRP A 1 125 ? -0.037  8.759   -1.432  1.00   9.14  ? 125  TRP A CE2 1 
ATOM   930  C CE3 . TRP A 1 125 ? 1.264   7.433   0.129   1.00   10.05 ? 125  TRP A CE3 1 
ATOM   931  C CZ2 . TRP A 1 125 ? -0.950  9.127   -0.435  1.00   10.56 ? 125  TRP A CZ2 1 
ATOM   932  C CZ3 . TRP A 1 125 ? 0.354   7.800   1.126   1.00   10.49 ? 125  TRP A CZ3 1 
ATOM   933  C CH2 . TRP A 1 125 ? -0.741  8.641   0.833   1.00   10.74 ? 125  TRP A CH2 1 
ATOM   934  N N   . ALA A 1 126 ? 4.220   7.547   -5.360  1.00   10.38 ? 126  ALA A N   1 
ATOM   935  C CA  . ALA A 1 126 ? 4.209   8.156   -6.680  1.00   10.71 ? 126  ALA A CA  1 
ATOM   936  C C   . ALA A 1 126 ? 3.296   7.379   -7.608  1.00   10.82 ? 126  ALA A C   1 
ATOM   937  O O   . ALA A 1 126 ? 2.967   6.226   -7.347  1.00   11.01 ? 126  ALA A O   1 
ATOM   938  C CB  . ALA A 1 126 ? 5.623   8.183   -7.251  1.00   13.75 ? 126  ALA A CB  1 
ATOM   939  N N   . ALA A 1 127 ? 2.895   8.024   -8.698  1.00   12.07 ? 127  ALA A N   1 
ATOM   940  C CA  . ALA A 1 127 ? 2.022   7.404   -9.685  1.00   13.01 ? 127  ALA A CA  1 
ATOM   941  C C   . ALA A 1 127 ? 2.817   6.478   -10.600 1.00   13.74 ? 127  ALA A C   1 
ATOM   942  O O   . ALA A 1 127 ? 3.888   6.842   -11.091 1.00   14.84 ? 127  ALA A O   1 
ATOM   943  C CB  . ALA A 1 127 ? 1.328   8.482   -10.506 1.00   13.49 ? 127  ALA A CB  1 
ATOM   944  N N   . ARG A 1 128 ? 2.283   5.282   -10.826 1.00   12.65 ? 128  ARG A N   1 
ATOM   945  C CA  . ARG A 1 128 ? 2.922   4.288   -11.681 1.00   13.62 ? 128  ARG A CA  1 
ATOM   946  C C   . ARG A 1 128 ? 1.885   3.676   -12.615 1.00   15.62 ? 128  ARG A C   1 
ATOM   947  O O   . ARG A 1 128 ? 0.679   3.757   -12.357 1.00   14.75 ? 128  ARG A O   1 
ATOM   948  C CB  . ARG A 1 128 ? 3.522   3.158   -10.837 1.00   14.78 ? 128  ARG A CB  1 
ATOM   949  C CG  . ARG A 1 128 ? 4.457   3.599   -9.729  1.00   13.69 ? 128  ARG A CG  1 
ATOM   950  C CD  . ARG A 1 128 ? 5.727   4.213   -10.282 1.00   15.02 ? 128  ARG A CD  1 
ATOM   951  N NE  . ARG A 1 128 ? 6.477   3.280   -11.117 1.00   16.25 ? 128  ARG A NE  1 
ATOM   952  C CZ  . ARG A 1 128 ? 7.625   3.585   -11.715 1.00   18.03 ? 128  ARG A CZ  1 
ATOM   953  N NH1 . ARG A 1 128 ? 8.143   4.795   -11.561 1.00   19.26 ? 128  ARG A NH1 1 
ATOM   954  N NH2 . ARG A 1 128 ? 8.251   2.688   -12.468 1.00   19.00 ? 128  ARG A NH2 1 
ATOM   955  N N   . PRO A 1 129 ? 2.336   3.067   -13.723 1.00   14.91 ? 129  PRO A N   1 
ATOM   956  C CA  . PRO A 1 129 ? 1.384   2.447   -14.649 1.00   15.61 ? 129  PRO A CA  1 
ATOM   957  C C   . PRO A 1 129 ? 0.693   1.330   -13.875 1.00   15.07 ? 129  PRO A C   1 
ATOM   958  O O   . PRO A 1 129 ? 1.356   0.524   -13.219 1.00   14.30 ? 129  PRO A O   1 
ATOM   959  C CB  . PRO A 1 129 ? 2.282   1.910   -15.760 1.00   15.13 ? 129  PRO A CB  1 
ATOM   960  C CG  . PRO A 1 129 ? 3.417   2.893   -15.771 1.00   16.28 ? 129  PRO A CG  1 
ATOM   961  C CD  . PRO A 1 129 ? 3.695   3.067   -14.293 1.00   15.90 ? 129  PRO A CD  1 
ATOM   962  N N   . CYS A 1 130 ? -0.634  1.275   -13.943 1.00   14.53 ? 130  CYS A N   1 
ATOM   963  C CA  . CYS A 1 130 ? -1.367  0.254   -13.206 1.00   14.52 ? 130  CYS A CA  1 
ATOM   964  C C   . CYS A 1 130 ? -1.051  -1.184  -13.615 1.00   14.49 ? 130  CYS A C   1 
ATOM   965  O O   . CYS A 1 130 ? -1.309  -2.119  -12.855 1.00   14.48 ? 130  CYS A O   1 
ATOM   966  C CB  . CYS A 1 130 ? -2.870  0.506   -13.320 1.00   14.64 ? 130  CYS A CB  1 
ATOM   967  S SG  . CYS A 1 130 ? -3.446  2.043   -12.531 1.00   16.19 ? 130  CYS A SG  1 
ATOM   968  N N   . THR A 1 131 ? -0.493  -1.361  -14.810 1.00   15.21 ? 131  THR A N   1 
ATOM   969  C CA  . THR A 1 131 ? -0.131  -2.687  -15.311 1.00   16.67 ? 131  THR A CA  1 
ATOM   970  C C   . THR A 1 131 ? 1.217   -3.146  -14.761 1.00   16.07 ? 131  THR A C   1 
ATOM   971  O O   . THR A 1 131 ? 1.581   -4.319  -14.871 1.00   17.48 ? 131  THR A O   1 
ATOM   972  C CB  . THR A 1 131 ? -0.035  -2.698  -16.846 1.00   17.69 ? 131  THR A CB  1 
ATOM   973  O OG1 . THR A 1 131 ? 0.779   -1.600  -17.280 1.00   19.57 ? 131  THR A OG1 1 
ATOM   974  C CG2 . THR A 1 131 ? -1.419  -2.594  -17.467 1.00   19.43 ? 131  THR A CG2 1 
ATOM   975  N N   . GLU A 1 132 ? 1.960   -2.215  -14.176 1.00   15.51 ? 132  GLU A N   1 
ATOM   976  C CA  . GLU A 1 132 ? 3.271   -2.541  -13.627 1.00   15.19 ? 132  GLU A CA  1 
ATOM   977  C C   . GLU A 1 132 ? 3.166   -3.590  -12.523 1.00   14.76 ? 132  GLU A C   1 
ATOM   978  O O   . GLU A 1 132 ? 2.286   -3.523  -11.667 1.00   14.36 ? 132  GLU A O   1 
ATOM   979  C CB  . GLU A 1 132 ? 3.934   -1.273  -13.088 1.00   14.68 ? 132  GLU A CB  1 
ATOM   980  C CG  . GLU A 1 132 ? 5.370   -1.463  -12.629 1.00   15.93 ? 132  GLU A CG  1 
ATOM   981  C CD  . GLU A 1 132 ? 6.036   -0.149  -12.289 1.00   15.37 ? 132  GLU A CD  1 
ATOM   982  O OE1 . GLU A 1 132 ? 5.640   0.482   -11.287 1.00   13.87 ? 132  GLU A OE1 1 
ATOM   983  O OE2 . GLU A 1 132 ? 6.947   0.261   -13.037 1.00   18.17 ? 132  GLU A OE2 1 
ATOM   984  N N   . ARG A 1 133 ? 4.067   -4.568  -12.549 1.00   14.51 ? 133  ARG A N   1 
ATOM   985  C CA  . ARG A 1 133 ? 4.065   -5.620  -11.545 1.00   15.51 ? 133  ARG A CA  1 
ATOM   986  C C   . ARG A 1 133 ? 4.958   -5.226  -10.375 1.00   14.66 ? 133  ARG A C   1 
ATOM   987  O O   . ARG A 1 133 ? 6.176   -5.115  -10.518 1.00   16.29 ? 133  ARG A O   1 
ATOM   988  C CB  . ARG A 1 133 ? 4.545   -6.936  -12.161 1.00   18.07 ? 133  ARG A CB  1 
ATOM   989  C CG  . ARG A 1 133 ? 3.615   -7.471  -13.246 1.00   22.62 ? 133  ARG A CG  1 
ATOM   990  C CD  . ARG A 1 133 ? 4.086   -8.817  -13.775 1.00   27.99 ? 133  ARG A CD  1 
ATOM   991  N NE  . ARG A 1 133 ? 4.382   -9.745  -12.688 1.00   33.27 ? 133  ARG A NE  1 
ATOM   992  C CZ  . ARG A 1 133 ? 4.600   -11.046 -12.848 1.00   35.61 ? 133  ARG A CZ  1 
ATOM   993  N NH1 . ARG A 1 133 ? 4.866   -11.807 -11.795 1.00   37.08 ? 133  ARG A NH1 1 
ATOM   994  N NH2 . ARG A 1 133 ? 4.541   -11.588 -14.058 1.00   37.38 ? 133  ARG A NH2 1 
ATOM   995  N N   . ASN A 1 134 ? 4.339   -5.010  -9.220  1.00   12.48 ? 134  ASN A N   1 
ATOM   996  C CA  . ASN A 1 134 ? 5.056   -4.608  -8.015  1.00   11.32 ? 134  ASN A CA  1 
ATOM   997  C C   . ASN A 1 134 ? 4.616   -5.407  -6.800  1.00   11.13 ? 134  ASN A C   1 
ATOM   998  O O   . ASN A 1 134 ? 3.546   -6.020  -6.801  1.00   12.36 ? 134  ASN A O   1 
ATOM   999  C CB  . ASN A 1 134 ? 4.814   -3.122  -7.712  1.00   10.19 ? 134  ASN A CB  1 
ATOM   1000 C CG  . ASN A 1 134 ? 5.376   -2.200  -8.777  1.00   13.11 ? 134  ASN A CG  1 
ATOM   1001 O OD1 . ASN A 1 134 ? 6.537   -2.312  -9.162  1.00   13.92 ? 134  ASN A OD1 1 
ATOM   1002 N ND2 . ASN A 1 134 ? 4.559   -1.265  -9.244  1.00   11.42 ? 134  ASN A ND2 1 
ATOM   1003 N N   . ALA A 1 135 ? 5.453   -5.407  -5.763  1.00   11.55 ? 135  ALA A N   1 
ATOM   1004 C CA  . ALA A 1 135 ? 5.105   -6.074  -4.517  1.00   10.04 ? 135  ALA A CA  1 
ATOM   1005 C C   . ALA A 1 135 ? 3.968   -5.208  -3.977  1.00   9.92  ? 135  ALA A C   1 
ATOM   1006 O O   . ALA A 1 135 ? 3.745   -4.105  -4.476  1.00   11.02 ? 135  ALA A O   1 
ATOM   1007 C CB  . ALA A 1 135 ? 6.294   -6.062  -3.550  1.00   11.71 ? 135  ALA A CB  1 
ATOM   1008 N N   . PHE A 1 136 ? 3.266   -5.681  -2.957  1.00   10.13 ? 136  PHE A N   1 
ATOM   1009 C CA  . PHE A 1 136 ? 2.141   -4.914  -2.435  1.00   9.89  ? 136  PHE A CA  1 
ATOM   1010 C C   . PHE A 1 136 ? 1.838   -5.195  -0.973  1.00   10.94 ? 136  PHE A C   1 
ATOM   1011 O O   . PHE A 1 136 ? 2.347   -6.150  -0.390  1.00   10.83 ? 136  PHE A O   1 
ATOM   1012 C CB  . PHE A 1 136 ? 0.898   -5.216  -3.279  1.00   9.85  ? 136  PHE A CB  1 
ATOM   1013 C CG  . PHE A 1 136 ? 0.545   -6.676  -3.334  1.00   9.52  ? 136  PHE A CG  1 
ATOM   1014 C CD1 . PHE A 1 136 ? 1.191   -7.536  -4.218  1.00   10.41 ? 136  PHE A CD1 1 
ATOM   1015 C CD2 . PHE A 1 136 ? -0.427  -7.196  -2.486  1.00   9.94  ? 136  PHE A CD2 1 
ATOM   1016 C CE1 . PHE A 1 136 ? 0.875   -8.896  -4.255  1.00   11.31 ? 136  PHE A CE1 1 
ATOM   1017 C CE2 . PHE A 1 136 ? -0.751  -8.547  -2.511  1.00   9.56  ? 136  PHE A CE2 1 
ATOM   1018 C CZ  . PHE A 1 136 ? -0.099  -9.403  -3.399  1.00   11.08 ? 136  PHE A CZ  1 
ATOM   1019 N N   . VAL A 1 137 ? 0.992   -4.361  -0.379  1.00   9.76  ? 137  VAL A N   1 
ATOM   1020 C CA  . VAL A 1 137 ? 0.631   -4.553  1.015   1.00   9.91  ? 137  VAL A CA  1 
ATOM   1021 C C   . VAL A 1 137 ? -0.883  -4.434  1.186   1.00   10.96 ? 137  VAL A C   1 
ATOM   1022 O O   . VAL A 1 137 ? -1.504  -3.508  0.666   1.00   10.15 ? 137  VAL A O   1 
ATOM   1023 C CB  . VAL A 1 137 ? 1.375   -3.534  1.931   1.00   10.07 ? 137  VAL A CB  1 
ATOM   1024 C CG1 . VAL A 1 137 ? 1.057   -2.104  1.514   1.00   10.98 ? 137  VAL A CG1 1 
ATOM   1025 C CG2 . VAL A 1 137 ? 1.012   -3.777  3.387   1.00   10.83 ? 137  VAL A CG2 1 
ATOM   1026 N N   . CYS A 1 138 ? -1.458  -5.400  1.894   1.00   10.63 ? 138  CYS A N   1 
ATOM   1027 C CA  . CYS A 1 138 ? -2.896  -5.425  2.156   1.00   11.23 ? 138  CYS A CA  1 
ATOM   1028 C C   . CYS A 1 138 ? -3.213  -4.989  3.574   1.00   13.14 ? 138  CYS A C   1 
ATOM   1029 O O   . CYS A 1 138 ? -2.390  -5.113  4.483   1.00   12.05 ? 138  CYS A O   1 
ATOM   1030 C CB  . CYS A 1 138 ? -3.468  -6.843  2.023   1.00   12.53 ? 138  CYS A CB  1 
ATOM   1031 S SG  . CYS A 1 138 ? -3.214  -7.774  0.486   1.00   10.88 ? 138  CYS A SG  1 
ATOM   1032 N N   . LYS A 1 139 ? -4.423  -4.478  3.758   1.00   11.95 ? 139  LYS A N   1 
ATOM   1033 C CA  . LYS A 1 139 ? -4.893  -4.129  5.082   1.00   12.93 ? 139  LYS A CA  1 
ATOM   1034 C C   . LYS A 1 139 ? -6.228  -4.848  5.197   1.00   14.46 ? 139  LYS A C   1 
ATOM   1035 O O   . LYS A 1 139 ? -7.122  -4.634  4.378   1.00   13.81 ? 139  LYS A O   1 
ATOM   1036 C CB  . LYS A 1 139 ? -5.115  -2.630  5.264   1.00   12.90 ? 139  LYS A CB  1 
ATOM   1037 C CG  . LYS A 1 139 ? -5.601  -2.302  6.676   1.00   14.78 ? 139  LYS A CG  1 
ATOM   1038 C CD  . LYS A 1 139 ? -6.185  -0.900  6.807   1.00   17.12 ? 139  LYS A CD  1 
ATOM   1039 C CE  . LYS A 1 139 ? -5.126  0.176   6.658   1.00   19.48 ? 139  LYS A CE  1 
ATOM   1040 N NZ  . LYS A 1 139 ? -5.684  1.526   6.953   1.00   20.54 ? 139  LYS A NZ  1 
ATOM   1041 N N   . ALA A 1 140 ? -6.334  -5.739  6.175   1.00   15.16 ? 140  ALA A N   1 
ATOM   1042 C CA  . ALA A 1 140 ? -7.569  -6.469  6.415   1.00   15.70 ? 140  ALA A CA  1 
ATOM   1043 C C   . ALA A 1 140 ? -8.195  -5.767  7.609   1.00   17.57 ? 140  ALA A C   1 
ATOM   1044 O O   . ALA A 1 140 ? -7.764  -5.952  8.747   1.00   18.02 ? 140  ALA A O   1 
ATOM   1045 C CB  . ALA A 1 140 ? -7.268  -7.923  6.744   1.00   16.08 ? 140  ALA A CB  1 
ATOM   1046 N N   . ALA A 1 141 ? -9.199  -4.939  7.337   1.00   18.05 ? 141  ALA A N   1 
ATOM   1047 C CA  . ALA A 1 141 ? -9.876  -4.181  8.382   1.00   19.40 ? 141  ALA A CA  1 
ATOM   1048 C C   . ALA A 1 141 ? -10.898 -5.007  9.148   1.00   20.09 ? 141  ALA A C   1 
ATOM   1049 O O   . ALA A 1 141 ? -11.578 -5.863  8.580   1.00   20.99 ? 141  ALA A O   1 
ATOM   1050 C CB  . ALA A 1 141 ? -10.556 -2.953  7.777   1.00   19.79 ? 141  ALA A CB  1 
ATOM   1051 N N   . ALA A 1 142 ? -10.997 -4.737  10.446  1.00   20.49 ? 142  ALA A N   1 
ATOM   1052 C CA  . ALA A 1 142 ? -11.949 -5.427  11.308  1.00   20.61 ? 142  ALA A CA  1 
ATOM   1053 C C   . ALA A 1 142 ? -13.365 -4.985  10.942  1.00   20.70 ? 142  ALA A C   1 
ATOM   1054 O O   . ALA A 1 142 ? -14.271 -5.840  10.923  1.00   21.15 ? 142  ALA A O   1 
ATOM   1055 C CB  . ALA A 1 142 ? -11.661 -5.105  12.767  1.00   21.45 ? 142  ALA A CB  1 
ATOM   1056 O OXT . ALA A 1 142 ? -13.553 -3.779  10.685  1.00   18.91 ? 142  ALA A OXT 1 
HETATM 1057 O O   . HOH B 2 .   ? 6.231   -9.074  6.447   1.00   26.77 ? 2001 HOH A O   1 
HETATM 1058 O O   . HOH B 2 .   ? 2.976   -14.607 2.189   1.00   37.89 ? 2002 HOH A O   1 
HETATM 1059 O O   . HOH B 2 .   ? 2.658   -12.070 4.872   1.00   46.42 ? 2003 HOH A O   1 
HETATM 1060 O O   . HOH B 2 .   ? 3.486   -8.733  6.558   1.00   20.39 ? 2004 HOH A O   1 
HETATM 1061 O O   . HOH B 2 .   ? 0.552   -14.064 5.297   1.00   40.56 ? 2005 HOH A O   1 
HETATM 1062 O O   . HOH B 2 .   ? -2.384  -15.644 7.123   1.00   31.87 ? 2006 HOH A O   1 
HETATM 1063 O O   . HOH B 2 .   ? 2.467   -2.615  13.367  1.00   44.67 ? 2007 HOH A O   1 
HETATM 1064 O O   . HOH B 2 .   ? 1.117   -1.238  11.345  1.00   61.83 ? 2008 HOH A O   1 
HETATM 1065 O O   . HOH B 2 .   ? -4.695  1.405   9.661   1.00   28.68 ? 2009 HOH A O   1 
HETATM 1066 O O   . HOH B 2 .   ? 8.366   -11.116 2.339   1.00   40.12 ? 2010 HOH A O   1 
HETATM 1067 O O   . HOH B 2 .   ? -11.826 -1.811  11.252  1.00   29.64 ? 2011 HOH A O   1 
HETATM 1068 O O   . HOH B 2 .   ? 12.612  -6.144  -12.187 1.00   29.57 ? 2012 HOH A O   1 
HETATM 1069 O O   . HOH B 2 .   ? -5.539  -3.720  14.856  1.00   34.97 ? 2013 HOH A O   1 
HETATM 1070 O O   . HOH B 2 .   ? 5.858   -11.409 1.456   1.00   26.93 ? 2014 HOH A O   1 
HETATM 1071 O O   . HOH B 2 .   ? 4.091   -12.947 -1.746  1.00   20.72 ? 2015 HOH A O   1 
HETATM 1072 O O   . HOH B 2 .   ? 7.401   -11.996 -8.109  1.00   21.90 ? 2016 HOH A O   1 
HETATM 1073 O O   . HOH B 2 .   ? 9.783   -7.027  -11.952 1.00   26.87 ? 2017 HOH A O   1 
HETATM 1074 O O   . HOH B 2 .   ? 11.135  -11.006 -9.329  1.00   28.05 ? 2018 HOH A O   1 
HETATM 1075 O O   . HOH B 2 .   ? 11.780  -7.147  -8.431  1.00   23.17 ? 2019 HOH A O   1 
HETATM 1076 O O   . HOH B 2 .   ? -10.143 8.267   6.815   1.00   37.78 ? 2020 HOH A O   1 
HETATM 1077 O O   . HOH B 2 .   ? 0.104   -9.309  -12.525 1.00   18.77 ? 2021 HOH A O   1 
HETATM 1078 O O   . HOH B 2 .   ? 6.496   -3.791  11.725  1.00   33.88 ? 2022 HOH A O   1 
HETATM 1079 O O   . HOH B 2 .   ? -7.103  -7.940  -14.156 1.00   38.14 ? 2023 HOH A O   1 
HETATM 1080 O O   . HOH B 2 .   ? -9.019  -5.481  -9.006  1.00   26.96 ? 2024 HOH A O   1 
HETATM 1081 O O   . HOH B 2 .   ? -5.172  -11.599 -8.094  1.00   18.57 ? 2025 HOH A O   1 
HETATM 1082 O O   . HOH B 2 .   ? -3.380  -12.951 -9.866  1.00   33.90 ? 2026 HOH A O   1 
HETATM 1083 O O   . HOH B 2 .   ? -8.057  -8.294  -10.956 1.00   33.75 ? 2027 HOH A O   1 
HETATM 1084 O O   . HOH B 2 .   ? 11.094  -3.425  -8.511  1.00   20.30 ? 2028 HOH A O   1 
HETATM 1085 O O   . HOH B 2 .   ? -13.664 -8.991  -0.210  1.00   12.64 ? 2029 HOH A O   1 
HETATM 1086 O O   . HOH B 2 .   ? -10.190 -16.405 -1.203  1.00   23.21 ? 2030 HOH A O   1 
HETATM 1087 O O   . HOH B 2 .   ? -2.884  -14.081 -7.554  1.00   41.17 ? 2031 HOH A O   1 
HETATM 1088 O O   . HOH B 2 .   ? -8.666  -13.114 6.556   1.00   32.45 ? 2032 HOH A O   1 
HETATM 1089 O O   . HOH B 2 .   ? -12.931 9.342   -2.574  1.00   23.20 ? 2033 HOH A O   1 
HETATM 1090 O O   . HOH B 2 .   ? -15.258 4.331   5.730   1.00   40.66 ? 2034 HOH A O   1 
HETATM 1091 O O   . HOH B 2 .   ? -14.397 -9.568  6.985   1.00   29.37 ? 2035 HOH A O   1 
HETATM 1092 O O   . HOH B 2 .   ? -11.029 -7.914  6.427   1.00   22.24 ? 2036 HOH A O   1 
HETATM 1093 O O   . HOH B 2 .   ? -15.267 -11.334 0.238   1.00   14.30 ? 2037 HOH A O   1 
HETATM 1094 O O   . HOH B 2 .   ? -11.230 -2.259  4.896   1.00   46.89 ? 2038 HOH A O   1 
HETATM 1095 O O   . HOH B 2 .   ? -12.799 -6.434  0.541   1.00   13.06 ? 2039 HOH A O   1 
HETATM 1096 O O   . HOH B 2 .   ? -6.035  14.082  -0.083  1.00   41.87 ? 2040 HOH A O   1 
HETATM 1097 O O   . HOH B 2 .   ? -14.628 -3.064  1.846   1.00   22.31 ? 2041 HOH A O   1 
HETATM 1098 O O   . HOH B 2 .   ? -1.504  16.146  -1.716  1.00   34.70 ? 2042 HOH A O   1 
HETATM 1099 O O   . HOH B 2 .   ? -7.272  1.153   0.024   1.00   10.15 ? 2043 HOH A O   1 
HETATM 1100 O O   . HOH B 2 .   ? -1.270  -0.848  0.382   1.00   72.80 ? 2044 HOH A O   1 
HETATM 1101 O O   . HOH B 2 .   ? -2.567  2.125   6.966   1.00   25.52 ? 2045 HOH A O   1 
HETATM 1102 O O   . HOH B 2 .   ? 2.990   19.013  -8.295  1.00   43.34 ? 2046 HOH A O   1 
HETATM 1103 O O   . HOH B 2 .   ? -11.474 6.236   7.956   1.00   42.37 ? 2047 HOH A O   1 
HETATM 1104 O O   . HOH B 2 .   ? -7.597  9.120   5.810   1.00   61.72 ? 2048 HOH A O   1 
HETATM 1105 O O   . HOH B 2 .   ? -9.264  2.632   13.058  1.00   37.93 ? 2049 HOH A O   1 
HETATM 1106 O O   . HOH B 2 .   ? -0.155  4.285   -17.534 1.00   34.14 ? 2050 HOH A O   1 
HETATM 1107 O O   . HOH B 2 .   ? -3.730  7.302   12.929  1.00   30.78 ? 2051 HOH A O   1 
HETATM 1108 O O   . HOH B 2 .   ? 15.590  10.341  -4.870  1.00   30.46 ? 2052 HOH A O   1 
HETATM 1109 O O   . HOH B 2 .   ? 4.411   9.703   8.220   1.00   22.88 ? 2053 HOH A O   1 
HETATM 1110 O O   . HOH B 2 .   ? -1.422  12.563  9.895   1.00   16.33 ? 2054 HOH A O   1 
HETATM 1111 O O   . HOH B 2 .   ? 13.836  6.033   7.276   1.00   15.35 ? 2055 HOH A O   1 
HETATM 1112 O O   . HOH B 2 .   ? 3.030   5.360   14.137  1.00   20.93 ? 2056 HOH A O   1 
HETATM 1113 O O   . HOH B 2 .   ? 2.586   0.094   2.816   1.00   57.53 ? 2057 HOH A O   1 
HETATM 1114 O O   . HOH B 2 .   ? -0.707  1.437   8.661   1.00   16.97 ? 2058 HOH A O   1 
HETATM 1115 O O   . HOH B 2 .   ? -6.001  6.171   11.936  1.00   39.67 ? 2059 HOH A O   1 
HETATM 1116 O O   . HOH B 2 .   ? 6.617   6.463   6.917   1.00   24.65 ? 2060 HOH A O   1 
HETATM 1117 O O   . HOH B 2 .   ? 7.759   10.284  10.013  1.00   22.53 ? 2061 HOH A O   1 
HETATM 1118 O O   . HOH B 2 .   ? 6.560   -2.666  -16.180 1.00   43.77 ? 2062 HOH A O   1 
HETATM 1119 O O   . HOH B 2 .   ? 4.784   -1.707  11.749  1.00   23.90 ? 2063 HOH A O   1 
HETATM 1120 O O   . HOH B 2 .   ? 9.829   2.924   14.497  1.00   23.41 ? 2064 HOH A O   1 
HETATM 1121 O O   . HOH B 2 .   ? 5.511   4.483   14.603  1.00   26.90 ? 2065 HOH A O   1 
HETATM 1122 O O   . HOH B 2 .   ? 9.051   -5.529  9.086   1.00   30.53 ? 2066 HOH A O   1 
HETATM 1123 O O   . HOH B 2 .   ? 14.916  0.388   2.006   1.00   11.72 ? 2067 HOH A O   1 
HETATM 1124 O O   . HOH B 2 .   ? 14.759  2.313   3.696   1.00   71.68 ? 2068 HOH A O   1 
HETATM 1125 O O   . HOH B 2 .   ? 16.572  2.304   8.849   1.00   16.59 ? 2069 HOH A O   1 
HETATM 1126 O O   . HOH B 2 .   ? 15.233  2.032   13.184  1.00   21.92 ? 2070 HOH A O   1 
HETATM 1127 O O   . HOH B 2 .   ? 11.357  -2.123  11.479  1.00   30.68 ? 2071 HOH A O   1 
HETATM 1128 O O   . HOH B 2 .   ? 7.585   -6.796  5.681   1.00   28.56 ? 2072 HOH A O   1 
HETATM 1129 O O   . HOH B 2 .   ? 10.710  -9.824  0.921   1.00   26.97 ? 2073 HOH A O   1 
HETATM 1130 O O   . HOH B 2 .   ? 13.809  -1.372  0.255   1.00   11.44 ? 2074 HOH A O   1 
HETATM 1131 O O   . HOH B 2 .   ? 12.140  -4.967  -6.722  1.00   20.54 ? 2075 HOH A O   1 
HETATM 1132 O O   . HOH B 2 .   ? 9.824   -6.625  -2.331  1.00   11.90 ? 2076 HOH A O   1 
HETATM 1133 O O   . HOH B 2 .   ? 11.014  -9.025  -1.582  1.00   17.90 ? 2077 HOH A O   1 
HETATM 1134 O O   . HOH B 2 .   ? 13.952  -8.090  1.594   1.00   15.74 ? 2078 HOH A O   1 
HETATM 1135 O O   . HOH B 2 .   ? 8.127   -4.260  -6.046  1.00   11.88 ? 2079 HOH A O   1 
HETATM 1136 O O   . HOH B 2 .   ? 9.589   -2.693  -12.196 1.00   25.36 ? 2080 HOH A O   1 
HETATM 1137 O O   . HOH B 2 .   ? 10.799  -0.970  -7.363  1.00   21.68 ? 2081 HOH A O   1 
HETATM 1138 O O   . HOH B 2 .   ? 9.091   3.746   -7.732  1.00   34.26 ? 2082 HOH A O   1 
HETATM 1139 O O   . HOH B 2 .   ? -6.958  1.212   -11.688 1.00   21.57 ? 2083 HOH A O   1 
HETATM 1140 O O   . HOH B 2 .   ? -14.485 6.849   -13.009 1.00   25.93 ? 2084 HOH A O   1 
HETATM 1141 O O   . HOH B 2 .   ? -11.792 8.875   -8.183  1.00   27.48 ? 2085 HOH A O   1 
HETATM 1142 O O   . HOH B 2 .   ? -7.170  13.463  -6.434  1.00   29.18 ? 2086 HOH A O   1 
HETATM 1143 O O   . HOH B 2 .   ? -7.806  12.100  -3.453  1.00   32.28 ? 2087 HOH A O   1 
HETATM 1144 O O   . HOH B 2 .   ? -11.756 10.905  -4.443  1.00   22.14 ? 2088 HOH A O   1 
HETATM 1145 O O   . HOH B 2 .   ? -16.347 4.487   -5.022  1.00   14.92 ? 2089 HOH A O   1 
HETATM 1146 O O   . HOH B 2 .   ? -12.891 5.319   -1.434  1.00   19.13 ? 2090 HOH A O   1 
HETATM 1147 O O   . HOH B 2 .   ? -10.392 -0.148  5.564   1.00   22.22 ? 2091 HOH A O   1 
HETATM 1148 O O   . HOH B 2 .   ? -7.182  -0.164  3.871   1.00   15.97 ? 2092 HOH A O   1 
HETATM 1149 O O   . HOH B 2 .   ? -8.481  2.519   6.158   1.00   28.21 ? 2093 HOH A O   1 
HETATM 1150 O O   . HOH B 2 .   ? -12.971 -1.197  3.608   1.00   28.79 ? 2094 HOH A O   1 
HETATM 1151 O O   . HOH B 2 .   ? -14.544 2.136   4.207   1.00   27.14 ? 2095 HOH A O   1 
HETATM 1152 O O   . HOH B 2 .   ? -10.972 8.073   -1.253  1.00   18.11 ? 2096 HOH A O   1 
HETATM 1153 O O   . HOH B 2 .   ? -8.775  7.785   3.943   1.00   28.86 ? 2097 HOH A O   1 
HETATM 1154 O O   . HOH B 2 .   ? -13.875 7.894   5.412   1.00   29.54 ? 2098 HOH A O   1 
HETATM 1155 O O   . HOH B 2 .   ? -11.820 12.754  5.564   1.00   32.00 ? 2099 HOH A O   1 
HETATM 1156 O O   . HOH B 2 .   ? -11.962 14.422  2.091   1.00   25.26 ? 2100 HOH A O   1 
HETATM 1157 O O   . HOH B 2 .   ? -9.144  15.209  11.564  1.00   25.33 ? 2101 HOH A O   1 
HETATM 1158 O O   . HOH B 2 .   ? -6.167  10.967  1.028   1.00   18.66 ? 2102 HOH A O   1 
HETATM 1159 O O   . HOH B 2 .   ? -5.490  13.956  2.341   1.00   43.24 ? 2103 HOH A O   1 
HETATM 1160 O O   . HOH B 2 .   ? -6.351  9.214   3.579   1.00   15.57 ? 2104 HOH A O   1 
HETATM 1161 O O   . HOH B 2 .   ? 7.237   12.641  2.614   1.00   22.17 ? 2105 HOH A O   1 
HETATM 1162 O O   . HOH B 2 .   ? 4.513   14.350  0.663   1.00   18.72 ? 2106 HOH A O   1 
HETATM 1163 O O   . HOH B 2 .   ? -4.187  12.579  -3.336  1.00   39.60 ? 2107 HOH A O   1 
HETATM 1164 O O   . HOH B 2 .   ? 0.784   14.763  -0.678  1.00   17.17 ? 2108 HOH A O   1 
HETATM 1165 O O   . HOH B 2 .   ? 12.849  12.977  -7.201  1.00   30.32 ? 2109 HOH A O   1 
HETATM 1166 O O   . HOH B 2 .   ? 11.648  15.883  -3.543  1.00   38.00 ? 2110 HOH A O   1 
HETATM 1167 O O   . HOH B 2 .   ? 6.989   20.405  -6.347  1.00   45.88 ? 2111 HOH A O   1 
HETATM 1168 O O   . HOH B 2 .   ? 10.566  19.082  -5.803  1.00   42.06 ? 2112 HOH A O   1 
HETATM 1169 O O   . HOH B 2 .   ? 6.790   22.459  2.996   1.00   23.45 ? 2113 HOH A O   1 
HETATM 1170 O O   . HOH B 2 .   ? 8.515   14.608  -1.079  1.00   15.68 ? 2114 HOH A O   1 
HETATM 1171 O O   . HOH B 2 .   ? 8.630   21.055  -1.530  1.00   34.30 ? 2115 HOH A O   1 
HETATM 1172 O O   . HOH B 2 .   ? 10.440  12.591  -9.291  1.00   34.31 ? 2116 HOH A O   1 
HETATM 1173 O O   . HOH B 2 .   ? 8.743   19.238  -9.763  1.00   30.01 ? 2117 HOH A O   1 
HETATM 1174 O O   . HOH B 2 .   ? 9.419   16.636  -11.842 1.00   33.74 ? 2118 HOH A O   1 
HETATM 1175 O O   . HOH B 2 .   ? 0.072   18.556  -7.194  1.00   39.76 ? 2119 HOH A O   1 
HETATM 1176 O O   . HOH B 2 .   ? 2.272   17.874  -1.563  1.00   28.18 ? 2120 HOH A O   1 
HETATM 1177 O O   . HOH B 2 .   ? -2.952  10.011  -13.358 1.00   36.80 ? 2121 HOH A O   1 
HETATM 1178 O O   . HOH B 2 .   ? -1.335  8.638   -16.389 1.00   44.28 ? 2122 HOH A O   1 
HETATM 1179 O O   . HOH B 2 .   ? -2.122  3.587   -15.482 1.00   12.62 ? 2123 HOH A O   1 
HETATM 1180 O O   . HOH B 2 .   ? 6.498   4.612   -6.698  1.00   24.11 ? 2124 HOH A O   1 
HETATM 1181 O O   . HOH B 2 .   ? 8.433   6.384   -7.930  1.00   17.13 ? 2125 HOH A O   1 
HETATM 1182 O O   . HOH B 2 .   ? 13.763  10.218  -7.097  1.00   30.08 ? 2126 HOH A O   1 
HETATM 1183 O O   . HOH B 2 .   ? 15.331  3.020   1.294   1.00   18.78 ? 2127 HOH A O   1 
HETATM 1184 O O   . HOH B 2 .   ? 14.936  -1.245  -2.316  1.00   14.30 ? 2128 HOH A O   1 
HETATM 1185 O O   . HOH B 2 .   ? 12.928  0.945   -7.016  1.00   28.51 ? 2129 HOH A O   1 
HETATM 1186 O O   . HOH B 2 .   ? 10.459  3.261   -5.515  1.00   21.97 ? 2130 HOH A O   1 
HETATM 1187 O O   . HOH B 2 .   ? 15.651  9.538   1.467   1.00   15.79 ? 2131 HOH A O   1 
HETATM 1188 O O   . HOH B 2 .   ? 11.043  5.565   -8.655  1.00   28.79 ? 2132 HOH A O   1 
HETATM 1189 O O   . HOH B 2 .   ? 12.992  8.282   5.269   1.00   22.55 ? 2133 HOH A O   1 
HETATM 1190 O O   . HOH B 2 .   ? 14.484  11.291  -2.606  1.00   20.02 ? 2134 HOH A O   1 
HETATM 1191 O O   . HOH B 2 .   ? 9.615   6.933   0.184   1.00   10.32 ? 2135 HOH A O   1 
HETATM 1192 O O   . HOH B 2 .   ? 11.214  4.936   6.909   1.00   13.71 ? 2136 HOH A O   1 
HETATM 1193 O O   . HOH B 2 .   ? 4.996   3.017   4.309   1.00   55.83 ? 2137 HOH A O   1 
HETATM 1194 O O   . HOH B 2 .   ? 9.657   11.301  1.903   1.00   16.25 ? 2138 HOH A O   1 
HETATM 1195 O O   . HOH B 2 .   ? 9.626   12.263  -0.663  1.00   16.43 ? 2139 HOH A O   1 
HETATM 1196 O O   . HOH B 2 .   ? 5.406   8.984   -11.099 1.00   21.47 ? 2140 HOH A O   1 
HETATM 1197 O O   . HOH B 2 .   ? 7.638   7.324   -10.427 1.00   23.72 ? 2141 HOH A O   1 
HETATM 1198 O O   . HOH B 2 .   ? -3.893  -3.004  -12.897 1.00   17.63 ? 2142 HOH A O   1 
HETATM 1199 O O   . HOH B 2 .   ? -1.296  0.843   -17.028 1.00   30.26 ? 2143 HOH A O   1 
HETATM 1200 O O   . HOH B 2 .   ? 3.753   -1.754  -17.209 1.00   35.69 ? 2144 HOH A O   1 
HETATM 1201 O O   . HOH B 2 .   ? 0.511   -6.386  -16.116 1.00   36.40 ? 2145 HOH A O   1 
HETATM 1202 O O   . HOH B 2 .   ? 8.768   -1.082  -14.295 1.00   27.88 ? 2146 HOH A O   1 
HETATM 1203 O O   . HOH B 2 .   ? 8.081   -4.970  -12.335 1.00   20.56 ? 2147 HOH A O   1 
HETATM 1204 O O   . HOH B 2 .   ? 6.149   -4.764  -14.626 1.00   23.05 ? 2148 HOH A O   1 
HETATM 1205 O O   . HOH B 2 .   ? 8.647   -4.298  -8.751  1.00   20.05 ? 2149 HOH A O   1 
HETATM 1206 O O   . HOH B 2 .   ? -8.720  -2.342  3.954   1.00   14.48 ? 2150 HOH A O   1 
HETATM 1207 O O   . HOH B 2 .   ? -5.998  3.754   6.141   1.00   47.47 ? 2151 HOH A O   1 
HETATM 1208 O O   . HOH B 2 .   ? -8.654  -7.656  10.606  1.00   30.65 ? 2152 HOH A O   1 
HETATM 1209 O O   . HOH B 2 .   ? -15.436 -6.125  13.572  1.00   30.29 ? 2153 HOH A O   1 
# 
